data_6G8T
# 
_entry.id   6G8T 
# 
_audit_conform.dict_name       mmcif_pdbx.dic 
_audit_conform.dict_version    5.383 
_audit_conform.dict_location   http://mmcif.pdb.org/dictionaries/ascii/mmcif_pdbx.dic 
# 
loop_
_database_2.database_id 
_database_2.database_code 
_database_2.pdbx_database_accession 
_database_2.pdbx_DOI 
PDB   6G8T         pdb_00006g8t 10.2210/pdb6g8t/pdb 
WWPDB D_1200009591 ?            ?                   
# 
loop_
_pdbx_audit_revision_history.ordinal 
_pdbx_audit_revision_history.data_content_type 
_pdbx_audit_revision_history.major_revision 
_pdbx_audit_revision_history.minor_revision 
_pdbx_audit_revision_history.revision_date 
1 'Structure model' 1 0 2019-04-24 
2 'Structure model' 1 1 2020-05-06 
3 'Structure model' 1 2 2024-01-17 
# 
_pdbx_audit_revision_details.ordinal             1 
_pdbx_audit_revision_details.revision_ordinal    1 
_pdbx_audit_revision_details.data_content_type   'Structure model' 
_pdbx_audit_revision_details.provider            repository 
_pdbx_audit_revision_details.type                'Initial release' 
_pdbx_audit_revision_details.description         ? 
_pdbx_audit_revision_details.details             ? 
# 
loop_
_pdbx_audit_revision_group.ordinal 
_pdbx_audit_revision_group.revision_ordinal 
_pdbx_audit_revision_group.data_content_type 
_pdbx_audit_revision_group.group 
1 2 'Structure model' 'Database references'    
2 3 'Structure model' 'Data collection'        
3 3 'Structure model' 'Database references'    
4 3 'Structure model' 'Refinement description' 
# 
loop_
_pdbx_audit_revision_category.ordinal 
_pdbx_audit_revision_category.revision_ordinal 
_pdbx_audit_revision_category.data_content_type 
_pdbx_audit_revision_category.category 
1 2 'Structure model' citation                      
2 3 'Structure model' chem_comp_atom                
3 3 'Structure model' chem_comp_bond                
4 3 'Structure model' database_2                    
5 3 'Structure model' pdbx_initial_refinement_model 
# 
loop_
_pdbx_audit_revision_item.ordinal 
_pdbx_audit_revision_item.revision_ordinal 
_pdbx_audit_revision_item.data_content_type 
_pdbx_audit_revision_item.item 
1 2 'Structure model' '_citation.country'                   
2 2 'Structure model' '_citation.journal_abbrev'            
3 2 'Structure model' '_citation.journal_id_CSD'            
4 2 'Structure model' '_citation.journal_id_ISSN'           
5 2 'Structure model' '_citation.pdbx_database_id_DOI'      
6 2 'Structure model' '_citation.year'                      
7 3 'Structure model' '_database_2.pdbx_DOI'                
8 3 'Structure model' '_database_2.pdbx_database_accession' 
# 
_pdbx_database_status.status_code                     REL 
_pdbx_database_status.status_code_sf                  REL 
_pdbx_database_status.status_code_mr                  ? 
_pdbx_database_status.entry_id                        6G8T 
_pdbx_database_status.recvd_initial_deposition_date   2018-04-10 
_pdbx_database_status.SG_entry                        N 
_pdbx_database_status.deposit_site                    PDBE 
_pdbx_database_status.process_site                    PDBE 
_pdbx_database_status.status_code_cs                  ? 
_pdbx_database_status.methods_development_category    ? 
_pdbx_database_status.pdb_format_compatible           Y 
_pdbx_database_status.status_code_nmr_data            ? 
# 
loop_
_audit_author.name 
_audit_author.pdbx_ordinal 
_audit_author.identifier_ORCID 
'Jurk, C.M.'    1 ? 
'Roske, Y.'     2 ? 
'Heinemann, U.' 3 ? 
# 
_citation.abstract                  ? 
_citation.abstract_id_CAS           ? 
_citation.book_id_ISBN              ? 
_citation.book_publisher            ? 
_citation.book_publisher_city       ? 
_citation.book_title                ? 
_citation.coordinate_linkage        ? 
_citation.country                   HRV 
_citation.database_id_Medline       ? 
_citation.details                   ? 
_citation.id                        primary 
_citation.journal_abbrev            'Croatica Chemica Acta' 
_citation.journal_id_ASTM           ? 
_citation.journal_id_CSD            ? 
_citation.journal_id_ISSN           0011-1643 
_citation.journal_full              ? 
_citation.journal_issue             ? 
_citation.journal_volume            ? 
_citation.language                  ? 
_citation.page_first                ? 
_citation.page_last                 ? 
_citation.title                     
'Crystal Structures of the Single PDZ Domains from GRASP65 and their Interaction with the Golgin GM130' 
_citation.year                      2018 
_citation.database_id_CSD           ? 
_citation.pdbx_database_id_DOI      10.5562/cca3341 
_citation.pdbx_database_id_PubMed   ? 
_citation.unpublished_flag          ? 
# 
loop_
_citation_author.citation_id 
_citation_author.name 
_citation_author.ordinal 
_citation_author.identifier_ORCID 
primary 'Jurk, C.M.'    1 ? 
primary 'Roske, Y.'     2 ? 
primary 'Heinemann, U.' 3 ? 
# 
loop_
_entity.id 
_entity.type 
_entity.src_method 
_entity.pdbx_description 
_entity.formula_weight 
_entity.pdbx_number_of_molecules 
_entity.pdbx_ec 
_entity.pdbx_mutation 
_entity.pdbx_fragment 
_entity.details 
1 polymer     man 'Golgi reassembly-stacking protein 1' 13020.861 1  ? ? ? ? 
2 non-polymer syn GLYCEROL                              92.094    1  ? ? ? ? 
3 water       nat water                                 18.015    11 ? ? ? ? 
# 
_entity_name_com.entity_id   1 
_entity_name_com.name        
'Golgi peripheral membrane protein p65,Golgi phosphoprotein 5,GOLPH5,Golgi reassembly-stacking protein of 65 kDa,GRASP65' 
# 
_entity_poly.entity_id                      1 
_entity_poly.type                           'polypeptide(L)' 
_entity_poly.nstd_linkage                   no 
_entity_poly.nstd_monomer                   no 
_entity_poly.pdbx_seq_one_letter_code       
;MGLGVSAEQPAGGAEGFHLHGVQENSPAQQAGLEPYFDFIITIGHSRLNKENDTLKALLKANVEKPVKLEVFNMKTMRVR
EVEVVPSNMWGGQGLLGASVRFCSFRRASEQVWHVLDV
;
_entity_poly.pdbx_seq_one_letter_code_can   
;MGLGVSAEQPAGGAEGFHLHGVQENSPAQQAGLEPYFDFIITIGHSRLNKENDTLKALLKANVEKPVKLEVFNMKTMRVR
EVEVVPSNMWGGQGLLGASVRFCSFRRASEQVWHVLDV
;
_entity_poly.pdbx_strand_id                 A 
_entity_poly.pdbx_target_identifier         ? 
# 
loop_
_pdbx_entity_nonpoly.entity_id 
_pdbx_entity_nonpoly.name 
_pdbx_entity_nonpoly.comp_id 
2 GLYCEROL GOL 
3 water    HOH 
# 
loop_
_entity_poly_seq.entity_id 
_entity_poly_seq.num 
_entity_poly_seq.mon_id 
_entity_poly_seq.hetero 
1 1   MET n 
1 2   GLY n 
1 3   LEU n 
1 4   GLY n 
1 5   VAL n 
1 6   SER n 
1 7   ALA n 
1 8   GLU n 
1 9   GLN n 
1 10  PRO n 
1 11  ALA n 
1 12  GLY n 
1 13  GLY n 
1 14  ALA n 
1 15  GLU n 
1 16  GLY n 
1 17  PHE n 
1 18  HIS n 
1 19  LEU n 
1 20  HIS n 
1 21  GLY n 
1 22  VAL n 
1 23  GLN n 
1 24  GLU n 
1 25  ASN n 
1 26  SER n 
1 27  PRO n 
1 28  ALA n 
1 29  GLN n 
1 30  GLN n 
1 31  ALA n 
1 32  GLY n 
1 33  LEU n 
1 34  GLU n 
1 35  PRO n 
1 36  TYR n 
1 37  PHE n 
1 38  ASP n 
1 39  PHE n 
1 40  ILE n 
1 41  ILE n 
1 42  THR n 
1 43  ILE n 
1 44  GLY n 
1 45  HIS n 
1 46  SER n 
1 47  ARG n 
1 48  LEU n 
1 49  ASN n 
1 50  LYS n 
1 51  GLU n 
1 52  ASN n 
1 53  ASP n 
1 54  THR n 
1 55  LEU n 
1 56  LYS n 
1 57  ALA n 
1 58  LEU n 
1 59  LEU n 
1 60  LYS n 
1 61  ALA n 
1 62  ASN n 
1 63  VAL n 
1 64  GLU n 
1 65  LYS n 
1 66  PRO n 
1 67  VAL n 
1 68  LYS n 
1 69  LEU n 
1 70  GLU n 
1 71  VAL n 
1 72  PHE n 
1 73  ASN n 
1 74  MET n 
1 75  LYS n 
1 76  THR n 
1 77  MET n 
1 78  ARG n 
1 79  VAL n 
1 80  ARG n 
1 81  GLU n 
1 82  VAL n 
1 83  GLU n 
1 84  VAL n 
1 85  VAL n 
1 86  PRO n 
1 87  SER n 
1 88  ASN n 
1 89  MET n 
1 90  TRP n 
1 91  GLY n 
1 92  GLY n 
1 93  GLN n 
1 94  GLY n 
1 95  LEU n 
1 96  LEU n 
1 97  GLY n 
1 98  ALA n 
1 99  SER n 
1 100 VAL n 
1 101 ARG n 
1 102 PHE n 
1 103 CYS n 
1 104 SER n 
1 105 PHE n 
1 106 ARG n 
1 107 ARG n 
1 108 ALA n 
1 109 SER n 
1 110 GLU n 
1 111 GLN n 
1 112 VAL n 
1 113 TRP n 
1 114 HIS n 
1 115 VAL n 
1 116 LEU n 
1 117 ASP n 
1 118 VAL n 
# 
_entity_src_gen.entity_id                          1 
_entity_src_gen.pdbx_src_id                        1 
_entity_src_gen.pdbx_alt_source_flag               sample 
_entity_src_gen.pdbx_seq_type                      'Biological sequence' 
_entity_src_gen.pdbx_beg_seq_num                   1 
_entity_src_gen.pdbx_end_seq_num                   118 
_entity_src_gen.gene_src_common_name               Human 
_entity_src_gen.gene_src_genus                     ? 
_entity_src_gen.pdbx_gene_src_gene                 'GORASP1, GOLPH5, GRASP65' 
_entity_src_gen.gene_src_species                   ? 
_entity_src_gen.gene_src_strain                    ? 
_entity_src_gen.gene_src_tissue                    ? 
_entity_src_gen.gene_src_tissue_fraction           ? 
_entity_src_gen.gene_src_details                   ? 
_entity_src_gen.pdbx_gene_src_fragment             ? 
_entity_src_gen.pdbx_gene_src_scientific_name      'Homo sapiens' 
_entity_src_gen.pdbx_gene_src_ncbi_taxonomy_id     9606 
_entity_src_gen.pdbx_gene_src_variant              ? 
_entity_src_gen.pdbx_gene_src_cell_line            ? 
_entity_src_gen.pdbx_gene_src_atcc                 ? 
_entity_src_gen.pdbx_gene_src_organ                ? 
_entity_src_gen.pdbx_gene_src_organelle            ? 
_entity_src_gen.pdbx_gene_src_cell                 ? 
_entity_src_gen.pdbx_gene_src_cellular_location    ? 
_entity_src_gen.host_org_common_name               ? 
_entity_src_gen.pdbx_host_org_scientific_name      'Escherichia coli' 
_entity_src_gen.pdbx_host_org_ncbi_taxonomy_id     562 
_entity_src_gen.host_org_genus                     ? 
_entity_src_gen.pdbx_host_org_gene                 ? 
_entity_src_gen.pdbx_host_org_organ                ? 
_entity_src_gen.host_org_species                   ? 
_entity_src_gen.pdbx_host_org_tissue               ? 
_entity_src_gen.pdbx_host_org_tissue_fraction      ? 
_entity_src_gen.pdbx_host_org_strain               ? 
_entity_src_gen.pdbx_host_org_variant              ? 
_entity_src_gen.pdbx_host_org_cell_line            ? 
_entity_src_gen.pdbx_host_org_atcc                 ? 
_entity_src_gen.pdbx_host_org_culture_collection   ? 
_entity_src_gen.pdbx_host_org_cell                 ? 
_entity_src_gen.pdbx_host_org_organelle            ? 
_entity_src_gen.pdbx_host_org_cellular_location    ? 
_entity_src_gen.pdbx_host_org_vector_type          ? 
_entity_src_gen.pdbx_host_org_vector               ? 
_entity_src_gen.host_org_details                   ? 
_entity_src_gen.expression_system_id               ? 
_entity_src_gen.plasmid_name                       ? 
_entity_src_gen.plasmid_details                    ? 
_entity_src_gen.pdbx_description                   ? 
# 
loop_
_chem_comp.id 
_chem_comp.type 
_chem_comp.mon_nstd_flag 
_chem_comp.name 
_chem_comp.pdbx_synonyms 
_chem_comp.formula 
_chem_comp.formula_weight 
ALA 'L-peptide linking' y ALANINE         ?                               'C3 H7 N O2'     89.093  
ARG 'L-peptide linking' y ARGININE        ?                               'C6 H15 N4 O2 1' 175.209 
ASN 'L-peptide linking' y ASPARAGINE      ?                               'C4 H8 N2 O3'    132.118 
ASP 'L-peptide linking' y 'ASPARTIC ACID' ?                               'C4 H7 N O4'     133.103 
CYS 'L-peptide linking' y CYSTEINE        ?                               'C3 H7 N O2 S'   121.158 
GLN 'L-peptide linking' y GLUTAMINE       ?                               'C5 H10 N2 O3'   146.144 
GLU 'L-peptide linking' y 'GLUTAMIC ACID' ?                               'C5 H9 N O4'     147.129 
GLY 'peptide linking'   y GLYCINE         ?                               'C2 H5 N O2'     75.067  
GOL non-polymer         . GLYCEROL        'GLYCERIN; PROPANE-1,2,3-TRIOL' 'C3 H8 O3'       92.094  
HIS 'L-peptide linking' y HISTIDINE       ?                               'C6 H10 N3 O2 1' 156.162 
HOH non-polymer         . WATER           ?                               'H2 O'           18.015  
ILE 'L-peptide linking' y ISOLEUCINE      ?                               'C6 H13 N O2'    131.173 
LEU 'L-peptide linking' y LEUCINE         ?                               'C6 H13 N O2'    131.173 
LYS 'L-peptide linking' y LYSINE          ?                               'C6 H15 N2 O2 1' 147.195 
MET 'L-peptide linking' y METHIONINE      ?                               'C5 H11 N O2 S'  149.211 
PHE 'L-peptide linking' y PHENYLALANINE   ?                               'C9 H11 N O2'    165.189 
PRO 'L-peptide linking' y PROLINE         ?                               'C5 H9 N O2'     115.130 
SER 'L-peptide linking' y SERINE          ?                               'C3 H7 N O3'     105.093 
THR 'L-peptide linking' y THREONINE       ?                               'C4 H9 N O3'     119.119 
TRP 'L-peptide linking' y TRYPTOPHAN      ?                               'C11 H12 N2 O2'  204.225 
TYR 'L-peptide linking' y TYROSINE        ?                               'C9 H11 N O3'    181.189 
VAL 'L-peptide linking' y VALINE          ?                               'C5 H11 N O2'    117.146 
# 
loop_
_pdbx_poly_seq_scheme.asym_id 
_pdbx_poly_seq_scheme.entity_id 
_pdbx_poly_seq_scheme.seq_id 
_pdbx_poly_seq_scheme.mon_id 
_pdbx_poly_seq_scheme.ndb_seq_num 
_pdbx_poly_seq_scheme.pdb_seq_num 
_pdbx_poly_seq_scheme.auth_seq_num 
_pdbx_poly_seq_scheme.pdb_mon_id 
_pdbx_poly_seq_scheme.auth_mon_id 
_pdbx_poly_seq_scheme.pdb_strand_id 
_pdbx_poly_seq_scheme.pdb_ins_code 
_pdbx_poly_seq_scheme.hetero 
A 1 1   MET 1   1   ?   ?   ?   A . n 
A 1 2   GLY 2   2   ?   ?   ?   A . n 
A 1 3   LEU 3   3   ?   ?   ?   A . n 
A 1 4   GLY 4   4   ?   ?   ?   A . n 
A 1 5   VAL 5   5   ?   ?   ?   A . n 
A 1 6   SER 6   6   ?   ?   ?   A . n 
A 1 7   ALA 7   7   ?   ?   ?   A . n 
A 1 8   GLU 8   8   ?   ?   ?   A . n 
A 1 9   GLN 9   9   ?   ?   ?   A . n 
A 1 10  PRO 10  10  ?   ?   ?   A . n 
A 1 11  ALA 11  11  ?   ?   ?   A . n 
A 1 12  GLY 12  12  ?   ?   ?   A . n 
A 1 13  GLY 13  13  13  GLY GLY A . n 
A 1 14  ALA 14  14  14  ALA ALA A . n 
A 1 15  GLU 15  15  15  GLU GLU A . n 
A 1 16  GLY 16  16  16  GLY GLY A . n 
A 1 17  PHE 17  17  17  PHE PHE A . n 
A 1 18  HIS 18  18  18  HIS HIS A . n 
A 1 19  LEU 19  19  19  LEU LEU A . n 
A 1 20  HIS 20  20  20  HIS HIS A . n 
A 1 21  GLY 21  21  21  GLY GLY A . n 
A 1 22  VAL 22  22  22  VAL VAL A . n 
A 1 23  GLN 23  23  23  GLN GLN A . n 
A 1 24  GLU 24  24  24  GLU GLU A . n 
A 1 25  ASN 25  25  25  ASN ASN A . n 
A 1 26  SER 26  26  26  SER SER A . n 
A 1 27  PRO 27  27  27  PRO PRO A . n 
A 1 28  ALA 28  28  28  ALA ALA A . n 
A 1 29  GLN 29  29  29  GLN GLN A . n 
A 1 30  GLN 30  30  30  GLN GLN A . n 
A 1 31  ALA 31  31  31  ALA ALA A . n 
A 1 32  GLY 32  32  32  GLY GLY A . n 
A 1 33  LEU 33  33  33  LEU LEU A . n 
A 1 34  GLU 34  34  34  GLU GLU A . n 
A 1 35  PRO 35  35  35  PRO PRO A . n 
A 1 36  TYR 36  36  36  TYR TYR A . n 
A 1 37  PHE 37  37  37  PHE PHE A . n 
A 1 38  ASP 38  38  38  ASP ASP A . n 
A 1 39  PHE 39  39  39  PHE PHE A . n 
A 1 40  ILE 40  40  40  ILE ILE A . n 
A 1 41  ILE 41  41  41  ILE ILE A . n 
A 1 42  THR 42  42  42  THR THR A . n 
A 1 43  ILE 43  43  43  ILE ILE A . n 
A 1 44  GLY 44  44  44  GLY GLY A . n 
A 1 45  HIS 45  45  45  HIS HIS A . n 
A 1 46  SER 46  46  46  SER SER A . n 
A 1 47  ARG 47  47  47  ARG ARG A . n 
A 1 48  LEU 48  48  48  LEU LEU A . n 
A 1 49  ASN 49  49  49  ASN ASN A . n 
A 1 50  LYS 50  50  50  LYS LYS A . n 
A 1 51  GLU 51  51  51  GLU GLU A . n 
A 1 52  ASN 52  52  52  ASN ASN A . n 
A 1 53  ASP 53  53  53  ASP ASP A . n 
A 1 54  THR 54  54  54  THR THR A . n 
A 1 55  LEU 55  55  55  LEU LEU A . n 
A 1 56  LYS 56  56  56  LYS LYS A . n 
A 1 57  ALA 57  57  57  ALA ALA A . n 
A 1 58  LEU 58  58  58  LEU LEU A . n 
A 1 59  LEU 59  59  59  LEU LEU A . n 
A 1 60  LYS 60  60  60  LYS LYS A . n 
A 1 61  ALA 61  61  61  ALA ALA A . n 
A 1 62  ASN 62  62  62  ASN ASN A . n 
A 1 63  VAL 63  63  63  VAL VAL A . n 
A 1 64  GLU 64  64  64  GLU GLU A . n 
A 1 65  LYS 65  65  65  LYS LYS A . n 
A 1 66  PRO 66  66  66  PRO PRO A . n 
A 1 67  VAL 67  67  67  VAL VAL A . n 
A 1 68  LYS 68  68  68  LYS LYS A . n 
A 1 69  LEU 69  69  69  LEU LEU A . n 
A 1 70  GLU 70  70  70  GLU GLU A . n 
A 1 71  VAL 71  71  71  VAL VAL A . n 
A 1 72  PHE 72  72  72  PHE PHE A . n 
A 1 73  ASN 73  73  73  ASN ASN A . n 
A 1 74  MET 74  74  74  MET MET A . n 
A 1 75  LYS 75  75  75  LYS LYS A . n 
A 1 76  THR 76  76  76  THR THR A . n 
A 1 77  MET 77  77  77  MET MET A . n 
A 1 78  ARG 78  78  78  ARG ARG A . n 
A 1 79  VAL 79  79  79  VAL VAL A . n 
A 1 80  ARG 80  80  80  ARG ARG A . n 
A 1 81  GLU 81  81  81  GLU GLU A . n 
A 1 82  VAL 82  82  82  VAL VAL A . n 
A 1 83  GLU 83  83  83  GLU GLU A . n 
A 1 84  VAL 84  84  84  VAL VAL A . n 
A 1 85  VAL 85  85  85  VAL VAL A . n 
A 1 86  PRO 86  86  86  PRO PRO A . n 
A 1 87  SER 87  87  87  SER SER A . n 
A 1 88  ASN 88  88  88  ASN ASN A . n 
A 1 89  MET 89  89  89  MET MET A . n 
A 1 90  TRP 90  90  90  TRP TRP A . n 
A 1 91  GLY 91  91  91  GLY GLY A . n 
A 1 92  GLY 92  92  92  GLY GLY A . n 
A 1 93  GLN 93  93  93  GLN GLN A . n 
A 1 94  GLY 94  94  94  GLY GLY A . n 
A 1 95  LEU 95  95  95  LEU LEU A . n 
A 1 96  LEU 96  96  96  LEU LEU A . n 
A 1 97  GLY 97  97  97  GLY GLY A . n 
A 1 98  ALA 98  98  98  ALA ALA A . n 
A 1 99  SER 99  99  99  SER SER A . n 
A 1 100 VAL 100 100 100 VAL VAL A . n 
A 1 101 ARG 101 101 101 ARG ARG A . n 
A 1 102 PHE 102 102 102 PHE PHE A . n 
A 1 103 CYS 103 103 103 CYS CYS A . n 
A 1 104 SER 104 104 104 SER SER A . n 
A 1 105 PHE 105 105 105 PHE PHE A . n 
A 1 106 ARG 106 106 106 ARG ARG A . n 
A 1 107 ARG 107 107 107 ARG ARG A . n 
A 1 108 ALA 108 108 108 ALA ALA A . n 
A 1 109 SER 109 109 109 SER SER A . n 
A 1 110 GLU 110 110 110 GLU GLU A . n 
A 1 111 GLN 111 111 111 GLN GLN A . n 
A 1 112 VAL 112 112 112 VAL VAL A . n 
A 1 113 TRP 113 113 113 TRP TRP A . n 
A 1 114 HIS 114 114 114 HIS HIS A . n 
A 1 115 VAL 115 115 115 VAL VAL A . n 
A 1 116 LEU 116 116 116 LEU LEU A . n 
A 1 117 ASP 117 117 117 ASP ASP A . n 
A 1 118 VAL 118 118 118 VAL VAL A . n 
# 
loop_
_pdbx_nonpoly_scheme.asym_id 
_pdbx_nonpoly_scheme.entity_id 
_pdbx_nonpoly_scheme.mon_id 
_pdbx_nonpoly_scheme.ndb_seq_num 
_pdbx_nonpoly_scheme.pdb_seq_num 
_pdbx_nonpoly_scheme.auth_seq_num 
_pdbx_nonpoly_scheme.pdb_mon_id 
_pdbx_nonpoly_scheme.auth_mon_id 
_pdbx_nonpoly_scheme.pdb_strand_id 
_pdbx_nonpoly_scheme.pdb_ins_code 
B 2 GOL 1  201 1  GOL GOL A . 
C 3 HOH 1  301 1  HOH HOH A . 
C 3 HOH 2  302 3  HOH HOH A . 
C 3 HOH 3  303 7  HOH HOH A . 
C 3 HOH 4  304 4  HOH HOH A . 
C 3 HOH 5  305 2  HOH HOH A . 
C 3 HOH 6  306 9  HOH HOH A . 
C 3 HOH 7  307 11 HOH HOH A . 
C 3 HOH 8  308 6  HOH HOH A . 
C 3 HOH 9  309 12 HOH HOH A . 
C 3 HOH 10 310 5  HOH HOH A . 
C 3 HOH 11 311 10 HOH HOH A . 
# 
loop_
_software.citation_id 
_software.classification 
_software.compiler_name 
_software.compiler_version 
_software.contact_author 
_software.contact_author_email 
_software.date 
_software.description 
_software.dependencies 
_software.hardware 
_software.language 
_software.location 
_software.mods 
_software.name 
_software.os 
_software.os_version 
_software.type 
_software.version 
_software.pdbx_ordinal 
? refinement       ? ? ? ? ? ? ? ? ? ? ? REFMAC ? ? ? 5.8.0189 1 
? 'data reduction' ? ? ? ? ? ? ? ? ? ? ? XDS    ? ? ? .        2 
? 'data scaling'   ? ? ? ? ? ? ? ? ? ? ? XSCALE ? ? ? .        3 
? phasing          ? ? ? ? ? ? ? ? ? ? ? PHASER ? ? ? .        4 
# 
_cell.angle_alpha                  90.00 
_cell.angle_alpha_esd              ? 
_cell.angle_beta                   90.00 
_cell.angle_beta_esd               ? 
_cell.angle_gamma                  90.00 
_cell.angle_gamma_esd              ? 
_cell.entry_id                     6G8T 
_cell.details                      ? 
_cell.formula_units_Z              ? 
_cell.length_a                     46.377 
_cell.length_a_esd                 ? 
_cell.length_b                     63.163 
_cell.length_b_esd                 ? 
_cell.length_c                     80.805 
_cell.length_c_esd                 ? 
_cell.volume                       ? 
_cell.volume_esd                   ? 
_cell.Z_PDB                        8 
_cell.reciprocal_angle_alpha       ? 
_cell.reciprocal_angle_beta        ? 
_cell.reciprocal_angle_gamma       ? 
_cell.reciprocal_angle_alpha_esd   ? 
_cell.reciprocal_angle_beta_esd    ? 
_cell.reciprocal_angle_gamma_esd   ? 
_cell.reciprocal_length_a          ? 
_cell.reciprocal_length_b          ? 
_cell.reciprocal_length_c          ? 
_cell.reciprocal_length_a_esd      ? 
_cell.reciprocal_length_b_esd      ? 
_cell.reciprocal_length_c_esd      ? 
_cell.pdbx_unique_axis             ? 
# 
_symmetry.entry_id                         6G8T 
_symmetry.cell_setting                     ? 
_symmetry.Int_Tables_number                20 
_symmetry.space_group_name_Hall            ? 
_symmetry.space_group_name_H-M             'C 2 2 21' 
_symmetry.pdbx_full_space_group_name_H-M   ? 
# 
_exptl.absorpt_coefficient_mu     ? 
_exptl.absorpt_correction_T_max   ? 
_exptl.absorpt_correction_T_min   ? 
_exptl.absorpt_correction_type    ? 
_exptl.absorpt_process_details    ? 
_exptl.entry_id                   6G8T 
_exptl.crystals_number            1 
_exptl.details                    ? 
_exptl.method                     'X-RAY DIFFRACTION' 
_exptl.method_details             ? 
# 
_exptl_crystal.colour                      ? 
_exptl_crystal.density_diffrn              ? 
_exptl_crystal.density_Matthews            2.27 
_exptl_crystal.density_method              ? 
_exptl_crystal.density_percent_sol         45.87 
_exptl_crystal.description                 ? 
_exptl_crystal.F_000                       ? 
_exptl_crystal.id                          1 
_exptl_crystal.preparation                 ? 
_exptl_crystal.size_max                    ? 
_exptl_crystal.size_mid                    ? 
_exptl_crystal.size_min                    ? 
_exptl_crystal.size_rad                    ? 
_exptl_crystal.colour_lustre               ? 
_exptl_crystal.colour_modifier             ? 
_exptl_crystal.colour_primary              ? 
_exptl_crystal.density_meas                ? 
_exptl_crystal.density_meas_esd            ? 
_exptl_crystal.density_meas_gt             ? 
_exptl_crystal.density_meas_lt             ? 
_exptl_crystal.density_meas_temp           ? 
_exptl_crystal.density_meas_temp_esd       ? 
_exptl_crystal.density_meas_temp_gt        ? 
_exptl_crystal.density_meas_temp_lt        ? 
_exptl_crystal.pdbx_crystal_image_url      ? 
_exptl_crystal.pdbx_crystal_image_format   ? 
_exptl_crystal.pdbx_mosaicity              ? 
_exptl_crystal.pdbx_mosaicity_esd          ? 
# 
_exptl_crystal_grow.apparatus       ? 
_exptl_crystal_grow.atmosphere      ? 
_exptl_crystal_grow.crystal_id      1 
_exptl_crystal_grow.details         ? 
_exptl_crystal_grow.method          'VAPOR DIFFUSION, SITTING DROP' 
_exptl_crystal_grow.method_ref      ? 
_exptl_crystal_grow.pH              ? 
_exptl_crystal_grow.pressure        ? 
_exptl_crystal_grow.pressure_esd    ? 
_exptl_crystal_grow.seeding         ? 
_exptl_crystal_grow.seeding_ref     ? 
_exptl_crystal_grow.temp            293.15 
_exptl_crystal_grow.temp_details    ? 
_exptl_crystal_grow.temp_esd        ? 
_exptl_crystal_grow.time            ? 
_exptl_crystal_grow.pdbx_details    '24% PEG1500, 20% glycerol' 
_exptl_crystal_grow.pdbx_pH_range   ? 
# 
_diffrn.ambient_environment    ? 
_diffrn.ambient_temp           100 
_diffrn.ambient_temp_details   ? 
_diffrn.ambient_temp_esd       ? 
_diffrn.crystal_id             1 
_diffrn.crystal_support        ? 
_diffrn.crystal_treatment      ? 
_diffrn.details                ? 
_diffrn.id                     1 
_diffrn.ambient_pressure       ? 
_diffrn.ambient_pressure_esd   ? 
_diffrn.ambient_pressure_gt    ? 
_diffrn.ambient_pressure_lt    ? 
_diffrn.ambient_temp_gt        ? 
_diffrn.ambient_temp_lt        ? 
# 
_diffrn_detector.details                      ? 
_diffrn_detector.detector                     PIXEL 
_diffrn_detector.diffrn_id                    1 
_diffrn_detector.type                         'DECTRIS PILATUS3 6M' 
_diffrn_detector.area_resol_mean              ? 
_diffrn_detector.dtime                        ? 
_diffrn_detector.pdbx_frames_total            ? 
_diffrn_detector.pdbx_collection_time_total   ? 
_diffrn_detector.pdbx_collection_date         2011-06-15 
# 
_diffrn_radiation.collimation                      ? 
_diffrn_radiation.diffrn_id                        1 
_diffrn_radiation.filter_edge                      ? 
_diffrn_radiation.inhomogeneity                    ? 
_diffrn_radiation.monochromator                    KMC-1 
_diffrn_radiation.polarisn_norm                    ? 
_diffrn_radiation.polarisn_ratio                   ? 
_diffrn_radiation.probe                            ? 
_diffrn_radiation.type                             ? 
_diffrn_radiation.xray_symbol                      ? 
_diffrn_radiation.wavelength_id                    1 
_diffrn_radiation.pdbx_monochromatic_or_laue_m_l   M 
_diffrn_radiation.pdbx_wavelength_list             ? 
_diffrn_radiation.pdbx_wavelength                  ? 
_diffrn_radiation.pdbx_diffrn_protocol             'SINGLE WAVELENGTH' 
_diffrn_radiation.pdbx_analyzer                    ? 
_diffrn_radiation.pdbx_scattering_type             x-ray 
# 
_diffrn_radiation_wavelength.id           1 
_diffrn_radiation_wavelength.wavelength   0.91841 
_diffrn_radiation_wavelength.wt           1.0 
# 
_diffrn_source.current                     ? 
_diffrn_source.details                     ? 
_diffrn_source.diffrn_id                   1 
_diffrn_source.power                       ? 
_diffrn_source.size                        ? 
_diffrn_source.source                      SYNCHROTRON 
_diffrn_source.target                      ? 
_diffrn_source.type                        'BESSY BEAMLINE 14.1' 
_diffrn_source.voltage                     ? 
_diffrn_source.take-off_angle              ? 
_diffrn_source.pdbx_wavelength_list        0.91841 
_diffrn_source.pdbx_wavelength             ? 
_diffrn_source.pdbx_synchrotron_beamline   14.1 
_diffrn_source.pdbx_synchrotron_site       BESSY 
# 
_reflns.B_iso_Wilson_estimate            ? 
_reflns.entry_id                         6G8T 
_reflns.data_reduction_details           ? 
_reflns.data_reduction_method            ? 
_reflns.d_resolution_high                2.67 
_reflns.d_resolution_low                 33.93 
_reflns.details                          ? 
_reflns.limit_h_max                      ? 
_reflns.limit_h_min                      ? 
_reflns.limit_k_max                      ? 
_reflns.limit_k_min                      ? 
_reflns.limit_l_max                      ? 
_reflns.limit_l_min                      ? 
_reflns.number_all                       ? 
_reflns.number_obs                       3573 
_reflns.observed_criterion               ? 
_reflns.observed_criterion_F_max         ? 
_reflns.observed_criterion_F_min         ? 
_reflns.observed_criterion_I_max         ? 
_reflns.observed_criterion_I_min         ? 
_reflns.observed_criterion_sigma_F       ? 
_reflns.observed_criterion_sigma_I       ? 
_reflns.percent_possible_obs             99.8 
_reflns.R_free_details                   ? 
_reflns.Rmerge_F_all                     ? 
_reflns.Rmerge_F_obs                     ? 
_reflns.Friedel_coverage                 ? 
_reflns.number_gt                        ? 
_reflns.threshold_expression             ? 
_reflns.pdbx_redundancy                  4.3 
_reflns.pdbx_Rmerge_I_obs                ? 
_reflns.pdbx_Rmerge_I_all                ? 
_reflns.pdbx_Rsym_value                  ? 
_reflns.pdbx_netI_over_av_sigmaI         ? 
_reflns.pdbx_netI_over_sigmaI            20.67 
_reflns.pdbx_res_netI_over_av_sigmaI_2   ? 
_reflns.pdbx_res_netI_over_sigmaI_2      ? 
_reflns.pdbx_chi_squared                 ? 
_reflns.pdbx_scaling_rejects             ? 
_reflns.pdbx_d_res_high_opt              ? 
_reflns.pdbx_d_res_low_opt               ? 
_reflns.pdbx_d_res_opt_method            ? 
_reflns.phase_calculation_details        ? 
_reflns.pdbx_Rrim_I_all                  0.062 
_reflns.pdbx_Rpim_I_all                  ? 
_reflns.pdbx_d_opt                       ? 
_reflns.pdbx_number_measured_all         ? 
_reflns.pdbx_diffrn_id                   1 
_reflns.pdbx_ordinal                     1 
_reflns.pdbx_CC_half                     0.99 
_reflns.pdbx_R_split                     ? 
# 
_reflns_shell.d_res_high                  2.67 
_reflns_shell.d_res_low                   2.74 
_reflns_shell.meanI_over_sigI_all         ? 
_reflns_shell.meanI_over_sigI_obs         2.28 
_reflns_shell.number_measured_all         ? 
_reflns_shell.number_measured_obs         ? 
_reflns_shell.number_possible             ? 
_reflns_shell.number_unique_all           ? 
_reflns_shell.number_unique_obs           260 
_reflns_shell.percent_possible_all        100 
_reflns_shell.percent_possible_obs        ? 
_reflns_shell.Rmerge_F_all                ? 
_reflns_shell.Rmerge_F_obs                ? 
_reflns_shell.Rmerge_I_all                ? 
_reflns_shell.Rmerge_I_obs                ? 
_reflns_shell.meanI_over_sigI_gt          ? 
_reflns_shell.meanI_over_uI_all           ? 
_reflns_shell.meanI_over_uI_gt            ? 
_reflns_shell.number_measured_gt          ? 
_reflns_shell.number_unique_gt            ? 
_reflns_shell.percent_possible_gt         ? 
_reflns_shell.Rmerge_F_gt                 ? 
_reflns_shell.Rmerge_I_gt                 ? 
_reflns_shell.pdbx_redundancy             4.4 
_reflns_shell.pdbx_Rsym_value             ? 
_reflns_shell.pdbx_chi_squared            ? 
_reflns_shell.pdbx_netI_over_sigmaI_all   ? 
_reflns_shell.pdbx_netI_over_sigmaI_obs   ? 
_reflns_shell.pdbx_Rrim_I_all             0.75 
_reflns_shell.pdbx_Rpim_I_all             ? 
_reflns_shell.pdbx_rejects                ? 
_reflns_shell.pdbx_ordinal                1 
_reflns_shell.pdbx_diffrn_id              1 
_reflns_shell.pdbx_CC_half                0.70 
_reflns_shell.pdbx_R_split                ? 
# 
_refine.aniso_B[1][1]                            0.09 
_refine.aniso_B[1][2]                            0.00 
_refine.aniso_B[1][3]                            0.00 
_refine.aniso_B[2][2]                            -8.55 
_refine.aniso_B[2][3]                            -0.00 
_refine.aniso_B[3][3]                            8.46 
_refine.B_iso_max                                ? 
_refine.B_iso_mean                               62.112 
_refine.B_iso_min                                ? 
_refine.correlation_coeff_Fo_to_Fc               0.942 
_refine.correlation_coeff_Fo_to_Fc_free          0.921 
_refine.details                                  'HYDROGENS HAVE BEEN ADDED IN THE RIDING POSITIONS' 
_refine.diff_density_max                         ? 
_refine.diff_density_max_esd                     ? 
_refine.diff_density_min                         ? 
_refine.diff_density_min_esd                     ? 
_refine.diff_density_rms                         ? 
_refine.diff_density_rms_esd                     ? 
_refine.entry_id                                 6G8T 
_refine.pdbx_refine_id                           'X-RAY DIFFRACTION' 
_refine.ls_abs_structure_details                 ? 
_refine.ls_abs_structure_Flack                   ? 
_refine.ls_abs_structure_Flack_esd               ? 
_refine.ls_abs_structure_Rogers                  ? 
_refine.ls_abs_structure_Rogers_esd              ? 
_refine.ls_d_res_high                            2.67 
_refine.ls_d_res_low                             33.93 
_refine.ls_extinction_coef                       ? 
_refine.ls_extinction_coef_esd                   ? 
_refine.ls_extinction_expression                 ? 
_refine.ls_extinction_method                     ? 
_refine.ls_goodness_of_fit_all                   ? 
_refine.ls_goodness_of_fit_all_esd               ? 
_refine.ls_goodness_of_fit_obs                   ? 
_refine.ls_goodness_of_fit_obs_esd               ? 
_refine.ls_hydrogen_treatment                    ? 
_refine.ls_matrix_type                           ? 
_refine.ls_number_constraints                    ? 
_refine.ls_number_parameters                     ? 
_refine.ls_number_reflns_all                     ? 
_refine.ls_number_reflns_obs                     3394 
_refine.ls_number_reflns_R_free                  179 
_refine.ls_number_reflns_R_work                  ? 
_refine.ls_number_restraints                     ? 
_refine.ls_percent_reflns_obs                    99.89 
_refine.ls_percent_reflns_R_free                 5.0 
_refine.ls_R_factor_all                          ? 
_refine.ls_R_factor_obs                          0.21138 
_refine.ls_R_factor_R_free                       0.25794 
_refine.ls_R_factor_R_free_error                 ? 
_refine.ls_R_factor_R_free_error_details         ? 
_refine.ls_R_factor_R_work                       0.20877 
_refine.ls_R_Fsqd_factor_obs                     ? 
_refine.ls_R_I_factor_obs                        ? 
_refine.ls_redundancy_reflns_all                 ? 
_refine.ls_redundancy_reflns_obs                 ? 
_refine.ls_restrained_S_all                      ? 
_refine.ls_restrained_S_obs                      ? 
_refine.ls_shift_over_esd_max                    ? 
_refine.ls_shift_over_esd_mean                   ? 
_refine.ls_structure_factor_coef                 ? 
_refine.ls_weighting_details                     ? 
_refine.ls_weighting_scheme                      ? 
_refine.ls_wR_factor_all                         ? 
_refine.ls_wR_factor_obs                         ? 
_refine.ls_wR_factor_R_free                      ? 
_refine.ls_wR_factor_R_work                      ? 
_refine.occupancy_max                            ? 
_refine.occupancy_min                            ? 
_refine.solvent_model_details                    ? 
_refine.solvent_model_param_bsol                 ? 
_refine.solvent_model_param_ksol                 ? 
_refine.ls_R_factor_gt                           ? 
_refine.ls_goodness_of_fit_gt                    ? 
_refine.ls_goodness_of_fit_ref                   ? 
_refine.ls_shift_over_su_max                     ? 
_refine.ls_shift_over_su_max_lt                  ? 
_refine.ls_shift_over_su_mean                    ? 
_refine.ls_shift_over_su_mean_lt                 ? 
_refine.pdbx_ls_sigma_I                          ? 
_refine.pdbx_ls_sigma_F                          ? 
_refine.pdbx_ls_sigma_Fsqd                       ? 
_refine.pdbx_data_cutoff_high_absF               ? 
_refine.pdbx_data_cutoff_high_rms_absF           ? 
_refine.pdbx_data_cutoff_low_absF                ? 
_refine.pdbx_isotropic_thermal_model             ? 
_refine.pdbx_ls_cross_valid_method               THROUGHOUT 
_refine.pdbx_method_to_determine_struct          'MOLECULAR REPLACEMENT' 
_refine.pdbx_starting_model                      3RLE 
_refine.pdbx_stereochemistry_target_values       ? 
_refine.pdbx_R_Free_selection_details            RANDOM 
_refine.pdbx_stereochem_target_val_spec_case     ? 
_refine.pdbx_overall_ESU_R                       ? 
_refine.pdbx_overall_ESU_R_Free                  0.075 
_refine.pdbx_solvent_vdw_probe_radii             1.20 
_refine.pdbx_solvent_ion_probe_radii             0.80 
_refine.pdbx_solvent_shrinkage_radii             0.80 
_refine.pdbx_real_space_R                        ? 
_refine.pdbx_density_correlation                 ? 
_refine.pdbx_pd_number_of_powder_patterns        ? 
_refine.pdbx_pd_number_of_points                 ? 
_refine.pdbx_pd_meas_number_of_points            ? 
_refine.pdbx_pd_proc_ls_prof_R_factor            ? 
_refine.pdbx_pd_proc_ls_prof_wR_factor           ? 
_refine.pdbx_pd_Marquardt_correlation_coeff      ? 
_refine.pdbx_pd_Fsqrd_R_factor                   ? 
_refine.pdbx_pd_ls_matrix_band_width             ? 
_refine.pdbx_overall_phase_error                 ? 
_refine.pdbx_overall_SU_R_free_Cruickshank_DPI   ? 
_refine.pdbx_overall_SU_R_free_Blow_DPI          ? 
_refine.pdbx_overall_SU_R_Blow_DPI               ? 
_refine.pdbx_TLS_residual_ADP_flag               ? 
_refine.pdbx_diffrn_id                           1 
_refine.overall_SU_B                             10.657 
_refine.overall_SU_ML                            0.227 
_refine.overall_SU_R_Cruickshank_DPI             ? 
_refine.overall_SU_R_free                        ? 
_refine.overall_FOM_free_R_set                   ? 
_refine.overall_FOM_work_R_set                   ? 
_refine.pdbx_average_fsc_overall                 ? 
_refine.pdbx_average_fsc_work                    ? 
_refine.pdbx_average_fsc_free                    ? 
# 
_refine_hist.pdbx_refine_id                   'X-RAY DIFFRACTION' 
_refine_hist.cycle_id                         1 
_refine_hist.pdbx_number_atoms_protein        839 
_refine_hist.pdbx_number_atoms_nucleic_acid   0 
_refine_hist.pdbx_number_atoms_ligand         6 
_refine_hist.number_atoms_solvent             11 
_refine_hist.number_atoms_total               856 
_refine_hist.d_res_high                       2.67 
_refine_hist.d_res_low                        33.93 
# 
loop_
_refine_ls_restr.pdbx_refine_id 
_refine_ls_restr.criterion 
_refine_ls_restr.dev_ideal 
_refine_ls_restr.dev_ideal_target 
_refine_ls_restr.number 
_refine_ls_restr.rejects 
_refine_ls_restr.type 
_refine_ls_restr.weight 
_refine_ls_restr.pdbx_restraint_function 
'X-RAY DIFFRACTION' ? 0.007  0.019  871  ? r_bond_refined_d             ? ? 
'X-RAY DIFFRACTION' ? 0.002  0.020  816  ? r_bond_other_d               ? ? 
'X-RAY DIFFRACTION' ? 1.251  1.945  1175 ? r_angle_refined_deg          ? ? 
'X-RAY DIFFRACTION' ? 0.924  3.000  1889 ? r_angle_other_deg            ? ? 
'X-RAY DIFFRACTION' ? 6.482  5.000  107  ? r_dihedral_angle_1_deg       ? ? 
'X-RAY DIFFRACTION' ? 41.644 23.721 43   ? r_dihedral_angle_2_deg       ? ? 
'X-RAY DIFFRACTION' ? 15.514 15.000 152  ? r_dihedral_angle_3_deg       ? ? 
'X-RAY DIFFRACTION' ? 16.707 15.000 7    ? r_dihedral_angle_4_deg       ? ? 
'X-RAY DIFFRACTION' ? 0.076  0.200  127  ? r_chiral_restr               ? ? 
'X-RAY DIFFRACTION' ? 0.005  0.020  971  ? r_gen_planes_refined         ? ? 
'X-RAY DIFFRACTION' ? 0.001  0.020  184  ? r_gen_planes_other           ? ? 
'X-RAY DIFFRACTION' ? ?      ?      ?    ? r_nbd_refined                ? ? 
'X-RAY DIFFRACTION' ? ?      ?      ?    ? r_nbd_other                  ? ? 
'X-RAY DIFFRACTION' ? ?      ?      ?    ? r_nbtor_refined              ? ? 
'X-RAY DIFFRACTION' ? ?      ?      ?    ? r_nbtor_other                ? ? 
'X-RAY DIFFRACTION' ? ?      ?      ?    ? r_xyhbond_nbd_refined        ? ? 
'X-RAY DIFFRACTION' ? ?      ?      ?    ? r_xyhbond_nbd_other          ? ? 
'X-RAY DIFFRACTION' ? ?      ?      ?    ? r_metal_ion_refined          ? ? 
'X-RAY DIFFRACTION' ? ?      ?      ?    ? r_metal_ion_other            ? ? 
'X-RAY DIFFRACTION' ? ?      ?      ?    ? r_symmetry_vdw_refined       ? ? 
'X-RAY DIFFRACTION' ? ?      ?      ?    ? r_symmetry_vdw_other         ? ? 
'X-RAY DIFFRACTION' ? ?      ?      ?    ? r_symmetry_hbond_refined     ? ? 
'X-RAY DIFFRACTION' ? ?      ?      ?    ? r_symmetry_hbond_other       ? ? 
'X-RAY DIFFRACTION' ? ?      ?      ?    ? r_symmetry_metal_ion_refined ? ? 
'X-RAY DIFFRACTION' ? ?      ?      ?    ? r_symmetry_metal_ion_other   ? ? 
'X-RAY DIFFRACTION' ? 2.923  6.155  425  ? r_mcbond_it                  ? ? 
'X-RAY DIFFRACTION' ? 2.927  6.153  424  ? r_mcbond_other               ? ? 
'X-RAY DIFFRACTION' ? 4.755  9.221  530  ? r_mcangle_it                 ? ? 
'X-RAY DIFFRACTION' ? 4.750  9.223  531  ? r_mcangle_other              ? ? 
'X-RAY DIFFRACTION' ? 2.778  6.584  444  ? r_scbond_it                  ? ? 
'X-RAY DIFFRACTION' ? 2.775  6.584  444  ? r_scbond_other               ? ? 
'X-RAY DIFFRACTION' ? ?      ?      ?    ? r_scangle_it                 ? ? 
'X-RAY DIFFRACTION' ? 4.761  9.745  645  ? r_scangle_other              ? ? 
'X-RAY DIFFRACTION' ? 7.653  70.465 892  ? r_long_range_B_refined       ? ? 
'X-RAY DIFFRACTION' ? 7.634  70.475 892  ? r_long_range_B_other         ? ? 
'X-RAY DIFFRACTION' ? ?      ?      ?    ? r_rigid_bond_restr           ? ? 
'X-RAY DIFFRACTION' ? ?      ?      ?    ? r_sphericity_free            ? ? 
'X-RAY DIFFRACTION' ? ?      ?      ?    ? r_sphericity_bonded          ? ? 
# 
_refine_ls_shell.pdbx_refine_id                   'X-RAY DIFFRACTION' 
_refine_ls_shell.d_res_high                       2.670 
_refine_ls_shell.d_res_low                        2.739 
_refine_ls_shell.number_reflns_all                ? 
_refine_ls_shell.number_reflns_obs                ? 
_refine_ls_shell.number_reflns_R_free             13 
_refine_ls_shell.number_reflns_R_work             244 
_refine_ls_shell.percent_reflns_obs               100.00 
_refine_ls_shell.percent_reflns_R_free            ? 
_refine_ls_shell.R_factor_all                     ? 
_refine_ls_shell.R_factor_obs                     ? 
_refine_ls_shell.R_factor_R_free                  0.245 
_refine_ls_shell.R_factor_R_free_error            ? 
_refine_ls_shell.R_factor_R_work                  0.239 
_refine_ls_shell.redundancy_reflns_all            ? 
_refine_ls_shell.redundancy_reflns_obs            ? 
_refine_ls_shell.wR_factor_all                    ? 
_refine_ls_shell.wR_factor_obs                    ? 
_refine_ls_shell.wR_factor_R_free                 ? 
_refine_ls_shell.wR_factor_R_work                 ? 
_refine_ls_shell.pdbx_total_number_of_bins_used   20 
_refine_ls_shell.pdbx_phase_error                 ? 
_refine_ls_shell.pdbx_fsc_work                    ? 
_refine_ls_shell.pdbx_fsc_free                    ? 
# 
_struct.entry_id                     6G8T 
_struct.title                        
'Crystal Structures of the Single PDZ Domains from GRASP65 and their Interaction with the Golgin GM130' 
_struct.pdbx_model_details           ? 
_struct.pdbx_formula_weight          ? 
_struct.pdbx_formula_weight_method   ? 
_struct.pdbx_model_type_details      ? 
_struct.pdbx_CASP_flag               N 
# 
_struct_keywords.entry_id        6G8T 
_struct_keywords.text            
;PDZ1 domain structure, Golgi stacking, GRASP family, Golgins, Golgi apparatus, yeast homolog of GRASP65, vesicle transport, PROTEIN BINDING
;
_struct_keywords.pdbx_keywords   'PROTEIN BINDING' 
# 
loop_
_struct_asym.id 
_struct_asym.pdbx_blank_PDB_chainid_flag 
_struct_asym.pdbx_modified 
_struct_asym.entity_id 
_struct_asym.details 
A N N 1 ? 
B N N 2 ? 
C N N 3 ? 
# 
_struct_ref.id                         1 
_struct_ref.db_name                    UNP 
_struct_ref.db_code                    GORS1_HUMAN 
_struct_ref.pdbx_db_accession          Q9BQQ3 
_struct_ref.pdbx_db_isoform            ? 
_struct_ref.entity_id                  1 
_struct_ref.pdbx_seq_one_letter_code   
;MGLGVSAEQPAGGAEGFHLHGVQENSPAQQAGLEPYFDFIITIGHSRLNKENDTLKALLKANVEKPVKLEVFNMKTMRVR
EVEVVPSNMWGGQGLLGASVRFCSFRRASEQVWHVLDV
;
_struct_ref.pdbx_align_begin           1 
# 
_struct_ref_seq.align_id                      1 
_struct_ref_seq.ref_id                        1 
_struct_ref_seq.pdbx_PDB_id_code              6G8T 
_struct_ref_seq.pdbx_strand_id                A 
_struct_ref_seq.seq_align_beg                 1 
_struct_ref_seq.pdbx_seq_align_beg_ins_code   ? 
_struct_ref_seq.seq_align_end                 118 
_struct_ref_seq.pdbx_seq_align_end_ins_code   ? 
_struct_ref_seq.pdbx_db_accession             Q9BQQ3 
_struct_ref_seq.db_align_beg                  1 
_struct_ref_seq.pdbx_db_align_beg_ins_code    ? 
_struct_ref_seq.db_align_end                  118 
_struct_ref_seq.pdbx_db_align_end_ins_code    ? 
_struct_ref_seq.pdbx_auth_seq_align_beg       1 
_struct_ref_seq.pdbx_auth_seq_align_end       118 
# 
_pdbx_struct_assembly.id                   1 
_pdbx_struct_assembly.details              author_and_software_defined_assembly 
_pdbx_struct_assembly.method_details       PISA 
_pdbx_struct_assembly.oligomeric_details   monomeric 
_pdbx_struct_assembly.oligomeric_count     1 
# 
loop_
_pdbx_struct_assembly_prop.biol_id 
_pdbx_struct_assembly_prop.type 
_pdbx_struct_assembly_prop.value 
_pdbx_struct_assembly_prop.details 
1 'ABSA (A^2)' 100  ? 
1 MORE         -0   ? 
1 'SSA (A^2)'  6630 ? 
# 
_pdbx_struct_assembly_gen.assembly_id       1 
_pdbx_struct_assembly_gen.oper_expression   1 
_pdbx_struct_assembly_gen.asym_id_list      A,B,C 
# 
_pdbx_struct_assembly_auth_evidence.id                     1 
_pdbx_struct_assembly_auth_evidence.assembly_id            1 
_pdbx_struct_assembly_auth_evidence.experimental_support   none 
_pdbx_struct_assembly_auth_evidence.details                ? 
# 
_pdbx_struct_oper_list.id                   1 
_pdbx_struct_oper_list.type                 'identity operation' 
_pdbx_struct_oper_list.name                 1_555 
_pdbx_struct_oper_list.symmetry_operation   x,y,z 
_pdbx_struct_oper_list.matrix[1][1]         1.0000000000 
_pdbx_struct_oper_list.matrix[1][2]         0.0000000000 
_pdbx_struct_oper_list.matrix[1][3]         0.0000000000 
_pdbx_struct_oper_list.vector[1]            0.0000000000 
_pdbx_struct_oper_list.matrix[2][1]         0.0000000000 
_pdbx_struct_oper_list.matrix[2][2]         1.0000000000 
_pdbx_struct_oper_list.matrix[2][3]         0.0000000000 
_pdbx_struct_oper_list.vector[2]            0.0000000000 
_pdbx_struct_oper_list.matrix[3][1]         0.0000000000 
_pdbx_struct_oper_list.matrix[3][2]         0.0000000000 
_pdbx_struct_oper_list.matrix[3][3]         1.0000000000 
_pdbx_struct_oper_list.vector[3]            0.0000000000 
# 
loop_
_struct_conf.conf_type_id 
_struct_conf.id 
_struct_conf.pdbx_PDB_helix_id 
_struct_conf.beg_label_comp_id 
_struct_conf.beg_label_asym_id 
_struct_conf.beg_label_seq_id 
_struct_conf.pdbx_beg_PDB_ins_code 
_struct_conf.end_label_comp_id 
_struct_conf.end_label_asym_id 
_struct_conf.end_label_seq_id 
_struct_conf.pdbx_end_PDB_ins_code 
_struct_conf.beg_auth_comp_id 
_struct_conf.beg_auth_asym_id 
_struct_conf.beg_auth_seq_id 
_struct_conf.end_auth_comp_id 
_struct_conf.end_auth_asym_id 
_struct_conf.end_auth_seq_id 
_struct_conf.pdbx_PDB_helix_class 
_struct_conf.details 
_struct_conf.pdbx_PDB_helix_length 
HELX_P HELX_P1 AA1 SER A 26  ? GLY A 32  ? SER A 26  GLY A 32  1 ? 7  
HELX_P HELX_P2 AA2 ASP A 53  ? ASN A 62  ? ASP A 53  ASN A 62  1 ? 10 
HELX_P HELX_P3 AA3 PHE A 105 ? HIS A 114 ? PHE A 105 HIS A 114 1 ? 10 
# 
_struct_conf_type.id          HELX_P 
_struct_conf_type.criteria    ? 
_struct_conf_type.reference   ? 
# 
loop_
_struct_sheet.id 
_struct_sheet.type 
_struct_sheet.number_strands 
_struct_sheet.details 
AA1 ? 4 ? 
AA2 ? 4 ? 
# 
loop_
_struct_sheet_order.sheet_id 
_struct_sheet_order.range_id_1 
_struct_sheet_order.range_id_2 
_struct_sheet_order.offset 
_struct_sheet_order.sense 
AA1 1 2 ? anti-parallel 
AA1 2 3 ? anti-parallel 
AA1 3 4 ? anti-parallel 
AA2 1 2 ? anti-parallel 
AA2 2 3 ? anti-parallel 
AA2 3 4 ? anti-parallel 
# 
loop_
_struct_sheet_range.sheet_id 
_struct_sheet_range.id 
_struct_sheet_range.beg_label_comp_id 
_struct_sheet_range.beg_label_asym_id 
_struct_sheet_range.beg_label_seq_id 
_struct_sheet_range.pdbx_beg_PDB_ins_code 
_struct_sheet_range.end_label_comp_id 
_struct_sheet_range.end_label_asym_id 
_struct_sheet_range.end_label_seq_id 
_struct_sheet_range.pdbx_end_PDB_ins_code 
_struct_sheet_range.beg_auth_comp_id 
_struct_sheet_range.beg_auth_asym_id 
_struct_sheet_range.beg_auth_seq_id 
_struct_sheet_range.end_auth_comp_id 
_struct_sheet_range.end_auth_asym_id 
_struct_sheet_range.end_auth_seq_id 
AA1 1 SER A 46 ? ARG A 47  ? SER A 46 ARG A 47  
AA1 2 ASP A 38 ? ILE A 43  ? ASP A 38 ILE A 43  
AA1 3 VAL A 67 ? ASN A 73  ? VAL A 67 ASN A 73  
AA1 4 ARG A 78 ? VAL A 84  ? ARG A 78 VAL A 84  
AA2 1 SER A 46 ? ARG A 47  ? SER A 46 ARG A 47  
AA2 2 ASP A 38 ? ILE A 43  ? ASP A 38 ILE A 43  
AA2 3 GLU A 15 ? VAL A 22  ? GLU A 15 VAL A 22  
AA2 4 ALA A 98 ? SER A 104 ? ALA A 98 SER A 104 
# 
loop_
_pdbx_struct_sheet_hbond.sheet_id 
_pdbx_struct_sheet_hbond.range_id_1 
_pdbx_struct_sheet_hbond.range_id_2 
_pdbx_struct_sheet_hbond.range_1_label_atom_id 
_pdbx_struct_sheet_hbond.range_1_label_comp_id 
_pdbx_struct_sheet_hbond.range_1_label_asym_id 
_pdbx_struct_sheet_hbond.range_1_label_seq_id 
_pdbx_struct_sheet_hbond.range_1_PDB_ins_code 
_pdbx_struct_sheet_hbond.range_1_auth_atom_id 
_pdbx_struct_sheet_hbond.range_1_auth_comp_id 
_pdbx_struct_sheet_hbond.range_1_auth_asym_id 
_pdbx_struct_sheet_hbond.range_1_auth_seq_id 
_pdbx_struct_sheet_hbond.range_2_label_atom_id 
_pdbx_struct_sheet_hbond.range_2_label_comp_id 
_pdbx_struct_sheet_hbond.range_2_label_asym_id 
_pdbx_struct_sheet_hbond.range_2_label_seq_id 
_pdbx_struct_sheet_hbond.range_2_PDB_ins_code 
_pdbx_struct_sheet_hbond.range_2_auth_atom_id 
_pdbx_struct_sheet_hbond.range_2_auth_comp_id 
_pdbx_struct_sheet_hbond.range_2_auth_asym_id 
_pdbx_struct_sheet_hbond.range_2_auth_seq_id 
AA1 1 2 O SER A 46 ? O SER A 46 N ILE A 43  ? N ILE A 43  
AA1 2 3 N PHE A 39 ? N PHE A 39 O PHE A 72  ? O PHE A 72  
AA1 3 4 N LEU A 69 ? N LEU A 69 O VAL A 82  ? O VAL A 82  
AA2 1 2 O SER A 46 ? O SER A 46 N ILE A 43  ? N ILE A 43  
AA2 2 3 O ILE A 40 ? O ILE A 40 N PHE A 17  ? N PHE A 17  
AA2 3 4 N HIS A 18 ? N HIS A 18 O ARG A 101 ? O ARG A 101 
# 
_struct_site.id                   AC1 
_struct_site.pdbx_evidence_code   Software 
_struct_site.pdbx_auth_asym_id    A 
_struct_site.pdbx_auth_comp_id    GOL 
_struct_site.pdbx_auth_seq_id     201 
_struct_site.pdbx_auth_ins_code   ? 
_struct_site.pdbx_num_residues    3 
_struct_site.details              'binding site for residue GOL A 201' 
# 
loop_
_struct_site_gen.id 
_struct_site_gen.site_id 
_struct_site_gen.pdbx_num_res 
_struct_site_gen.label_comp_id 
_struct_site_gen.label_asym_id 
_struct_site_gen.label_seq_id 
_struct_site_gen.pdbx_auth_ins_code 
_struct_site_gen.auth_comp_id 
_struct_site_gen.auth_asym_id 
_struct_site_gen.auth_seq_id 
_struct_site_gen.label_atom_id 
_struct_site_gen.label_alt_id 
_struct_site_gen.symmetry 
_struct_site_gen.details 
1 AC1 3 ARG A 47 ? ARG A 47  . ? 4_555 ? 
2 AC1 3 HOH C .  ? HOH A 302 . ? 1_555 ? 
3 AC1 3 HOH C .  ? HOH A 302 . ? 4_555 ? 
# 
_pdbx_validate_torsion.id              1 
_pdbx_validate_torsion.PDB_model_num   1 
_pdbx_validate_torsion.auth_comp_id    HIS 
_pdbx_validate_torsion.auth_asym_id    A 
_pdbx_validate_torsion.auth_seq_id     114 
_pdbx_validate_torsion.PDB_ins_code    ? 
_pdbx_validate_torsion.label_alt_id    ? 
_pdbx_validate_torsion.phi             -103.78 
_pdbx_validate_torsion.psi             40.91 
# 
_pdbx_struct_special_symmetry.id              1 
_pdbx_struct_special_symmetry.PDB_model_num   1 
_pdbx_struct_special_symmetry.auth_asym_id    A 
_pdbx_struct_special_symmetry.auth_comp_id    HOH 
_pdbx_struct_special_symmetry.auth_seq_id     302 
_pdbx_struct_special_symmetry.PDB_ins_code    ? 
_pdbx_struct_special_symmetry.label_asym_id   C 
_pdbx_struct_special_symmetry.label_comp_id   HOH 
_pdbx_struct_special_symmetry.label_seq_id    . 
# 
loop_
_pdbx_unobs_or_zero_occ_residues.id 
_pdbx_unobs_or_zero_occ_residues.PDB_model_num 
_pdbx_unobs_or_zero_occ_residues.polymer_flag 
_pdbx_unobs_or_zero_occ_residues.occupancy_flag 
_pdbx_unobs_or_zero_occ_residues.auth_asym_id 
_pdbx_unobs_or_zero_occ_residues.auth_comp_id 
_pdbx_unobs_or_zero_occ_residues.auth_seq_id 
_pdbx_unobs_or_zero_occ_residues.PDB_ins_code 
_pdbx_unobs_or_zero_occ_residues.label_asym_id 
_pdbx_unobs_or_zero_occ_residues.label_comp_id 
_pdbx_unobs_or_zero_occ_residues.label_seq_id 
1  1 Y 1 A MET 1  ? A MET 1  
2  1 Y 1 A GLY 2  ? A GLY 2  
3  1 Y 1 A LEU 3  ? A LEU 3  
4  1 Y 1 A GLY 4  ? A GLY 4  
5  1 Y 1 A VAL 5  ? A VAL 5  
6  1 Y 1 A SER 6  ? A SER 6  
7  1 Y 1 A ALA 7  ? A ALA 7  
8  1 Y 1 A GLU 8  ? A GLU 8  
9  1 Y 1 A GLN 9  ? A GLN 9  
10 1 Y 1 A PRO 10 ? A PRO 10 
11 1 Y 1 A ALA 11 ? A ALA 11 
12 1 Y 1 A GLY 12 ? A GLY 12 
# 
loop_
_chem_comp_atom.comp_id 
_chem_comp_atom.atom_id 
_chem_comp_atom.type_symbol 
_chem_comp_atom.pdbx_aromatic_flag 
_chem_comp_atom.pdbx_stereo_config 
_chem_comp_atom.pdbx_ordinal 
ALA N    N N N 1   
ALA CA   C N S 2   
ALA C    C N N 3   
ALA O    O N N 4   
ALA CB   C N N 5   
ALA OXT  O N N 6   
ALA H    H N N 7   
ALA H2   H N N 8   
ALA HA   H N N 9   
ALA HB1  H N N 10  
ALA HB2  H N N 11  
ALA HB3  H N N 12  
ALA HXT  H N N 13  
ARG N    N N N 14  
ARG CA   C N S 15  
ARG C    C N N 16  
ARG O    O N N 17  
ARG CB   C N N 18  
ARG CG   C N N 19  
ARG CD   C N N 20  
ARG NE   N N N 21  
ARG CZ   C N N 22  
ARG NH1  N N N 23  
ARG NH2  N N N 24  
ARG OXT  O N N 25  
ARG H    H N N 26  
ARG H2   H N N 27  
ARG HA   H N N 28  
ARG HB2  H N N 29  
ARG HB3  H N N 30  
ARG HG2  H N N 31  
ARG HG3  H N N 32  
ARG HD2  H N N 33  
ARG HD3  H N N 34  
ARG HE   H N N 35  
ARG HH11 H N N 36  
ARG HH12 H N N 37  
ARG HH21 H N N 38  
ARG HH22 H N N 39  
ARG HXT  H N N 40  
ASN N    N N N 41  
ASN CA   C N S 42  
ASN C    C N N 43  
ASN O    O N N 44  
ASN CB   C N N 45  
ASN CG   C N N 46  
ASN OD1  O N N 47  
ASN ND2  N N N 48  
ASN OXT  O N N 49  
ASN H    H N N 50  
ASN H2   H N N 51  
ASN HA   H N N 52  
ASN HB2  H N N 53  
ASN HB3  H N N 54  
ASN HD21 H N N 55  
ASN HD22 H N N 56  
ASN HXT  H N N 57  
ASP N    N N N 58  
ASP CA   C N S 59  
ASP C    C N N 60  
ASP O    O N N 61  
ASP CB   C N N 62  
ASP CG   C N N 63  
ASP OD1  O N N 64  
ASP OD2  O N N 65  
ASP OXT  O N N 66  
ASP H    H N N 67  
ASP H2   H N N 68  
ASP HA   H N N 69  
ASP HB2  H N N 70  
ASP HB3  H N N 71  
ASP HD2  H N N 72  
ASP HXT  H N N 73  
CYS N    N N N 74  
CYS CA   C N R 75  
CYS C    C N N 76  
CYS O    O N N 77  
CYS CB   C N N 78  
CYS SG   S N N 79  
CYS OXT  O N N 80  
CYS H    H N N 81  
CYS H2   H N N 82  
CYS HA   H N N 83  
CYS HB2  H N N 84  
CYS HB3  H N N 85  
CYS HG   H N N 86  
CYS HXT  H N N 87  
GLN N    N N N 88  
GLN CA   C N S 89  
GLN C    C N N 90  
GLN O    O N N 91  
GLN CB   C N N 92  
GLN CG   C N N 93  
GLN CD   C N N 94  
GLN OE1  O N N 95  
GLN NE2  N N N 96  
GLN OXT  O N N 97  
GLN H    H N N 98  
GLN H2   H N N 99  
GLN HA   H N N 100 
GLN HB2  H N N 101 
GLN HB3  H N N 102 
GLN HG2  H N N 103 
GLN HG3  H N N 104 
GLN HE21 H N N 105 
GLN HE22 H N N 106 
GLN HXT  H N N 107 
GLU N    N N N 108 
GLU CA   C N S 109 
GLU C    C N N 110 
GLU O    O N N 111 
GLU CB   C N N 112 
GLU CG   C N N 113 
GLU CD   C N N 114 
GLU OE1  O N N 115 
GLU OE2  O N N 116 
GLU OXT  O N N 117 
GLU H    H N N 118 
GLU H2   H N N 119 
GLU HA   H N N 120 
GLU HB2  H N N 121 
GLU HB3  H N N 122 
GLU HG2  H N N 123 
GLU HG3  H N N 124 
GLU HE2  H N N 125 
GLU HXT  H N N 126 
GLY N    N N N 127 
GLY CA   C N N 128 
GLY C    C N N 129 
GLY O    O N N 130 
GLY OXT  O N N 131 
GLY H    H N N 132 
GLY H2   H N N 133 
GLY HA2  H N N 134 
GLY HA3  H N N 135 
GLY HXT  H N N 136 
GOL C1   C N N 137 
GOL O1   O N N 138 
GOL C2   C N N 139 
GOL O2   O N N 140 
GOL C3   C N N 141 
GOL O3   O N N 142 
GOL H11  H N N 143 
GOL H12  H N N 144 
GOL HO1  H N N 145 
GOL H2   H N N 146 
GOL HO2  H N N 147 
GOL H31  H N N 148 
GOL H32  H N N 149 
GOL HO3  H N N 150 
HIS N    N N N 151 
HIS CA   C N S 152 
HIS C    C N N 153 
HIS O    O N N 154 
HIS CB   C N N 155 
HIS CG   C Y N 156 
HIS ND1  N Y N 157 
HIS CD2  C Y N 158 
HIS CE1  C Y N 159 
HIS NE2  N Y N 160 
HIS OXT  O N N 161 
HIS H    H N N 162 
HIS H2   H N N 163 
HIS HA   H N N 164 
HIS HB2  H N N 165 
HIS HB3  H N N 166 
HIS HD1  H N N 167 
HIS HD2  H N N 168 
HIS HE1  H N N 169 
HIS HE2  H N N 170 
HIS HXT  H N N 171 
HOH O    O N N 172 
HOH H1   H N N 173 
HOH H2   H N N 174 
ILE N    N N N 175 
ILE CA   C N S 176 
ILE C    C N N 177 
ILE O    O N N 178 
ILE CB   C N S 179 
ILE CG1  C N N 180 
ILE CG2  C N N 181 
ILE CD1  C N N 182 
ILE OXT  O N N 183 
ILE H    H N N 184 
ILE H2   H N N 185 
ILE HA   H N N 186 
ILE HB   H N N 187 
ILE HG12 H N N 188 
ILE HG13 H N N 189 
ILE HG21 H N N 190 
ILE HG22 H N N 191 
ILE HG23 H N N 192 
ILE HD11 H N N 193 
ILE HD12 H N N 194 
ILE HD13 H N N 195 
ILE HXT  H N N 196 
LEU N    N N N 197 
LEU CA   C N S 198 
LEU C    C N N 199 
LEU O    O N N 200 
LEU CB   C N N 201 
LEU CG   C N N 202 
LEU CD1  C N N 203 
LEU CD2  C N N 204 
LEU OXT  O N N 205 
LEU H    H N N 206 
LEU H2   H N N 207 
LEU HA   H N N 208 
LEU HB2  H N N 209 
LEU HB3  H N N 210 
LEU HG   H N N 211 
LEU HD11 H N N 212 
LEU HD12 H N N 213 
LEU HD13 H N N 214 
LEU HD21 H N N 215 
LEU HD22 H N N 216 
LEU HD23 H N N 217 
LEU HXT  H N N 218 
LYS N    N N N 219 
LYS CA   C N S 220 
LYS C    C N N 221 
LYS O    O N N 222 
LYS CB   C N N 223 
LYS CG   C N N 224 
LYS CD   C N N 225 
LYS CE   C N N 226 
LYS NZ   N N N 227 
LYS OXT  O N N 228 
LYS H    H N N 229 
LYS H2   H N N 230 
LYS HA   H N N 231 
LYS HB2  H N N 232 
LYS HB3  H N N 233 
LYS HG2  H N N 234 
LYS HG3  H N N 235 
LYS HD2  H N N 236 
LYS HD3  H N N 237 
LYS HE2  H N N 238 
LYS HE3  H N N 239 
LYS HZ1  H N N 240 
LYS HZ2  H N N 241 
LYS HZ3  H N N 242 
LYS HXT  H N N 243 
MET N    N N N 244 
MET CA   C N S 245 
MET C    C N N 246 
MET O    O N N 247 
MET CB   C N N 248 
MET CG   C N N 249 
MET SD   S N N 250 
MET CE   C N N 251 
MET OXT  O N N 252 
MET H    H N N 253 
MET H2   H N N 254 
MET HA   H N N 255 
MET HB2  H N N 256 
MET HB3  H N N 257 
MET HG2  H N N 258 
MET HG3  H N N 259 
MET HE1  H N N 260 
MET HE2  H N N 261 
MET HE3  H N N 262 
MET HXT  H N N 263 
PHE N    N N N 264 
PHE CA   C N S 265 
PHE C    C N N 266 
PHE O    O N N 267 
PHE CB   C N N 268 
PHE CG   C Y N 269 
PHE CD1  C Y N 270 
PHE CD2  C Y N 271 
PHE CE1  C Y N 272 
PHE CE2  C Y N 273 
PHE CZ   C Y N 274 
PHE OXT  O N N 275 
PHE H    H N N 276 
PHE H2   H N N 277 
PHE HA   H N N 278 
PHE HB2  H N N 279 
PHE HB3  H N N 280 
PHE HD1  H N N 281 
PHE HD2  H N N 282 
PHE HE1  H N N 283 
PHE HE2  H N N 284 
PHE HZ   H N N 285 
PHE HXT  H N N 286 
PRO N    N N N 287 
PRO CA   C N S 288 
PRO C    C N N 289 
PRO O    O N N 290 
PRO CB   C N N 291 
PRO CG   C N N 292 
PRO CD   C N N 293 
PRO OXT  O N N 294 
PRO H    H N N 295 
PRO HA   H N N 296 
PRO HB2  H N N 297 
PRO HB3  H N N 298 
PRO HG2  H N N 299 
PRO HG3  H N N 300 
PRO HD2  H N N 301 
PRO HD3  H N N 302 
PRO HXT  H N N 303 
SER N    N N N 304 
SER CA   C N S 305 
SER C    C N N 306 
SER O    O N N 307 
SER CB   C N N 308 
SER OG   O N N 309 
SER OXT  O N N 310 
SER H    H N N 311 
SER H2   H N N 312 
SER HA   H N N 313 
SER HB2  H N N 314 
SER HB3  H N N 315 
SER HG   H N N 316 
SER HXT  H N N 317 
THR N    N N N 318 
THR CA   C N S 319 
THR C    C N N 320 
THR O    O N N 321 
THR CB   C N R 322 
THR OG1  O N N 323 
THR CG2  C N N 324 
THR OXT  O N N 325 
THR H    H N N 326 
THR H2   H N N 327 
THR HA   H N N 328 
THR HB   H N N 329 
THR HG1  H N N 330 
THR HG21 H N N 331 
THR HG22 H N N 332 
THR HG23 H N N 333 
THR HXT  H N N 334 
TRP N    N N N 335 
TRP CA   C N S 336 
TRP C    C N N 337 
TRP O    O N N 338 
TRP CB   C N N 339 
TRP CG   C Y N 340 
TRP CD1  C Y N 341 
TRP CD2  C Y N 342 
TRP NE1  N Y N 343 
TRP CE2  C Y N 344 
TRP CE3  C Y N 345 
TRP CZ2  C Y N 346 
TRP CZ3  C Y N 347 
TRP CH2  C Y N 348 
TRP OXT  O N N 349 
TRP H    H N N 350 
TRP H2   H N N 351 
TRP HA   H N N 352 
TRP HB2  H N N 353 
TRP HB3  H N N 354 
TRP HD1  H N N 355 
TRP HE1  H N N 356 
TRP HE3  H N N 357 
TRP HZ2  H N N 358 
TRP HZ3  H N N 359 
TRP HH2  H N N 360 
TRP HXT  H N N 361 
TYR N    N N N 362 
TYR CA   C N S 363 
TYR C    C N N 364 
TYR O    O N N 365 
TYR CB   C N N 366 
TYR CG   C Y N 367 
TYR CD1  C Y N 368 
TYR CD2  C Y N 369 
TYR CE1  C Y N 370 
TYR CE2  C Y N 371 
TYR CZ   C Y N 372 
TYR OH   O N N 373 
TYR OXT  O N N 374 
TYR H    H N N 375 
TYR H2   H N N 376 
TYR HA   H N N 377 
TYR HB2  H N N 378 
TYR HB3  H N N 379 
TYR HD1  H N N 380 
TYR HD2  H N N 381 
TYR HE1  H N N 382 
TYR HE2  H N N 383 
TYR HH   H N N 384 
TYR HXT  H N N 385 
VAL N    N N N 386 
VAL CA   C N S 387 
VAL C    C N N 388 
VAL O    O N N 389 
VAL CB   C N N 390 
VAL CG1  C N N 391 
VAL CG2  C N N 392 
VAL OXT  O N N 393 
VAL H    H N N 394 
VAL H2   H N N 395 
VAL HA   H N N 396 
VAL HB   H N N 397 
VAL HG11 H N N 398 
VAL HG12 H N N 399 
VAL HG13 H N N 400 
VAL HG21 H N N 401 
VAL HG22 H N N 402 
VAL HG23 H N N 403 
VAL HXT  H N N 404 
# 
loop_
_chem_comp_bond.comp_id 
_chem_comp_bond.atom_id_1 
_chem_comp_bond.atom_id_2 
_chem_comp_bond.value_order 
_chem_comp_bond.pdbx_aromatic_flag 
_chem_comp_bond.pdbx_stereo_config 
_chem_comp_bond.pdbx_ordinal 
ALA N   CA   sing N N 1   
ALA N   H    sing N N 2   
ALA N   H2   sing N N 3   
ALA CA  C    sing N N 4   
ALA CA  CB   sing N N 5   
ALA CA  HA   sing N N 6   
ALA C   O    doub N N 7   
ALA C   OXT  sing N N 8   
ALA CB  HB1  sing N N 9   
ALA CB  HB2  sing N N 10  
ALA CB  HB3  sing N N 11  
ALA OXT HXT  sing N N 12  
ARG N   CA   sing N N 13  
ARG N   H    sing N N 14  
ARG N   H2   sing N N 15  
ARG CA  C    sing N N 16  
ARG CA  CB   sing N N 17  
ARG CA  HA   sing N N 18  
ARG C   O    doub N N 19  
ARG C   OXT  sing N N 20  
ARG CB  CG   sing N N 21  
ARG CB  HB2  sing N N 22  
ARG CB  HB3  sing N N 23  
ARG CG  CD   sing N N 24  
ARG CG  HG2  sing N N 25  
ARG CG  HG3  sing N N 26  
ARG CD  NE   sing N N 27  
ARG CD  HD2  sing N N 28  
ARG CD  HD3  sing N N 29  
ARG NE  CZ   sing N N 30  
ARG NE  HE   sing N N 31  
ARG CZ  NH1  sing N N 32  
ARG CZ  NH2  doub N N 33  
ARG NH1 HH11 sing N N 34  
ARG NH1 HH12 sing N N 35  
ARG NH2 HH21 sing N N 36  
ARG NH2 HH22 sing N N 37  
ARG OXT HXT  sing N N 38  
ASN N   CA   sing N N 39  
ASN N   H    sing N N 40  
ASN N   H2   sing N N 41  
ASN CA  C    sing N N 42  
ASN CA  CB   sing N N 43  
ASN CA  HA   sing N N 44  
ASN C   O    doub N N 45  
ASN C   OXT  sing N N 46  
ASN CB  CG   sing N N 47  
ASN CB  HB2  sing N N 48  
ASN CB  HB3  sing N N 49  
ASN CG  OD1  doub N N 50  
ASN CG  ND2  sing N N 51  
ASN ND2 HD21 sing N N 52  
ASN ND2 HD22 sing N N 53  
ASN OXT HXT  sing N N 54  
ASP N   CA   sing N N 55  
ASP N   H    sing N N 56  
ASP N   H2   sing N N 57  
ASP CA  C    sing N N 58  
ASP CA  CB   sing N N 59  
ASP CA  HA   sing N N 60  
ASP C   O    doub N N 61  
ASP C   OXT  sing N N 62  
ASP CB  CG   sing N N 63  
ASP CB  HB2  sing N N 64  
ASP CB  HB3  sing N N 65  
ASP CG  OD1  doub N N 66  
ASP CG  OD2  sing N N 67  
ASP OD2 HD2  sing N N 68  
ASP OXT HXT  sing N N 69  
CYS N   CA   sing N N 70  
CYS N   H    sing N N 71  
CYS N   H2   sing N N 72  
CYS CA  C    sing N N 73  
CYS CA  CB   sing N N 74  
CYS CA  HA   sing N N 75  
CYS C   O    doub N N 76  
CYS C   OXT  sing N N 77  
CYS CB  SG   sing N N 78  
CYS CB  HB2  sing N N 79  
CYS CB  HB3  sing N N 80  
CYS SG  HG   sing N N 81  
CYS OXT HXT  sing N N 82  
GLN N   CA   sing N N 83  
GLN N   H    sing N N 84  
GLN N   H2   sing N N 85  
GLN CA  C    sing N N 86  
GLN CA  CB   sing N N 87  
GLN CA  HA   sing N N 88  
GLN C   O    doub N N 89  
GLN C   OXT  sing N N 90  
GLN CB  CG   sing N N 91  
GLN CB  HB2  sing N N 92  
GLN CB  HB3  sing N N 93  
GLN CG  CD   sing N N 94  
GLN CG  HG2  sing N N 95  
GLN CG  HG3  sing N N 96  
GLN CD  OE1  doub N N 97  
GLN CD  NE2  sing N N 98  
GLN NE2 HE21 sing N N 99  
GLN NE2 HE22 sing N N 100 
GLN OXT HXT  sing N N 101 
GLU N   CA   sing N N 102 
GLU N   H    sing N N 103 
GLU N   H2   sing N N 104 
GLU CA  C    sing N N 105 
GLU CA  CB   sing N N 106 
GLU CA  HA   sing N N 107 
GLU C   O    doub N N 108 
GLU C   OXT  sing N N 109 
GLU CB  CG   sing N N 110 
GLU CB  HB2  sing N N 111 
GLU CB  HB3  sing N N 112 
GLU CG  CD   sing N N 113 
GLU CG  HG2  sing N N 114 
GLU CG  HG3  sing N N 115 
GLU CD  OE1  doub N N 116 
GLU CD  OE2  sing N N 117 
GLU OE2 HE2  sing N N 118 
GLU OXT HXT  sing N N 119 
GLY N   CA   sing N N 120 
GLY N   H    sing N N 121 
GLY N   H2   sing N N 122 
GLY CA  C    sing N N 123 
GLY CA  HA2  sing N N 124 
GLY CA  HA3  sing N N 125 
GLY C   O    doub N N 126 
GLY C   OXT  sing N N 127 
GLY OXT HXT  sing N N 128 
GOL C1  O1   sing N N 129 
GOL C1  C2   sing N N 130 
GOL C1  H11  sing N N 131 
GOL C1  H12  sing N N 132 
GOL O1  HO1  sing N N 133 
GOL C2  O2   sing N N 134 
GOL C2  C3   sing N N 135 
GOL C2  H2   sing N N 136 
GOL O2  HO2  sing N N 137 
GOL C3  O3   sing N N 138 
GOL C3  H31  sing N N 139 
GOL C3  H32  sing N N 140 
GOL O3  HO3  sing N N 141 
HIS N   CA   sing N N 142 
HIS N   H    sing N N 143 
HIS N   H2   sing N N 144 
HIS CA  C    sing N N 145 
HIS CA  CB   sing N N 146 
HIS CA  HA   sing N N 147 
HIS C   O    doub N N 148 
HIS C   OXT  sing N N 149 
HIS CB  CG   sing N N 150 
HIS CB  HB2  sing N N 151 
HIS CB  HB3  sing N N 152 
HIS CG  ND1  sing Y N 153 
HIS CG  CD2  doub Y N 154 
HIS ND1 CE1  doub Y N 155 
HIS ND1 HD1  sing N N 156 
HIS CD2 NE2  sing Y N 157 
HIS CD2 HD2  sing N N 158 
HIS CE1 NE2  sing Y N 159 
HIS CE1 HE1  sing N N 160 
HIS NE2 HE2  sing N N 161 
HIS OXT HXT  sing N N 162 
HOH O   H1   sing N N 163 
HOH O   H2   sing N N 164 
ILE N   CA   sing N N 165 
ILE N   H    sing N N 166 
ILE N   H2   sing N N 167 
ILE CA  C    sing N N 168 
ILE CA  CB   sing N N 169 
ILE CA  HA   sing N N 170 
ILE C   O    doub N N 171 
ILE C   OXT  sing N N 172 
ILE CB  CG1  sing N N 173 
ILE CB  CG2  sing N N 174 
ILE CB  HB   sing N N 175 
ILE CG1 CD1  sing N N 176 
ILE CG1 HG12 sing N N 177 
ILE CG1 HG13 sing N N 178 
ILE CG2 HG21 sing N N 179 
ILE CG2 HG22 sing N N 180 
ILE CG2 HG23 sing N N 181 
ILE CD1 HD11 sing N N 182 
ILE CD1 HD12 sing N N 183 
ILE CD1 HD13 sing N N 184 
ILE OXT HXT  sing N N 185 
LEU N   CA   sing N N 186 
LEU N   H    sing N N 187 
LEU N   H2   sing N N 188 
LEU CA  C    sing N N 189 
LEU CA  CB   sing N N 190 
LEU CA  HA   sing N N 191 
LEU C   O    doub N N 192 
LEU C   OXT  sing N N 193 
LEU CB  CG   sing N N 194 
LEU CB  HB2  sing N N 195 
LEU CB  HB3  sing N N 196 
LEU CG  CD1  sing N N 197 
LEU CG  CD2  sing N N 198 
LEU CG  HG   sing N N 199 
LEU CD1 HD11 sing N N 200 
LEU CD1 HD12 sing N N 201 
LEU CD1 HD13 sing N N 202 
LEU CD2 HD21 sing N N 203 
LEU CD2 HD22 sing N N 204 
LEU CD2 HD23 sing N N 205 
LEU OXT HXT  sing N N 206 
LYS N   CA   sing N N 207 
LYS N   H    sing N N 208 
LYS N   H2   sing N N 209 
LYS CA  C    sing N N 210 
LYS CA  CB   sing N N 211 
LYS CA  HA   sing N N 212 
LYS C   O    doub N N 213 
LYS C   OXT  sing N N 214 
LYS CB  CG   sing N N 215 
LYS CB  HB2  sing N N 216 
LYS CB  HB3  sing N N 217 
LYS CG  CD   sing N N 218 
LYS CG  HG2  sing N N 219 
LYS CG  HG3  sing N N 220 
LYS CD  CE   sing N N 221 
LYS CD  HD2  sing N N 222 
LYS CD  HD3  sing N N 223 
LYS CE  NZ   sing N N 224 
LYS CE  HE2  sing N N 225 
LYS CE  HE3  sing N N 226 
LYS NZ  HZ1  sing N N 227 
LYS NZ  HZ2  sing N N 228 
LYS NZ  HZ3  sing N N 229 
LYS OXT HXT  sing N N 230 
MET N   CA   sing N N 231 
MET N   H    sing N N 232 
MET N   H2   sing N N 233 
MET CA  C    sing N N 234 
MET CA  CB   sing N N 235 
MET CA  HA   sing N N 236 
MET C   O    doub N N 237 
MET C   OXT  sing N N 238 
MET CB  CG   sing N N 239 
MET CB  HB2  sing N N 240 
MET CB  HB3  sing N N 241 
MET CG  SD   sing N N 242 
MET CG  HG2  sing N N 243 
MET CG  HG3  sing N N 244 
MET SD  CE   sing N N 245 
MET CE  HE1  sing N N 246 
MET CE  HE2  sing N N 247 
MET CE  HE3  sing N N 248 
MET OXT HXT  sing N N 249 
PHE N   CA   sing N N 250 
PHE N   H    sing N N 251 
PHE N   H2   sing N N 252 
PHE CA  C    sing N N 253 
PHE CA  CB   sing N N 254 
PHE CA  HA   sing N N 255 
PHE C   O    doub N N 256 
PHE C   OXT  sing N N 257 
PHE CB  CG   sing N N 258 
PHE CB  HB2  sing N N 259 
PHE CB  HB3  sing N N 260 
PHE CG  CD1  doub Y N 261 
PHE CG  CD2  sing Y N 262 
PHE CD1 CE1  sing Y N 263 
PHE CD1 HD1  sing N N 264 
PHE CD2 CE2  doub Y N 265 
PHE CD2 HD2  sing N N 266 
PHE CE1 CZ   doub Y N 267 
PHE CE1 HE1  sing N N 268 
PHE CE2 CZ   sing Y N 269 
PHE CE2 HE2  sing N N 270 
PHE CZ  HZ   sing N N 271 
PHE OXT HXT  sing N N 272 
PRO N   CA   sing N N 273 
PRO N   CD   sing N N 274 
PRO N   H    sing N N 275 
PRO CA  C    sing N N 276 
PRO CA  CB   sing N N 277 
PRO CA  HA   sing N N 278 
PRO C   O    doub N N 279 
PRO C   OXT  sing N N 280 
PRO CB  CG   sing N N 281 
PRO CB  HB2  sing N N 282 
PRO CB  HB3  sing N N 283 
PRO CG  CD   sing N N 284 
PRO CG  HG2  sing N N 285 
PRO CG  HG3  sing N N 286 
PRO CD  HD2  sing N N 287 
PRO CD  HD3  sing N N 288 
PRO OXT HXT  sing N N 289 
SER N   CA   sing N N 290 
SER N   H    sing N N 291 
SER N   H2   sing N N 292 
SER CA  C    sing N N 293 
SER CA  CB   sing N N 294 
SER CA  HA   sing N N 295 
SER C   O    doub N N 296 
SER C   OXT  sing N N 297 
SER CB  OG   sing N N 298 
SER CB  HB2  sing N N 299 
SER CB  HB3  sing N N 300 
SER OG  HG   sing N N 301 
SER OXT HXT  sing N N 302 
THR N   CA   sing N N 303 
THR N   H    sing N N 304 
THR N   H2   sing N N 305 
THR CA  C    sing N N 306 
THR CA  CB   sing N N 307 
THR CA  HA   sing N N 308 
THR C   O    doub N N 309 
THR C   OXT  sing N N 310 
THR CB  OG1  sing N N 311 
THR CB  CG2  sing N N 312 
THR CB  HB   sing N N 313 
THR OG1 HG1  sing N N 314 
THR CG2 HG21 sing N N 315 
THR CG2 HG22 sing N N 316 
THR CG2 HG23 sing N N 317 
THR OXT HXT  sing N N 318 
TRP N   CA   sing N N 319 
TRP N   H    sing N N 320 
TRP N   H2   sing N N 321 
TRP CA  C    sing N N 322 
TRP CA  CB   sing N N 323 
TRP CA  HA   sing N N 324 
TRP C   O    doub N N 325 
TRP C   OXT  sing N N 326 
TRP CB  CG   sing N N 327 
TRP CB  HB2  sing N N 328 
TRP CB  HB3  sing N N 329 
TRP CG  CD1  doub Y N 330 
TRP CG  CD2  sing Y N 331 
TRP CD1 NE1  sing Y N 332 
TRP CD1 HD1  sing N N 333 
TRP CD2 CE2  doub Y N 334 
TRP CD2 CE3  sing Y N 335 
TRP NE1 CE2  sing Y N 336 
TRP NE1 HE1  sing N N 337 
TRP CE2 CZ2  sing Y N 338 
TRP CE3 CZ3  doub Y N 339 
TRP CE3 HE3  sing N N 340 
TRP CZ2 CH2  doub Y N 341 
TRP CZ2 HZ2  sing N N 342 
TRP CZ3 CH2  sing Y N 343 
TRP CZ3 HZ3  sing N N 344 
TRP CH2 HH2  sing N N 345 
TRP OXT HXT  sing N N 346 
TYR N   CA   sing N N 347 
TYR N   H    sing N N 348 
TYR N   H2   sing N N 349 
TYR CA  C    sing N N 350 
TYR CA  CB   sing N N 351 
TYR CA  HA   sing N N 352 
TYR C   O    doub N N 353 
TYR C   OXT  sing N N 354 
TYR CB  CG   sing N N 355 
TYR CB  HB2  sing N N 356 
TYR CB  HB3  sing N N 357 
TYR CG  CD1  doub Y N 358 
TYR CG  CD2  sing Y N 359 
TYR CD1 CE1  sing Y N 360 
TYR CD1 HD1  sing N N 361 
TYR CD2 CE2  doub Y N 362 
TYR CD2 HD2  sing N N 363 
TYR CE1 CZ   doub Y N 364 
TYR CE1 HE1  sing N N 365 
TYR CE2 CZ   sing Y N 366 
TYR CE2 HE2  sing N N 367 
TYR CZ  OH   sing N N 368 
TYR OH  HH   sing N N 369 
TYR OXT HXT  sing N N 370 
VAL N   CA   sing N N 371 
VAL N   H    sing N N 372 
VAL N   H2   sing N N 373 
VAL CA  C    sing N N 374 
VAL CA  CB   sing N N 375 
VAL CA  HA   sing N N 376 
VAL C   O    doub N N 377 
VAL C   OXT  sing N N 378 
VAL CB  CG1  sing N N 379 
VAL CB  CG2  sing N N 380 
VAL CB  HB   sing N N 381 
VAL CG1 HG11 sing N N 382 
VAL CG1 HG12 sing N N 383 
VAL CG1 HG13 sing N N 384 
VAL CG2 HG21 sing N N 385 
VAL CG2 HG22 sing N N 386 
VAL CG2 HG23 sing N N 387 
VAL OXT HXT  sing N N 388 
# 
_pdbx_initial_refinement_model.id               1 
_pdbx_initial_refinement_model.entity_id_list   ? 
_pdbx_initial_refinement_model.type             'experimental model' 
_pdbx_initial_refinement_model.source_name      PDB 
_pdbx_initial_refinement_model.accession_code   3RLE 
_pdbx_initial_refinement_model.details          ? 
# 
_atom_sites.entry_id                    6G8T 
_atom_sites.fract_transf_matrix[1][1]   0.01465516 
_atom_sites.fract_transf_matrix[1][2]   -0.00408553 
_atom_sites.fract_transf_matrix[1][3]   -0.01527922 
_atom_sites.fract_transf_matrix[2][1]   -0.01102725 
_atom_sites.fract_transf_matrix[2][2]   0.00215663 
_atom_sites.fract_transf_matrix[2][3]   -0.01115352 
_atom_sites.fract_transf_matrix[3][1]   0.00284642 
_atom_sites.fract_transf_matrix[3][2]   0.01203333 
_atom_sites.fract_transf_matrix[3][3]   -0.00048744 
_atom_sites.fract_transf_vector[1]      -0.155703 
_atom_sites.fract_transf_vector[2]      0.159933 
_atom_sites.fract_transf_vector[3]      -0.109386 
# 
loop_
_atom_type.symbol 
C 
N 
O 
S 
# 
loop_
_atom_site.group_PDB 
_atom_site.id 
_atom_site.type_symbol 
_atom_site.label_atom_id 
_atom_site.label_alt_id 
_atom_site.label_comp_id 
_atom_site.label_asym_id 
_atom_site.label_entity_id 
_atom_site.label_seq_id 
_atom_site.pdbx_PDB_ins_code 
_atom_site.Cartn_x 
_atom_site.Cartn_y 
_atom_site.Cartn_z 
_atom_site.occupancy 
_atom_site.B_iso_or_equiv 
_atom_site.pdbx_formal_charge 
_atom_site.auth_seq_id 
_atom_site.auth_comp_id 
_atom_site.auth_asym_id 
_atom_site.auth_atom_id 
_atom_site.pdbx_PDB_model_num 
ATOM   1   N N   . GLY A 1 13  ? 15.292  -4.845  7.401   1.00 85.20  ? 13  GLY A N   1 
ATOM   2   C CA  . GLY A 1 13  ? 15.100  -4.065  8.662   1.00 83.21  ? 13  GLY A CA  1 
ATOM   3   C C   . GLY A 1 13  ? 13.785  -3.298  8.727   1.00 80.56  ? 13  GLY A C   1 
ATOM   4   O O   . GLY A 1 13  ? 12.893  -3.648  9.502   1.00 76.97  ? 13  GLY A O   1 
ATOM   5   N N   . ALA A 1 14  ? 13.668  -2.270  7.884   1.00 77.34  ? 14  ALA A N   1 
ATOM   6   C CA  . ALA A 1 14  ? 12.600  -1.263  7.979   1.00 72.76  ? 14  ALA A CA  1 
ATOM   7   C C   . ALA A 1 14  ? 11.244  -1.782  7.501   1.00 67.70  ? 14  ALA A C   1 
ATOM   8   O O   . ALA A 1 14  ? 11.082  -2.152  6.338   1.00 63.91  ? 14  ALA A O   1 
ATOM   9   C CB  . ALA A 1 14  ? 12.981  -0.013  7.197   1.00 73.22  ? 14  ALA A CB  1 
ATOM   10  N N   . GLU A 1 15  ? 10.265  -1.740  8.402   1.00 62.04  ? 15  GLU A N   1 
ATOM   11  C CA  . GLU A 1 15  ? 9.007   -2.445  8.229   1.00 59.41  ? 15  GLU A CA  1 
ATOM   12  C C   . GLU A 1 15  ? 7.929   -1.560  7.608   1.00 57.79  ? 15  GLU A C   1 
ATOM   13  O O   . GLU A 1 15  ? 7.951   -0.333  7.729   1.00 57.04  ? 15  GLU A O   1 
ATOM   14  C CB  . GLU A 1 15  ? 8.547   -3.003  9.575   1.00 63.28  ? 15  GLU A CB  1 
ATOM   15  C CG  . GLU A 1 15  ? 9.658   -3.740  10.322  1.00 68.79  ? 15  GLU A CG  1 
ATOM   16  C CD  . GLU A 1 15  ? 9.154   -4.620  11.456  1.00 74.71  ? 15  GLU A CD  1 
ATOM   17  O OE1 . GLU A 1 15  ? 8.283   -4.170  12.235  1.00 79.21  ? 15  GLU A OE1 1 
ATOM   18  O OE2 . GLU A 1 15  ? 9.643   -5.765  11.574  1.00 79.34  ? 15  GLU A OE2 1 
ATOM   19  N N   . GLY A 1 16  ? 6.987   -2.210  6.935   1.00 56.22  ? 16  GLY A N   1 
ATOM   20  C CA  . GLY A 1 16  ? 5.926   -1.533  6.197   1.00 55.50  ? 16  GLY A CA  1 
ATOM   21  C C   . GLY A 1 16  ? 4.871   -2.519  5.733   1.00 57.15  ? 16  GLY A C   1 
ATOM   22  O O   . GLY A 1 16  ? 4.861   -3.677  6.161   1.00 58.20  ? 16  GLY A O   1 
ATOM   23  N N   . PHE A 1 17  ? 3.983   -2.057  4.857   1.00 54.89  ? 17  PHE A N   1 
ATOM   24  C CA  . PHE A 1 17  ? 2.908   -2.887  4.323   1.00 52.59  ? 17  PHE A CA  1 
ATOM   25  C C   . PHE A 1 17  ? 3.183   -3.172  2.848   1.00 53.89  ? 17  PHE A C   1 
ATOM   26  O O   . PHE A 1 17  ? 3.043   -2.278  1.991   1.00 49.01  ? 17  PHE A O   1 
ATOM   27  C CB  . PHE A 1 17  ? 1.546   -2.203  4.508   1.00 51.47  ? 17  PHE A CB  1 
ATOM   28  C CG  . PHE A 1 17  ? 0.996   -2.327  5.904   1.00 50.99  ? 17  PHE A CG  1 
ATOM   29  C CD1 . PHE A 1 17  ? 1.316   -1.394  6.879   1.00 51.33  ? 17  PHE A CD1 1 
ATOM   30  C CD2 . PHE A 1 17  ? 0.176   -3.395  6.250   1.00 51.71  ? 17  PHE A CD2 1 
ATOM   31  C CE1 . PHE A 1 17  ? 0.823   -1.513  8.169   1.00 52.45  ? 17  PHE A CE1 1 
ATOM   32  C CE2 . PHE A 1 17  ? -0.322  -3.523  7.539   1.00 52.39  ? 17  PHE A CE2 1 
ATOM   33  C CZ  . PHE A 1 17  ? -0.001  -2.578  8.502   1.00 52.60  ? 17  PHE A CZ  1 
ATOM   34  N N   . HIS A 1 18  ? 3.596   -4.413  2.565   1.00 52.46  ? 18  HIS A N   1 
ATOM   35  C CA  . HIS A 1 18  ? 3.838   -4.844  1.192   1.00 51.18  ? 18  HIS A CA  1 
ATOM   36  C C   . HIS A 1 18  ? 2.518   -4.987  0.468   1.00 49.97  ? 18  HIS A C   1 
ATOM   37  O O   . HIS A 1 18  ? 1.619   -5.658  0.967   1.00 49.62  ? 18  HIS A O   1 
ATOM   38  C CB  . HIS A 1 18  ? 4.591   -6.178  1.138   1.00 49.54  ? 18  HIS A CB  1 
ATOM   39  C CG  . HIS A 1 18  ? 5.082   -6.530  -0.235  1.00 49.14  ? 18  HIS A CG  1 
ATOM   40  N ND1 . HIS A 1 18  ? 5.439   -7.812  -0.594  1.00 49.09  ? 18  HIS A ND1 1 
ATOM   41  C CD2 . HIS A 1 18  ? 5.266   -5.766  -1.340  1.00 48.52  ? 18  HIS A CD2 1 
ATOM   42  C CE1 . HIS A 1 18  ? 5.829   -7.818  -1.857  1.00 50.18  ? 18  HIS A CE1 1 
ATOM   43  N NE2 . HIS A 1 18  ? 5.735   -6.589  -2.331  1.00 47.71  ? 18  HIS A NE2 1 
ATOM   44  N N   . LEU A 1 19  ? 2.411   -4.359  -0.702  1.00 50.30  ? 19  LEU A N   1 
ATOM   45  C CA  . LEU A 1 19  ? 1.205   -4.436  -1.513  1.00 53.93  ? 19  LEU A CA  1 
ATOM   46  C C   . LEU A 1 19  ? 1.201   -5.763  -2.271  1.00 54.07  ? 19  LEU A C   1 
ATOM   47  O O   . LEU A 1 19  ? 2.217   -6.144  -2.833  1.00 52.48  ? 19  LEU A O   1 
ATOM   48  C CB  . LEU A 1 19  ? 1.123   -3.244  -2.474  1.00 55.72  ? 19  LEU A CB  1 
ATOM   49  C CG  . LEU A 1 19  ? -0.266  -2.979  -3.073  1.00 57.34  ? 19  LEU A CG  1 
ATOM   50  C CD1 . LEU A 1 19  ? -1.243  -2.497  -2.005  1.00 58.76  ? 19  LEU A CD1 1 
ATOM   51  C CD2 . LEU A 1 19  ? -0.188  -2.000  -4.239  1.00 57.67  ? 19  LEU A CD2 1 
ATOM   52  N N   . HIS A 1 20  ? 0.059   -6.452  -2.271  1.00 57.35  ? 20  HIS A N   1 
ATOM   53  C CA  . HIS A 1 20  ? -0.070  -7.818  -2.808  1.00 60.80  ? 20  HIS A CA  1 
ATOM   54  C C   . HIS A 1 20  ? -1.047  -7.976  -3.973  1.00 63.61  ? 20  HIS A C   1 
ATOM   55  O O   . HIS A 1 20  ? -1.104  -9.043  -4.571  1.00 77.61  ? 20  HIS A O   1 
ATOM   56  C CB  . HIS A 1 20  ? -0.516  -8.777  -1.688  1.00 60.39  ? 20  HIS A CB  1 
ATOM   57  C CG  . HIS A 1 20  ? 0.612   -9.412  -0.935  1.00 63.07  ? 20  HIS A CG  1 
ATOM   58  N ND1 . HIS A 1 20  ? 0.422   -10.481 -0.085  1.00 62.95  ? 20  HIS A ND1 1 
ATOM   59  C CD2 . HIS A 1 20  ? 1.938   -9.136  -0.902  1.00 64.67  ? 20  HIS A CD2 1 
ATOM   60  C CE1 . HIS A 1 20  ? 1.579   -10.828 0.448   1.00 62.20  ? 20  HIS A CE1 1 
ATOM   61  N NE2 . HIS A 1 20  ? 2.516   -10.031 -0.032  1.00 66.79  ? 20  HIS A NE2 1 
ATOM   62  N N   . GLY A 1 21  ? -1.825  -6.955  -4.301  1.00 61.75  ? 21  GLY A N   1 
ATOM   63  C CA  . GLY A 1 21  ? -2.877  -7.123  -5.301  1.00 59.94  ? 21  GLY A CA  1 
ATOM   64  C C   . GLY A 1 21  ? -3.861  -5.983  -5.235  1.00 59.82  ? 21  GLY A C   1 
ATOM   65  O O   . GLY A 1 21  ? -4.284  -5.601  -4.152  1.00 61.53  ? 21  GLY A O   1 
ATOM   66  N N   . VAL A 1 22  ? -4.217  -5.454  -6.397  1.00 62.13  ? 22  VAL A N   1 
ATOM   67  C CA  . VAL A 1 22  ? -5.058  -4.276  -6.509  1.00 68.07  ? 22  VAL A CA  1 
ATOM   68  C C   . VAL A 1 22  ? -6.309  -4.637  -7.318  1.00 68.86  ? 22  VAL A C   1 
ATOM   69  O O   . VAL A 1 22  ? -6.214  -4.900  -8.521  1.00 66.70  ? 22  VAL A O   1 
ATOM   70  C CB  . VAL A 1 22  ? -4.272  -3.126  -7.186  1.00 71.42  ? 22  VAL A CB  1 
ATOM   71  C CG1 . VAL A 1 22  ? -5.165  -1.925  -7.473  1.00 73.55  ? 22  VAL A CG1 1 
ATOM   72  C CG2 . VAL A 1 22  ? -3.093  -2.709  -6.315  1.00 72.18  ? 22  VAL A CG2 1 
ATOM   73  N N   . GLN A 1 23  ? -7.465  -4.645  -6.644  1.00 71.00  ? 23  GLN A N   1 
ATOM   74  C CA  . GLN A 1 23  ? -8.776  -4.878  -7.280  1.00 70.47  ? 23  GLN A CA  1 
ATOM   75  C C   . GLN A 1 23  ? -9.063  -3.825  -8.352  1.00 69.40  ? 23  GLN A C   1 
ATOM   76  O O   . GLN A 1 23  ? -8.649  -2.682  -8.215  1.00 68.98  ? 23  GLN A O   1 
ATOM   77  C CB  . GLN A 1 23  ? -9.900  -4.867  -6.231  1.00 70.46  ? 23  GLN A CB  1 
ATOM   78  C CG  . GLN A 1 23  ? -9.872  -6.053  -5.275  1.00 74.26  ? 23  GLN A CG  1 
ATOM   79  C CD  . GLN A 1 23  ? -10.795 -5.885  -4.073  1.00 75.81  ? 23  GLN A CD  1 
ATOM   80  O OE1 . GLN A 1 23  ? -11.960 -5.522  -4.211  1.00 73.55  ? 23  GLN A OE1 1 
ATOM   81  N NE2 . GLN A 1 23  ? -10.276 -6.173  -2.886  1.00 78.34  ? 23  GLN A NE2 1 
ATOM   82  N N   . GLU A 1 24  ? -9.755  -4.218  -9.417  1.00 73.02  ? 24  GLU A N   1 
ATOM   83  C CA  . GLU A 1 24  ? -10.085 -3.295  -10.517 1.00 78.98  ? 24  GLU A CA  1 
ATOM   84  C C   . GLU A 1 24  ? -10.968 -2.123  -10.068 1.00 79.39  ? 24  GLU A C   1 
ATOM   85  O O   . GLU A 1 24  ? -11.808 -2.274  -9.184  1.00 80.53  ? 24  GLU A O   1 
ATOM   86  C CB  . GLU A 1 24  ? -10.773 -4.038  -11.679 1.00 83.25  ? 24  GLU A CB  1 
ATOM   87  C CG  . GLU A 1 24  ? -9.810  -4.557  -12.740 1.00 87.80  ? 24  GLU A CG  1 
ATOM   88  C CD  . GLU A 1 24  ? -9.219  -3.450  -13.603 1.00 90.18  ? 24  GLU A CD  1 
ATOM   89  O OE1 . GLU A 1 24  ? -9.970  -2.531  -14.005 1.00 92.29  ? 24  GLU A OE1 1 
ATOM   90  O OE2 . GLU A 1 24  ? -8.001  -3.505  -13.888 1.00 87.51  ? 24  GLU A OE2 1 
ATOM   91  N N   . ASN A 1 25  ? -10.759 -0.962  -10.689 1.00 76.24  ? 25  ASN A N   1 
ATOM   92  C CA  . ASN A 1 25  ? -11.517 0.273   -10.404 1.00 77.32  ? 25  ASN A CA  1 
ATOM   93  C C   . ASN A 1 25  ? -11.350 0.810   -8.967  1.00 76.41  ? 25  ASN A C   1 
ATOM   94  O O   . ASN A 1 25  ? -12.135 1.651   -8.533  1.00 78.80  ? 25  ASN A O   1 
ATOM   95  C CB  . ASN A 1 25  ? -13.020 0.100   -10.718 1.00 78.28  ? 25  ASN A CB  1 
ATOM   96  C CG  . ASN A 1 25  ? -13.283 -0.640  -12.028 1.00 80.20  ? 25  ASN A CG  1 
ATOM   97  O OD1 . ASN A 1 25  ? -14.157 -1.503  -12.086 1.00 79.36  ? 25  ASN A OD1 1 
ATOM   98  N ND2 . ASN A 1 25  ? -12.538 -0.302  -13.080 1.00 79.58  ? 25  ASN A ND2 1 
ATOM   99  N N   . SER A 1 26  ? -10.314 0.358   -8.255  1.00 75.15  ? 26  SER A N   1 
ATOM   100 C CA  . SER A 1 26  ? -10.120 0.689   -6.840  1.00 68.63  ? 26  SER A CA  1 
ATOM   101 C C   . SER A 1 26  ? -9.531  2.085   -6.648  1.00 64.65  ? 26  SER A C   1 
ATOM   102 O O   . SER A 1 26  ? -9.020  2.676   -7.605  1.00 63.96  ? 26  SER A O   1 
ATOM   103 C CB  . SER A 1 26  ? -9.178  -0.321  -6.196  1.00 68.31  ? 26  SER A CB  1 
ATOM   104 O OG  . SER A 1 26  ? -7.918  -0.285  -6.846  1.00 67.05  ? 26  SER A OG  1 
ATOM   105 N N   . PRO A 1 27  ? -9.607  2.618   -5.410  1.00 60.22  ? 27  PRO A N   1 
ATOM   106 C CA  . PRO A 1 27  ? -8.828  3.805   -5.056  1.00 60.22  ? 27  PRO A CA  1 
ATOM   107 C C   . PRO A 1 27  ? -7.329  3.567   -5.169  1.00 60.36  ? 27  PRO A C   1 
ATOM   108 O O   . PRO A 1 27  ? -6.605  4.488   -5.552  1.00 58.59  ? 27  PRO A O   1 
ATOM   109 C CB  . PRO A 1 27  ? -9.228  4.068   -3.609  1.00 60.03  ? 27  PRO A CB  1 
ATOM   110 C CG  . PRO A 1 27  ? -10.623 3.570   -3.537  1.00 62.15  ? 27  PRO A CG  1 
ATOM   111 C CD  . PRO A 1 27  ? -10.637 2.337   -4.394  1.00 61.81  ? 27  PRO A CD  1 
ATOM   112 N N   . ALA A 1 28  ? -6.886  2.347   -4.835  1.00 60.25  ? 28  ALA A N   1 
ATOM   113 C CA  . ALA A 1 28  ? -5.505  1.904   -5.071  1.00 58.01  ? 28  ALA A CA  1 
ATOM   114 C C   . ALA A 1 28  ? -5.117  2.067   -6.538  1.00 61.17  ? 28  ALA A C   1 
ATOM   115 O O   . ALA A 1 28  ? -4.170  2.797   -6.847  1.00 61.63  ? 28  ALA A O   1 
ATOM   116 C CB  . ALA A 1 28  ? -5.324  0.461   -4.642  1.00 54.99  ? 28  ALA A CB  1 
ATOM   117 N N   . GLN A 1 29  ? -5.875  1.421   -7.429  1.00 63.48  ? 29  GLN A N   1 
ATOM   118 C CA  . GLN A 1 29  ? -5.620  1.496   -8.883  1.00 64.11  ? 29  GLN A CA  1 
ATOM   119 C C   . GLN A 1 29  ? -5.646  2.930   -9.423  1.00 62.47  ? 29  GLN A C   1 
ATOM   120 O O   . GLN A 1 29  ? -4.799  3.290   -10.243 1.00 62.54  ? 29  GLN A O   1 
ATOM   121 C CB  . GLN A 1 29  ? -6.615  0.638   -9.682  1.00 65.46  ? 29  GLN A CB  1 
ATOM   122 C CG  . GLN A 1 29  ? -6.359  0.663   -11.192 1.00 68.11  ? 29  GLN A CG  1 
ATOM   123 C CD  . GLN A 1 29  ? -7.181  -0.355  -11.959 1.00 68.49  ? 29  GLN A CD  1 
ATOM   124 O OE1 . GLN A 1 29  ? -8.410  -0.312  -11.945 1.00 69.42  ? 29  GLN A OE1 1 
ATOM   125 N NE2 . GLN A 1 29  ? -6.502  -1.270  -12.647 1.00 65.40  ? 29  GLN A NE2 1 
ATOM   126 N N   . GLN A 1 30  ? -6.614  3.731   -8.976  1.00 61.42  ? 30  GLN A N   1 
ATOM   127 C CA  . GLN A 1 30  ? -6.720  5.137   -9.409  1.00 63.47  ? 30  GLN A CA  1 
ATOM   128 C C   . GLN A 1 30  ? -5.538  6.012   -8.968  1.00 62.78  ? 30  GLN A C   1 
ATOM   129 O O   . GLN A 1 30  ? -5.212  6.990   -9.643  1.00 62.25  ? 30  GLN A O   1 
ATOM   130 C CB  . GLN A 1 30  ? -8.035  5.765   -8.924  1.00 66.40  ? 30  GLN A CB  1 
ATOM   131 C CG  . GLN A 1 30  ? -9.270  5.234   -9.645  1.00 70.30  ? 30  GLN A CG  1 
ATOM   132 C CD  . GLN A 1 30  ? -10.559 5.522   -8.894  1.00 71.75  ? 30  GLN A CD  1 
ATOM   133 O OE1 . GLN A 1 30  ? -11.192 4.608   -8.358  1.00 73.66  ? 30  GLN A OE1 1 
ATOM   134 N NE2 . GLN A 1 30  ? -10.945 6.799   -8.834  1.00 68.74  ? 30  GLN A NE2 1 
ATOM   135 N N   . ALA A 1 31  ? -4.907  5.660   -7.846  1.00 59.90  ? 31  ALA A N   1 
ATOM   136 C CA  . ALA A 1 31  ? -3.741  6.392   -7.340  1.00 57.27  ? 31  ALA A CA  1 
ATOM   137 C C   . ALA A 1 31  ? -2.399  5.916   -7.935  1.00 55.54  ? 31  ALA A C   1 
ATOM   138 O O   . ALA A 1 31  ? -1.373  6.576   -7.753  1.00 51.60  ? 31  ALA A O   1 
ATOM   139 C CB  . ALA A 1 31  ? -3.708  6.315   -5.826  1.00 59.14  ? 31  ALA A CB  1 
ATOM   140 N N   . GLY A 1 32  ? -2.414  4.771   -8.622  1.00 52.96  ? 32  GLY A N   1 
ATOM   141 C CA  . GLY A 1 32  ? -1.247  4.246   -9.329  1.00 50.78  ? 32  GLY A CA  1 
ATOM   142 C C   . GLY A 1 32  ? -0.374  3.320   -8.503  1.00 49.57  ? 32  GLY A C   1 
ATOM   143 O O   . GLY A 1 32  ? 0.838   3.242   -8.733  1.00 48.52  ? 32  GLY A O   1 
ATOM   144 N N   . LEU A 1 33  ? -0.986  2.608   -7.560  1.00 48.53  ? 33  LEU A N   1 
ATOM   145 C CA  . LEU A 1 33  ? -0.274  1.666   -6.703  1.00 51.71  ? 33  LEU A CA  1 
ATOM   146 C C   . LEU A 1 33  ? 0.051   0.363   -7.446  1.00 56.14  ? 33  LEU A C   1 
ATOM   147 O O   . LEU A 1 33  ? -0.821  -0.234  -8.067  1.00 57.00  ? 33  LEU A O   1 
ATOM   148 C CB  . LEU A 1 33  ? -1.090  1.362   -5.442  1.00 49.89  ? 33  LEU A CB  1 
ATOM   149 C CG  . LEU A 1 33  ? -1.306  2.517   -4.461  1.00 49.32  ? 33  LEU A CG  1 
ATOM   150 C CD1 . LEU A 1 33  ? -2.126  2.067   -3.268  1.00 48.74  ? 33  LEU A CD1 1 
ATOM   151 C CD2 . LEU A 1 33  ? 0.018   3.099   -3.975  1.00 50.34  ? 33  LEU A CD2 1 
ATOM   152 N N   . GLU A 1 34  ? 1.309   -0.071  -7.348  1.00 63.74  ? 34  GLU A N   1 
ATOM   153 C CA  . GLU A 1 34  ? 1.836   -1.230  -8.083  1.00 67.67  ? 34  GLU A CA  1 
ATOM   154 C C   . GLU A 1 34  ? 1.617   -2.512  -7.276  1.00 67.25  ? 34  GLU A C   1 
ATOM   155 O O   . GLU A 1 34  ? 2.135   -2.611  -6.170  1.00 73.32  ? 34  GLU A O   1 
ATOM   156 C CB  . GLU A 1 34  ? 3.336   -1.048  -8.332  1.00 72.53  ? 34  GLU A CB  1 
ATOM   157 C CG  . GLU A 1 34  ? 3.684   0.130   -9.237  1.00 75.83  ? 34  GLU A CG  1 
ATOM   158 C CD  . GLU A 1 34  ? 3.610   -0.233  -10.705 1.00 80.45  ? 34  GLU A CD  1 
ATOM   159 O OE1 . GLU A 1 34  ? 4.431   -1.087  -11.127 1.00 77.98  ? 34  GLU A OE1 1 
ATOM   160 O OE2 . GLU A 1 34  ? 2.739   0.332   -11.419 1.00 73.24  ? 34  GLU A OE2 1 
ATOM   161 N N   . PRO A 1 35  ? 0.872   -3.499  -7.823  1.00 67.40  ? 35  PRO A N   1 
ATOM   162 C CA  . PRO A 1 35  ? 0.450   -4.660  -7.023  1.00 66.51  ? 35  PRO A CA  1 
ATOM   163 C C   . PRO A 1 35  ? 1.518   -5.402  -6.218  1.00 69.35  ? 35  PRO A C   1 
ATOM   164 O O   . PRO A 1 35  ? 1.164   -5.984  -5.196  1.00 77.92  ? 35  PRO A O   1 
ATOM   165 C CB  . PRO A 1 35  ? -0.167  -5.600  -8.060  1.00 66.44  ? 35  PRO A CB  1 
ATOM   166 C CG  . PRO A 1 35  ? -0.704  -4.696  -9.105  1.00 66.44  ? 35  PRO A CG  1 
ATOM   167 C CD  . PRO A 1 35  ? 0.231   -3.513  -9.157  1.00 69.52  ? 35  PRO A CD  1 
ATOM   168 N N   . TYR A 1 36  ? 2.777   -5.417  -6.664  1.00 63.87  ? 36  TYR A N   1 
ATOM   169 C CA  . TYR A 1 36  ? 3.856   -6.113  -5.914  1.00 60.98  ? 36  TYR A CA  1 
ATOM   170 C C   . TYR A 1 36  ? 5.157   -5.351  -5.664  1.00 60.37  ? 36  TYR A C   1 
ATOM   171 O O   . TYR A 1 36  ? 5.921   -5.735  -4.776  1.00 55.28  ? 36  TYR A O   1 
ATOM   172 C CB  . TYR A 1 36  ? 4.169   -7.455  -6.589  1.00 61.57  ? 36  TYR A CB  1 
ATOM   173 C CG  . TYR A 1 36  ? 3.114   -8.476  -6.279  1.00 63.33  ? 36  TYR A CG  1 
ATOM   174 C CD1 . TYR A 1 36  ? 3.160   -9.219  -5.088  1.00 61.92  ? 36  TYR A CD1 1 
ATOM   175 C CD2 . TYR A 1 36  ? 2.028   -8.670  -7.144  1.00 63.81  ? 36  TYR A CD2 1 
ATOM   176 C CE1 . TYR A 1 36  ? 2.167   -10.149 -4.785  1.00 61.61  ? 36  TYR A CE1 1 
ATOM   177 C CE2 . TYR A 1 36  ? 1.030   -9.595  -6.847  1.00 63.38  ? 36  TYR A CE2 1 
ATOM   178 C CZ  . TYR A 1 36  ? 1.105   -10.334 -5.672  1.00 61.98  ? 36  TYR A CZ  1 
ATOM   179 O OH  . TYR A 1 36  ? 0.105   -11.235 -5.389  1.00 57.59  ? 36  TYR A OH  1 
ATOM   180 N N   . PHE A 1 37  ? 5.400   -4.283  -6.423  1.00 62.17  ? 37  PHE A N   1 
ATOM   181 C CA  . PHE A 1 37  ? 6.638   -3.519  -6.338  1.00 62.02  ? 37  PHE A CA  1 
ATOM   182 C C   . PHE A 1 37  ? 6.475   -2.239  -5.526  1.00 62.49  ? 37  PHE A C   1 
ATOM   183 O O   . PHE A 1 37  ? 7.400   -1.440  -5.490  1.00 64.09  ? 37  PHE A O   1 
ATOM   184 C CB  . PHE A 1 37  ? 7.137   -3.196  -7.751  1.00 64.80  ? 37  PHE A CB  1 
ATOM   185 C CG  . PHE A 1 37  ? 7.248   -4.407  -8.625  1.00 69.59  ? 37  PHE A CG  1 
ATOM   186 C CD1 . PHE A 1 37  ? 8.379   -5.221  -8.564  1.00 71.93  ? 37  PHE A CD1 1 
ATOM   187 C CD2 . PHE A 1 37  ? 6.199   -4.778  -9.460  1.00 69.82  ? 37  PHE A CD2 1 
ATOM   188 C CE1 . PHE A 1 37  ? 8.473   -6.365  -9.344  1.00 70.20  ? 37  PHE A CE1 1 
ATOM   189 C CE2 . PHE A 1 37  ? 6.288   -5.919  -10.243 1.00 71.15  ? 37  PHE A CE2 1 
ATOM   190 C CZ  . PHE A 1 37  ? 7.430   -6.713  -10.187 1.00 70.37  ? 37  PHE A CZ  1 
ATOM   191 N N   . ASP A 1 38  ? 5.315   -2.038  -4.886  1.00 58.39  ? 38  ASP A N   1 
ATOM   192 C CA  . ASP A 1 38  ? 5.107   -0.890  -3.995  1.00 52.58  ? 38  ASP A CA  1 
ATOM   193 C C   . ASP A 1 38  ? 5.035   -1.353  -2.538  1.00 51.16  ? 38  ASP A C   1 
ATOM   194 O O   . ASP A 1 38  ? 4.469   -2.410  -2.230  1.00 47.62  ? 38  ASP A O   1 
ATOM   195 C CB  . ASP A 1 38  ? 3.840   -0.109  -4.370  1.00 50.99  ? 38  ASP A CB  1 
ATOM   196 C CG  . ASP A 1 38  ? 4.107   1.033   -5.333  1.00 50.07  ? 38  ASP A CG  1 
ATOM   197 O OD1 . ASP A 1 38  ? 5.272   1.442   -5.542  1.00 49.69  ? 38  ASP A OD1 1 
ATOM   198 O OD2 . ASP A 1 38  ? 3.118   1.552   -5.887  1.00 48.53  ? 38  ASP A OD2 1 
ATOM   199 N N   . PHE A 1 39  ? 5.620   -0.533  -1.668  1.00 47.89  ? 39  PHE A N   1 
ATOM   200 C CA  . PHE A 1 39  ? 5.785   -0.836  -0.247  1.00 47.18  ? 39  PHE A CA  1 
ATOM   201 C C   . PHE A 1 39  ? 5.306   0.387   0.540   1.00 43.40  ? 39  PHE A C   1 
ATOM   202 O O   . PHE A 1 39  ? 5.936   1.441   0.500   1.00 41.07  ? 39  PHE A O   1 
ATOM   203 C CB  . PHE A 1 39  ? 7.262   -1.141  0.017   1.00 44.88  ? 39  PHE A CB  1 
ATOM   204 C CG  . PHE A 1 39  ? 7.540   -1.729  1.362   1.00 44.56  ? 39  PHE A CG  1 
ATOM   205 C CD1 . PHE A 1 39  ? 7.147   -3.038  1.667   1.00 45.89  ? 39  PHE A CD1 1 
ATOM   206 C CD2 . PHE A 1 39  ? 8.236   -1.006  2.317   1.00 46.36  ? 39  PHE A CD2 1 
ATOM   207 C CE1 . PHE A 1 39  ? 7.415   -3.596  2.914   1.00 44.80  ? 39  PHE A CE1 1 
ATOM   208 C CE2 . PHE A 1 39  ? 8.508   -1.557  3.570   1.00 47.02  ? 39  PHE A CE2 1 
ATOM   209 C CZ  . PHE A 1 39  ? 8.101   -2.855  3.866   1.00 46.43  ? 39  PHE A CZ  1 
ATOM   210 N N   . ILE A 1 40  ? 4.169   0.260   1.213   1.00 41.60  ? 40  ILE A N   1 
ATOM   211 C CA  . ILE A 1 40  ? 3.573   1.406   1.888   1.00 43.88  ? 40  ILE A CA  1 
ATOM   212 C C   . ILE A 1 40  ? 4.238   1.554   3.249   1.00 44.47  ? 40  ILE A C   1 
ATOM   213 O O   . ILE A 1 40  ? 4.226   0.618   4.055   1.00 44.07  ? 40  ILE A O   1 
ATOM   214 C CB  . ILE A 1 40  ? 2.057   1.269   2.068   1.00 45.26  ? 40  ILE A CB  1 
ATOM   215 C CG1 . ILE A 1 40  ? 1.382   1.041   0.710   1.00 46.14  ? 40  ILE A CG1 1 
ATOM   216 C CG2 . ILE A 1 40  ? 1.496   2.528   2.727   1.00 47.21  ? 40  ILE A CG2 1 
ATOM   217 C CD1 . ILE A 1 40  ? -0.110  0.806   0.789   1.00 47.58  ? 40  ILE A CD1 1 
ATOM   218 N N   . ILE A 1 41  ? 4.817   2.731   3.481   1.00 43.21  ? 41  ILE A N   1 
ATOM   219 C CA  . ILE A 1 41  ? 5.555   3.015   4.709   1.00 45.22  ? 41  ILE A CA  1 
ATOM   220 C C   . ILE A 1 41  ? 4.985   4.181   5.555   1.00 43.81  ? 41  ILE A C   1 
ATOM   221 O O   . ILE A 1 41  ? 5.323   4.290   6.731   1.00 43.56  ? 41  ILE A O   1 
ATOM   222 C CB  . ILE A 1 41  ? 7.089   3.150   4.440   1.00 48.84  ? 41  ILE A CB  1 
ATOM   223 C CG1 . ILE A 1 41  ? 7.445   4.287   3.477   1.00 51.43  ? 41  ILE A CG1 1 
ATOM   224 C CG2 . ILE A 1 41  ? 7.642   1.868   3.837   1.00 48.27  ? 41  ILE A CG2 1 
ATOM   225 C CD1 . ILE A 1 41  ? 7.712   5.598   4.161   1.00 55.32  ? 41  ILE A CD1 1 
ATOM   226 N N   . THR A 1 42  ? 4.087   4.999   4.994   1.00 43.98  ? 42  THR A N   1 
ATOM   227 C CA  . THR A 1 42  ? 3.457   6.126   5.730   1.00 42.95  ? 42  THR A CA  1 
ATOM   228 C C   . THR A 1 42  ? 2.030   6.382   5.247   1.00 40.84  ? 42  THR A C   1 
ATOM   229 O O   . THR A 1 42  ? 1.742   6.250   4.067   1.00 39.50  ? 42  THR A O   1 
ATOM   230 C CB  . THR A 1 42  ? 4.255   7.448   5.562   1.00 43.19  ? 42  THR A CB  1 
ATOM   231 O OG1 . THR A 1 42  ? 5.617   7.255   5.965   1.00 41.28  ? 42  THR A OG1 1 
ATOM   232 C CG2 . THR A 1 42  ? 3.664   8.583   6.391   1.00 45.30  ? 42  THR A CG2 1 
ATOM   233 N N   . ILE A 1 43  ? 1.154   6.750   6.177   1.00 40.50  ? 43  ILE A N   1 
ATOM   234 C CA  . ILE A 1 43  ? -0.168  7.296   5.856   1.00 40.32  ? 43  ILE A CA  1 
ATOM   235 C C   . ILE A 1 43  ? -0.349  8.531   6.723   1.00 40.64  ? 43  ILE A C   1 
ATOM   236 O O   . ILE A 1 43  ? -0.320  8.431   7.944   1.00 43.02  ? 43  ILE A O   1 
ATOM   237 C CB  . ILE A 1 43  ? -1.321  6.283   6.071   1.00 40.04  ? 43  ILE A CB  1 
ATOM   238 C CG1 . ILE A 1 43  ? -2.679  6.957   5.825   1.00 40.54  ? 43  ILE A CG1 1 
ATOM   239 C CG2 . ILE A 1 43  ? -1.295  5.636   7.456   1.00 40.39  ? 43  ILE A CG2 1 
ATOM   240 C CD1 . ILE A 1 43  ? -3.829  5.979   5.707   1.00 41.01  ? 43  ILE A CD1 1 
ATOM   241 N N   . GLY A 1 44  ? -0.508  9.693   6.091   1.00 40.49  ? 44  GLY A N   1 
ATOM   242 C CA  . GLY A 1 44  ? -0.579  10.959  6.808   1.00 39.75  ? 44  GLY A CA  1 
ATOM   243 C C   . GLY A 1 44  ? 0.737   11.243  7.511   1.00 41.84  ? 44  GLY A C   1 
ATOM   244 O O   . GLY A 1 44  ? 1.801   11.300  6.877   1.00 44.47  ? 44  GLY A O   1 
ATOM   245 N N   . HIS A 1 45  ? 0.659   11.388  8.829   1.00 42.58  ? 45  HIS A N   1 
ATOM   246 C CA  . HIS A 1 45  ? 1.819   11.620  9.680   1.00 42.24  ? 45  HIS A CA  1 
ATOM   247 C C   . HIS A 1 45  ? 2.171   10.366  10.498  1.00 41.17  ? 45  HIS A C   1 
ATOM   248 O O   . HIS A 1 45  ? 2.961   10.439  11.442  1.00 40.18  ? 45  HIS A O   1 
ATOM   249 C CB  . HIS A 1 45  ? 1.529   12.813  10.594  1.00 46.60  ? 45  HIS A CB  1 
ATOM   250 C CG  . HIS A 1 45  ? 1.012   14.021  9.863   1.00 52.78  ? 45  HIS A CG  1 
ATOM   251 N ND1 . HIS A 1 45  ? 1.604   14.507  8.713   1.00 53.99  ? 45  HIS A ND1 1 
ATOM   252 C CD2 . HIS A 1 45  ? -0.039  14.839  10.118  1.00 54.81  ? 45  HIS A CD2 1 
ATOM   253 C CE1 . HIS A 1 45  ? 0.940   15.572  8.293   1.00 55.35  ? 45  HIS A CE1 1 
ATOM   254 N NE2 . HIS A 1 45  ? -0.057  15.798  9.131   1.00 56.71  ? 45  HIS A NE2 1 
ATOM   255 N N   . SER A 1 46  ? 1.604   9.220   10.107  1.00 39.05  ? 46  SER A N   1 
ATOM   256 C CA  . SER A 1 46  ? 1.776   7.956   10.799  1.00 39.22  ? 46  SER A CA  1 
ATOM   257 C C   . SER A 1 46  ? 2.725   7.034   10.040  1.00 39.80  ? 46  SER A C   1 
ATOM   258 O O   . SER A 1 46  ? 2.403   6.564   8.952   1.00 41.14  ? 46  SER A O   1 
ATOM   259 C CB  . SER A 1 46  ? 0.418   7.270   10.968  1.00 38.34  ? 46  SER A CB  1 
ATOM   260 O OG  . SER A 1 46  ? -0.454  8.110   11.699  1.00 39.50  ? 46  SER A OG  1 
ATOM   261 N N   . ARG A 1 47  ? 3.893   6.788   10.625  1.00 40.38  ? 47  ARG A N   1 
ATOM   262 C CA  . ARG A 1 47  ? 4.845   5.831   10.092  1.00 42.27  ? 47  ARG A CA  1 
ATOM   263 C C   . ARG A 1 47  ? 4.332   4.455   10.394  1.00 43.81  ? 47  ARG A C   1 
ATOM   264 O O   . ARG A 1 47  ? 4.151   4.118   11.558  1.00 46.44  ? 47  ARG A O   1 
ATOM   265 C CB  . ARG A 1 47  ? 6.219   6.004   10.747  1.00 43.08  ? 47  ARG A CB  1 
ATOM   266 C CG  . ARG A 1 47  ? 7.271   5.002   10.291  1.00 42.73  ? 47  ARG A CG  1 
ATOM   267 C CD  . ARG A 1 47  ? 7.723   5.212   8.847   1.00 41.91  ? 47  ARG A CD  1 
ATOM   268 N NE  . ARG A 1 47  ? 8.766   4.247   8.515   1.00 40.14  ? 47  ARG A NE  1 
ATOM   269 C CZ  . ARG A 1 47  ? 8.567   2.953   8.264   1.00 42.70  ? 47  ARG A CZ  1 
ATOM   270 N NH1 . ARG A 1 47  ? 7.339   2.425   8.219   1.00 44.05  ? 47  ARG A NH1 1 
ATOM   271 N NH2 . ARG A 1 47  ? 9.622   2.173   8.033   1.00 41.88  ? 47  ARG A NH2 1 
ATOM   272 N N   . LEU A 1 48  ? 4.134   3.653   9.350   1.00 45.77  ? 48  LEU A N   1 
ATOM   273 C CA  . LEU A 1 48  ? 3.570   2.308   9.492   1.00 46.06  ? 48  LEU A CA  1 
ATOM   274 C C   . LEU A 1 48  ? 4.658   1.282   9.791   1.00 44.13  ? 48  LEU A C   1 
ATOM   275 O O   . LEU A 1 48  ? 4.973   0.428   8.962   1.00 40.43  ? 48  LEU A O   1 
ATOM   276 C CB  . LEU A 1 48  ? 2.779   1.924   8.233   1.00 48.19  ? 48  LEU A CB  1 
ATOM   277 C CG  . LEU A 1 48  ? 1.520   2.767   7.995   1.00 47.30  ? 48  LEU A CG  1 
ATOM   278 C CD1 . LEU A 1 48  ? 1.078   2.681   6.546   1.00 48.07  ? 48  LEU A CD1 1 
ATOM   279 C CD2 . LEU A 1 48  ? 0.398   2.323   8.914   1.00 48.05  ? 48  LEU A CD2 1 
ATOM   280 N N   . ASN A 1 49  ? 5.204   1.371   11.002  1.00 45.01  ? 49  ASN A N   1 
ATOM   281 C CA  . ASN A 1 49  ? 6.312   0.520   11.443  1.00 45.32  ? 49  ASN A CA  1 
ATOM   282 C C   . ASN A 1 49  ? 5.955   -0.308  12.679  1.00 46.29  ? 49  ASN A C   1 
ATOM   283 O O   . ASN A 1 49  ? 6.835   -0.661  13.455  1.00 50.30  ? 49  ASN A O   1 
ATOM   284 C CB  . ASN A 1 49  ? 7.584   1.369   11.669  1.00 42.49  ? 49  ASN A CB  1 
ATOM   285 C CG  . ASN A 1 49  ? 7.452   2.372   12.801  1.00 40.59  ? 49  ASN A CG  1 
ATOM   286 O OD1 . ASN A 1 49  ? 6.361   2.643   13.309  1.00 40.03  ? 49  ASN A OD1 1 
ATOM   287 N ND2 . ASN A 1 49  ? 8.577   2.936   13.198  1.00 39.69  ? 49  ASN A ND2 1 
ATOM   288 N N   . LYS A 1 50  ? 4.669   -0.605  12.859  1.00 48.88  ? 50  LYS A N   1 
ATOM   289 C CA  . LYS A 1 50  ? 4.203   -1.488  13.935  1.00 52.68  ? 50  LYS A CA  1 
ATOM   290 C C   . LYS A 1 50  ? 2.931   -2.203  13.490  1.00 54.93  ? 50  LYS A C   1 
ATOM   291 O O   . LYS A 1 50  ? 2.070   -1.605  12.843  1.00 55.46  ? 50  LYS A O   1 
ATOM   292 C CB  . LYS A 1 50  ? 3.942   -0.714  15.233  1.00 53.57  ? 50  LYS A CB  1 
ATOM   293 C CG  . LYS A 1 50  ? 4.363   -1.486  16.479  1.00 56.89  ? 50  LYS A CG  1 
ATOM   294 C CD  . LYS A 1 50  ? 3.666   -1.007  17.747  1.00 59.56  ? 50  LYS A CD  1 
ATOM   295 C CE  . LYS A 1 50  ? 2.307   -1.666  17.918  1.00 62.37  ? 50  LYS A CE  1 
ATOM   296 N NZ  . LYS A 1 50  ? 1.673   -1.340  19.223  1.00 63.35  ? 50  LYS A NZ  1 
ATOM   297 N N   . GLU A 1 51  ? 2.820   -3.481  13.838  1.00 58.92  ? 51  GLU A N   1 
ATOM   298 C CA  . GLU A 1 51  ? 1.701   -4.305  13.383  1.00 60.18  ? 51  GLU A CA  1 
ATOM   299 C C   . GLU A 1 51  ? 0.473   -4.084  14.259  1.00 60.26  ? 51  GLU A C   1 
ATOM   300 O O   . GLU A 1 51  ? 0.213   -4.836  15.203  1.00 61.95  ? 51  GLU A O   1 
ATOM   301 C CB  . GLU A 1 51  ? 2.091   -5.779  13.344  1.00 60.30  ? 51  GLU A CB  1 
ATOM   302 C CG  . GLU A 1 51  ? 1.013   -6.677  12.755  1.00 59.55  ? 51  GLU A CG  1 
ATOM   303 C CD  . GLU A 1 51  ? 1.554   -7.940  12.122  1.00 60.51  ? 51  GLU A CD  1 
ATOM   304 O OE1 . GLU A 1 51  ? 2.706   -8.340  12.413  1.00 61.30  ? 51  GLU A OE1 1 
ATOM   305 O OE2 . GLU A 1 51  ? 0.812   -8.540  11.322  1.00 65.44  ? 51  GLU A OE2 1 
ATOM   306 N N   . ASN A 1 52  ? -0.259  -3.024  13.937  1.00 55.92  ? 52  ASN A N   1 
ATOM   307 C CA  . ASN A 1 52  ? -1.512  -2.699  14.600  1.00 57.55  ? 52  ASN A CA  1 
ATOM   308 C C   . ASN A 1 52  ? -2.513  -2.281  13.531  1.00 58.35  ? 52  ASN A C   1 
ATOM   309 O O   . ASN A 1 52  ? -2.231  -2.418  12.337  1.00 61.33  ? 52  ASN A O   1 
ATOM   310 C CB  . ASN A 1 52  ? -1.291  -1.622  15.685  1.00 56.57  ? 52  ASN A CB  1 
ATOM   311 C CG  . ASN A 1 52  ? -0.655  -0.349  15.153  1.00 54.18  ? 52  ASN A CG  1 
ATOM   312 O OD1 . ASN A 1 52  ? -0.438  -0.185  13.954  1.00 55.61  ? 52  ASN A OD1 1 
ATOM   313 N ND2 . ASN A 1 52  ? -0.345  0.564   16.059  1.00 53.14  ? 52  ASN A ND2 1 
ATOM   314 N N   . ASP A 1 53  ? -3.668  -1.767  13.943  1.00 61.65  ? 53  ASP A N   1 
ATOM   315 C CA  . ASP A 1 53  ? -4.727  -1.405  12.993  1.00 64.94  ? 53  ASP A CA  1 
ATOM   316 C C   . ASP A 1 53  ? -4.679  0.069   12.558  1.00 59.09  ? 53  ASP A C   1 
ATOM   317 O O   . ASP A 1 53  ? -5.671  0.588   12.034  1.00 59.09  ? 53  ASP A O   1 
ATOM   318 C CB  . ASP A 1 53  ? -6.114  -1.802  13.553  1.00 70.23  ? 53  ASP A CB  1 
ATOM   319 C CG  . ASP A 1 53  ? -6.457  -1.094  14.866  1.00 76.91  ? 53  ASP A CG  1 
ATOM   320 O OD1 . ASP A 1 53  ? -5.556  -0.953  15.732  1.00 77.26  ? 53  ASP A OD1 1 
ATOM   321 O OD2 . ASP A 1 53  ? -7.632  -0.693  15.031  1.00 79.57  ? 53  ASP A OD2 1 
ATOM   322 N N   . THR A 1 54  ? -3.518  0.717   12.733  1.00 54.62  ? 54  THR A N   1 
ATOM   323 C CA  . THR A 1 54  ? -3.312  2.125   12.355  1.00 50.74  ? 54  THR A CA  1 
ATOM   324 C C   . THR A 1 54  ? -3.659  2.426   10.893  1.00 48.31  ? 54  THR A C   1 
ATOM   325 O O   . THR A 1 54  ? -4.271  3.463   10.608  1.00 47.92  ? 54  THR A O   1 
ATOM   326 C CB  . THR A 1 54  ? -1.856  2.573   12.639  1.00 49.78  ? 54  THR A CB  1 
ATOM   327 O OG1 . THR A 1 54  ? -1.603  2.477   14.041  1.00 49.66  ? 54  THR A OG1 1 
ATOM   328 C CG2 . THR A 1 54  ? -1.576  4.035   12.178  1.00 47.96  ? 54  THR A CG2 1 
ATOM   329 N N   . LEU A 1 55  ? -3.265  1.542   9.977   1.00 47.81  ? 55  LEU A N   1 
ATOM   330 C CA  . LEU A 1 55  ? -3.577  1.725   8.553   1.00 47.91  ? 55  LEU A CA  1 
ATOM   331 C C   . LEU A 1 55  ? -5.082  1.767   8.367   1.00 48.96  ? 55  LEU A C   1 
ATOM   332 O O   . LEU A 1 55  ? -5.606  2.763   7.875   1.00 47.75  ? 55  LEU A O   1 
ATOM   333 C CB  . LEU A 1 55  ? -2.965  0.622   7.681   1.00 46.55  ? 55  LEU A CB  1 
ATOM   334 C CG  . LEU A 1 55  ? -3.341  0.631   6.186   1.00 47.58  ? 55  LEU A CG  1 
ATOM   335 C CD1 . LEU A 1 55  ? -2.878  1.890   5.471   1.00 46.64  ? 55  LEU A CD1 1 
ATOM   336 C CD2 . LEU A 1 55  ? -2.771  -0.588  5.494   1.00 47.95  ? 55  LEU A CD2 1 
ATOM   337 N N   . LYS A 1 56  ? -5.763  0.695   8.780   1.00 52.92  ? 56  LYS A N   1 
ATOM   338 C CA  . LYS A 1 56  ? -7.234  0.599   8.677   1.00 54.75  ? 56  LYS A CA  1 
ATOM   339 C C   . LYS A 1 56  ? -7.929  1.818   9.289   1.00 55.36  ? 56  LYS A C   1 
ATOM   340 O O   . LYS A 1 56  ? -8.819  2.409   8.665   1.00 57.41  ? 56  LYS A O   1 
ATOM   341 C CB  . LYS A 1 56  ? -7.763  -0.680  9.345   1.00 58.72  ? 56  LYS A CB  1 
ATOM   342 C CG  . LYS A 1 56  ? -7.678  -1.941  8.486   1.00 62.35  ? 56  LYS A CG  1 
ATOM   343 C CD  . LYS A 1 56  ? -7.936  -3.198  9.321   1.00 65.89  ? 56  LYS A CD  1 
ATOM   344 C CE  . LYS A 1 56  ? -8.370  -4.376  8.462   1.00 69.18  ? 56  LYS A CE  1 
ATOM   345 N NZ  . LYS A 1 56  ? -8.261  -5.685  9.170   1.00 70.00  ? 56  LYS A NZ  1 
ATOM   346 N N   . ALA A 1 57  ? -7.497  2.185   10.497  1.00 52.77  ? 57  ALA A N   1 
ATOM   347 C CA  . ALA A 1 57  ? -8.063  3.306   11.261  1.00 50.12  ? 57  ALA A CA  1 
ATOM   348 C C   . ALA A 1 57  ? -7.988  4.633   10.523  1.00 53.34  ? 57  ALA A C   1 
ATOM   349 O O   . ALA A 1 57  ? -8.979  5.366   10.476  1.00 62.20  ? 57  ALA A O   1 
ATOM   350 C CB  . ALA A 1 57  ? -7.362  3.429   12.608  1.00 48.95  ? 57  ALA A CB  1 
ATOM   351 N N   . LEU A 1 58  ? -6.824  4.949   9.955   1.00 50.51  ? 58  LEU A N   1 
ATOM   352 C CA  . LEU A 1 58  ? -6.656  6.211   9.228   1.00 51.07  ? 58  LEU A CA  1 
ATOM   353 C C   . LEU A 1 58  ? -7.308  6.193   7.844   1.00 52.34  ? 58  LEU A C   1 
ATOM   354 O O   . LEU A 1 58  ? -7.700  7.251   7.348   1.00 59.03  ? 58  LEU A O   1 
ATOM   355 C CB  . LEU A 1 58  ? -5.179  6.625   9.154   1.00 50.39  ? 58  LEU A CB  1 
ATOM   356 C CG  . LEU A 1 58  ? -4.632  7.050   10.530  1.00 51.98  ? 58  LEU A CG  1 
ATOM   357 C CD1 . LEU A 1 58  ? -3.117  7.059   10.566  1.00 51.12  ? 58  LEU A CD1 1 
ATOM   358 C CD2 . LEU A 1 58  ? -5.170  8.408   10.972  1.00 51.82  ? 58  LEU A CD2 1 
ATOM   359 N N   . LEU A 1 59  ? -7.428  5.019   7.224   1.00 48.56  ? 59  LEU A N   1 
ATOM   360 C CA  . LEU A 1 59  ? -8.274  4.874   6.037   1.00 49.89  ? 59  LEU A CA  1 
ATOM   361 C C   . LEU A 1 59  ? -9.754  5.157   6.389   1.00 50.97  ? 59  LEU A C   1 
ATOM   362 O O   . LEU A 1 59  ? -10.408 5.940   5.697   1.00 45.97  ? 59  LEU A O   1 
ATOM   363 C CB  . LEU A 1 59  ? -8.130  3.478   5.397   1.00 48.72  ? 59  LEU A CB  1 
ATOM   364 C CG  . LEU A 1 59  ? -6.810  3.033   4.745   1.00 47.45  ? 59  LEU A CG  1 
ATOM   365 C CD1 . LEU A 1 59  ? -7.032  1.719   4.020   1.00 48.32  ? 59  LEU A CD1 1 
ATOM   366 C CD2 . LEU A 1 59  ? -6.231  4.050   3.772   1.00 46.61  ? 59  LEU A CD2 1 
ATOM   367 N N   . LYS A 1 60  ? -10.254 4.534   7.466   1.00 54.15  ? 60  LYS A N   1 
ATOM   368 C CA  . LYS A 1 60  ? -11.615 4.793   7.994   1.00 60.24  ? 60  LYS A CA  1 
ATOM   369 C C   . LYS A 1 60  ? -11.841 6.276   8.270   1.00 58.85  ? 60  LYS A C   1 
ATOM   370 O O   . LYS A 1 60  ? -12.800 6.865   7.779   1.00 57.89  ? 60  LYS A O   1 
ATOM   371 C CB  . LYS A 1 60  ? -11.880 4.017   9.298   1.00 66.78  ? 60  LYS A CB  1 
ATOM   372 C CG  . LYS A 1 60  ? -12.204 2.541   9.127   1.00 73.28  ? 60  LYS A CG  1 
ATOM   373 C CD  . LYS A 1 60  ? -12.335 1.838   10.477  1.00 78.91  ? 60  LYS A CD  1 
ATOM   374 C CE  . LYS A 1 60  ? -12.230 0.316   10.359  1.00 83.87  ? 60  LYS A CE  1 
ATOM   375 N NZ  . LYS A 1 60  ? -11.662 -0.302  11.594  1.00 83.10  ? 60  LYS A NZ  1 
ATOM   376 N N   . ALA A 1 61  ? -10.929 6.862   9.044   1.00 58.08  ? 61  ALA A N   1 
ATOM   377 C CA  . ALA A 1 61  ? -10.960 8.289   9.391   1.00 56.29  ? 61  ALA A CA  1 
ATOM   378 C C   . ALA A 1 61  ? -10.999 9.236   8.198   1.00 53.70  ? 61  ALA A C   1 
ATOM   379 O O   . ALA A 1 61  ? -11.522 10.334  8.327   1.00 53.21  ? 61  ALA A O   1 
ATOM   380 C CB  . ALA A 1 61  ? -9.766  8.649   10.275  1.00 56.11  ? 61  ALA A CB  1 
ATOM   381 N N   . ASN A 1 62  ? -10.438 8.829   7.056   1.00 54.09  ? 62  ASN A N   1 
ATOM   382 C CA  . ASN A 1 62  ? -10.330 9.703   5.883   1.00 55.07  ? 62  ASN A CA  1 
ATOM   383 C C   . ASN A 1 62  ? -11.151 9.218   4.675   1.00 56.93  ? 62  ASN A C   1 
ATOM   384 O O   . ASN A 1 62  ? -10.749 9.399   3.524   1.00 55.13  ? 62  ASN A O   1 
ATOM   385 C CB  . ASN A 1 62  ? -8.853  9.875   5.514   1.00 55.75  ? 62  ASN A CB  1 
ATOM   386 C CG  . ASN A 1 62  ? -8.070  10.632  6.575   1.00 55.59  ? 62  ASN A CG  1 
ATOM   387 O OD1 . ASN A 1 62  ? -7.892  11.851  6.475   1.00 53.84  ? 62  ASN A OD1 1 
ATOM   388 N ND2 . ASN A 1 62  ? -7.598  9.917   7.598   1.00 52.37  ? 62  ASN A ND2 1 
ATOM   389 N N   . VAL A 1 63  ? -12.329 8.655   4.940   1.00 61.34  ? 63  VAL A N   1 
ATOM   390 C CA  . VAL A 1 63  ? -13.179 8.102   3.884   1.00 61.46  ? 63  VAL A CA  1 
ATOM   391 C C   . VAL A 1 63  ? -13.730 9.247   3.012   1.00 64.23  ? 63  VAL A C   1 
ATOM   392 O O   . VAL A 1 63  ? -14.113 10.311  3.518   1.00 68.40  ? 63  VAL A O   1 
ATOM   393 C CB  . VAL A 1 63  ? -14.294 7.181   4.465   1.00 64.87  ? 63  VAL A CB  1 
ATOM   394 C CG1 . VAL A 1 63  ? -15.450 7.972   5.082   1.00 66.98  ? 63  VAL A CG1 1 
ATOM   395 C CG2 . VAL A 1 63  ? -14.803 6.219   3.406   1.00 67.05  ? 63  VAL A CG2 1 
ATOM   396 N N   . GLU A 1 64  ? -13.726 9.027   1.699   1.00 62.69  ? 64  GLU A N   1 
ATOM   397 C CA  . GLU A 1 64  ? -14.122 10.026  0.702   1.00 64.12  ? 64  GLU A CA  1 
ATOM   398 C C   . GLU A 1 64  ? -13.379 11.367  0.853   1.00 62.35  ? 64  GLU A C   1 
ATOM   399 O O   . GLU A 1 64  ? -13.927 12.445  0.608   1.00 66.37  ? 64  GLU A O   1 
ATOM   400 C CB  . GLU A 1 64  ? -15.660 10.184  0.684   1.00 65.93  ? 64  GLU A CB  1 
ATOM   401 C CG  . GLU A 1 64  ? -16.380 9.166   -0.204  1.00 67.56  ? 64  GLU A CG  1 
ATOM   402 C CD  . GLU A 1 64  ? -16.745 7.863   0.475   1.00 72.80  ? 64  GLU A CD  1 
ATOM   403 O OE1 . GLU A 1 64  ? -17.113 7.864   1.670   1.00 76.71  ? 64  GLU A OE1 1 
ATOM   404 O OE2 . GLU A 1 64  ? -16.698 6.823   -0.215  1.00 75.68  ? 64  GLU A OE2 1 
ATOM   405 N N   . LYS A 1 65  ? -12.102 11.262  1.213   1.00 61.19  ? 65  LYS A N   1 
ATOM   406 C CA  . LYS A 1 65  ? -11.258 12.398  1.597   1.00 57.83  ? 65  LYS A CA  1 
ATOM   407 C C   . LYS A 1 65  ? -9.833  12.118  1.114   1.00 55.81  ? 65  LYS A C   1 
ATOM   408 O O   . LYS A 1 65  ? -9.413  10.957  1.130   1.00 55.90  ? 65  LYS A O   1 
ATOM   409 C CB  . LYS A 1 65  ? -11.269 12.525  3.123   1.00 56.07  ? 65  LYS A CB  1 
ATOM   410 C CG  . LYS A 1 65  ? -11.130 13.935  3.647   1.00 55.54  ? 65  LYS A CG  1 
ATOM   411 C CD  . LYS A 1 65  ? -11.460 13.988  5.127   1.00 53.90  ? 65  LYS A CD  1 
ATOM   412 C CE  . LYS A 1 65  ? -11.089 15.338  5.720   1.00 56.12  ? 65  LYS A CE  1 
ATOM   413 N NZ  . LYS A 1 65  ? -10.750 15.239  7.164   1.00 56.74  ? 65  LYS A NZ  1 
ATOM   414 N N   . PRO A 1 66  ? -9.084  13.157  0.689   1.00 54.42  ? 66  PRO A N   1 
ATOM   415 C CA  . PRO A 1 66  ? -7.741  12.899  0.170   1.00 54.97  ? 66  PRO A CA  1 
ATOM   416 C C   . PRO A 1 66  ? -6.727  12.690  1.290   1.00 52.36  ? 66  PRO A C   1 
ATOM   417 O O   . PRO A 1 66  ? -6.659  13.490  2.219   1.00 51.53  ? 66  PRO A O   1 
ATOM   418 C CB  . PRO A 1 66  ? -7.425  14.163  -0.622  1.00 55.87  ? 66  PRO A CB  1 
ATOM   419 C CG  . PRO A 1 66  ? -8.169  15.233  0.092   1.00 56.89  ? 66  PRO A CG  1 
ATOM   420 C CD  . PRO A 1 66  ? -9.395  14.599  0.687   1.00 56.46  ? 66  PRO A CD  1 
ATOM   421 N N   . VAL A 1 67  ? -5.960  11.609  1.194   1.00 54.04  ? 67  VAL A N   1 
ATOM   422 C CA  . VAL A 1 67  ? -4.966  11.266  2.200   1.00 56.41  ? 67  VAL A CA  1 
ATOM   423 C C   . VAL A 1 67  ? -3.662  10.831  1.510   1.00 55.89  ? 67  VAL A C   1 
ATOM   424 O O   . VAL A 1 67  ? -3.686  10.051  0.554   1.00 51.26  ? 67  VAL A O   1 
ATOM   425 C CB  . VAL A 1 67  ? -5.533  10.209  3.182   1.00 58.18  ? 67  VAL A CB  1 
ATOM   426 C CG1 . VAL A 1 67  ? -5.781  8.870   2.502   1.00 59.16  ? 67  VAL A CG1 1 
ATOM   427 C CG2 . VAL A 1 67  ? -4.632  10.054  4.400   1.00 61.45  ? 67  VAL A CG2 1 
ATOM   428 N N   . LYS A 1 68  ? -2.533  11.368  1.981   1.00 58.80  ? 68  LYS A N   1 
ATOM   429 C CA  . LYS A 1 68  ? -1.224  11.106  1.356   1.00 58.01  ? 68  LYS A CA  1 
ATOM   430 C C   . LYS A 1 68  ? -0.521  9.898   1.970   1.00 52.89  ? 68  LYS A C   1 
ATOM   431 O O   . LYS A 1 68  ? -0.434  9.770   3.193   1.00 49.92  ? 68  LYS A O   1 
ATOM   432 C CB  . LYS A 1 68  ? -0.316  12.335  1.425   1.00 62.08  ? 68  LYS A CB  1 
ATOM   433 C CG  . LYS A 1 68  ? -0.496  13.290  0.253   1.00 70.65  ? 68  LYS A CG  1 
ATOM   434 C CD  . LYS A 1 68  ? 0.671   14.260  0.146   1.00 77.73  ? 68  LYS A CD  1 
ATOM   435 C CE  . LYS A 1 68  ? 0.485   15.232  -1.008  1.00 80.71  ? 68  LYS A CE  1 
ATOM   436 N NZ  . LYS A 1 68  ? 1.384   16.413  -0.855  1.00 81.84  ? 68  LYS A NZ  1 
ATOM   437 N N   . LEU A 1 69  ? -0.054  9.010   1.095   1.00 49.50  ? 69  LEU A N   1 
ATOM   438 C CA  . LEU A 1 69  ? 0.768   7.867   1.467   1.00 48.24  ? 69  LEU A CA  1 
ATOM   439 C C   . LEU A 1 69  ? 2.172   8.174   1.023   1.00 49.12  ? 69  LEU A C   1 
ATOM   440 O O   . LEU A 1 69  ? 2.355   8.929   0.070   1.00 50.75  ? 69  LEU A O   1 
ATOM   441 C CB  . LEU A 1 69  ? 0.339   6.602   0.723   1.00 48.34  ? 69  LEU A CB  1 
ATOM   442 C CG  . LEU A 1 69  ? -0.874  5.793   1.176   1.00 49.27  ? 69  LEU A CG  1 
ATOM   443 C CD1 . LEU A 1 69  ? -2.077  6.665   1.478   1.00 51.77  ? 69  LEU A CD1 1 
ATOM   444 C CD2 . LEU A 1 69  ? -1.212  4.787   0.092   1.00 48.02  ? 69  LEU A CD2 1 
ATOM   445 N N   . GLU A 1 70  ? 3.154   7.595   1.718   1.00 48.10  ? 70  GLU A N   1 
ATOM   446 C CA  . GLU A 1 70  ? 4.508   7.453   1.182   1.00 45.18  ? 70  GLU A CA  1 
ATOM   447 C C   . GLU A 1 70  ? 4.678   5.984   0.833   1.00 44.99  ? 70  GLU A C   1 
ATOM   448 O O   . GLU A 1 70  ? 4.297   5.086   1.614   1.00 40.80  ? 70  GLU A O   1 
ATOM   449 C CB  . GLU A 1 70  ? 5.582   7.907   2.167   1.00 43.74  ? 70  GLU A CB  1 
ATOM   450 C CG  . GLU A 1 70  ? 5.460   9.371   2.557   1.00 43.67  ? 70  GLU A CG  1 
ATOM   451 C CD  . GLU A 1 70  ? 6.517   9.814   3.550   1.00 42.50  ? 70  GLU A CD  1 
ATOM   452 O OE1 . GLU A 1 70  ? 6.882   9.008   4.421   1.00 42.96  ? 70  GLU A OE1 1 
ATOM   453 O OE2 . GLU A 1 70  ? 6.972   10.975  3.479   1.00 41.31  ? 70  GLU A OE2 1 
ATOM   454 N N   . VAL A 1 71  ? 5.216   5.758   -0.362  1.00 45.61  ? 71  VAL A N   1 
ATOM   455 C CA  . VAL A 1 71  ? 5.296   4.432   -0.947  1.00 47.09  ? 71  VAL A CA  1 
ATOM   456 C C   . VAL A 1 71  ? 6.668   4.256   -1.584  1.00 47.93  ? 71  VAL A C   1 
ATOM   457 O O   . VAL A 1 71  ? 7.155   5.151   -2.283  1.00 48.24  ? 71  VAL A O   1 
ATOM   458 C CB  . VAL A 1 71  ? 4.188   4.207   -2.009  1.00 47.03  ? 71  VAL A CB  1 
ATOM   459 C CG1 . VAL A 1 71  ? 4.160   2.744   -2.434  1.00 47.73  ? 71  VAL A CG1 1 
ATOM   460 C CG2 . VAL A 1 71  ? 2.815   4.625   -1.478  1.00 45.03  ? 71  VAL A CG2 1 
ATOM   461 N N   . PHE A 1 72  ? 7.276   3.099   -1.333  1.00 48.62  ? 72  PHE A N   1 
ATOM   462 C CA  . PHE A 1 72  ? 8.593   2.768   -1.853  1.00 49.39  ? 72  PHE A CA  1 
ATOM   463 C C   . PHE A 1 72  ? 8.426   1.764   -2.988  1.00 50.64  ? 72  PHE A C   1 
ATOM   464 O O   . PHE A 1 72  ? 7.905   0.669   -2.771  1.00 49.98  ? 72  PHE A O   1 
ATOM   465 C CB  . PHE A 1 72  ? 9.465   2.178   -0.746  1.00 48.50  ? 72  PHE A CB  1 
ATOM   466 C CG  . PHE A 1 72  ? 10.865  1.837   -1.190  1.00 49.27  ? 72  PHE A CG  1 
ATOM   467 C CD1 . PHE A 1 72  ? 11.170  0.574   -1.678  1.00 48.13  ? 72  PHE A CD1 1 
ATOM   468 C CD2 . PHE A 1 72  ? 11.884  2.788   -1.121  1.00 49.91  ? 72  PHE A CD2 1 
ATOM   469 C CE1 . PHE A 1 72  ? 12.458  0.266   -2.095  1.00 47.95  ? 72  PHE A CE1 1 
ATOM   470 C CE2 . PHE A 1 72  ? 13.170  2.483   -1.533  1.00 48.18  ? 72  PHE A CE2 1 
ATOM   471 C CZ  . PHE A 1 72  ? 13.456  1.218   -2.020  1.00 47.67  ? 72  PHE A CZ  1 
ATOM   472 N N   . ASN A 1 73  ? 8.885   2.151   -4.177  1.00 52.10  ? 73  ASN A N   1 
ATOM   473 C CA  . ASN A 1 73  ? 8.814   1.349   -5.396  1.00 56.45  ? 73  ASN A CA  1 
ATOM   474 C C   . ASN A 1 73  ? 10.108  0.517   -5.554  1.00 61.40  ? 73  ASN A C   1 
ATOM   475 O O   . ASN A 1 73  ? 11.209  1.069   -5.611  1.00 63.84  ? 73  ASN A O   1 
ATOM   476 C CB  . ASN A 1 73  ? 8.585   2.301   -6.585  1.00 60.21  ? 73  ASN A CB  1 
ATOM   477 C CG  . ASN A 1 73  ? 8.264   1.584   -7.897  1.00 63.27  ? 73  ASN A CG  1 
ATOM   478 O OD1 . ASN A 1 73  ? 9.040   0.764   -8.389  1.00 64.61  ? 73  ASN A OD1 1 
ATOM   479 N ND2 . ASN A 1 73  ? 7.123   1.935   -8.491  1.00 64.92  ? 73  ASN A ND2 1 
ATOM   480 N N   . MET A 1 74  ? 9.964   -0.807  -5.630  1.00 65.72  ? 74  MET A N   1 
ATOM   481 C CA  . MET A 1 74  ? 11.104  -1.744  -5.690  1.00 70.46  ? 74  MET A CA  1 
ATOM   482 C C   . MET A 1 74  ? 11.763  -1.914  -7.069  1.00 71.94  ? 74  MET A C   1 
ATOM   483 O O   . MET A 1 74  ? 12.723  -2.674  -7.191  1.00 74.94  ? 74  MET A O   1 
ATOM   484 C CB  . MET A 1 74  ? 10.691  -3.128  -5.155  1.00 75.46  ? 74  MET A CB  1 
ATOM   485 C CG  . MET A 1 74  ? 10.888  -3.273  -3.659  1.00 81.54  ? 74  MET A CG  1 
ATOM   486 S SD  . MET A 1 74  ? 10.065  -4.729  -3.000  1.00 86.20  ? 74  MET A SD  1 
ATOM   487 C CE  . MET A 1 74  ? 8.385   -4.132  -2.838  1.00 92.28  ? 74  MET A CE  1 
ATOM   488 N N   . LYS A 1 75  ? 11.252  -1.246  -8.101  1.00 70.37  ? 75  LYS A N   1 
ATOM   489 C CA  . LYS A 1 75  ? 11.936  -1.187  -9.392  1.00 71.99  ? 75  LYS A CA  1 
ATOM   490 C C   . LYS A 1 75  ? 12.876  0.013   -9.392  1.00 69.20  ? 75  LYS A C   1 
ATOM   491 O O   . LYS A 1 75  ? 14.073  -0.123  -9.662  1.00 66.17  ? 75  LYS A O   1 
ATOM   492 C CB  . LYS A 1 75  ? 10.937  -1.069  -10.552 1.00 76.71  ? 75  LYS A CB  1 
ATOM   493 C CG  . LYS A 1 75  ? 9.882   -2.170  -10.609 1.00 81.67  ? 75  LYS A CG  1 
ATOM   494 C CD  . LYS A 1 75  ? 9.263   -2.300  -12.000 1.00 86.19  ? 75  LYS A CD  1 
ATOM   495 C CE  . LYS A 1 75  ? 7.760   -2.535  -11.957 1.00 91.48  ? 75  LYS A CE  1 
ATOM   496 N NZ  . LYS A 1 75  ? 7.005   -1.309  -11.552 1.00 96.28  ? 75  LYS A NZ  1 
ATOM   497 N N   . THR A 1 76  ? 12.310  1.181   -9.085  1.00 65.71  ? 76  THR A N   1 
ATOM   498 C CA  . THR A 1 76  ? 13.040  2.454   -9.080  1.00 63.69  ? 76  THR A CA  1 
ATOM   499 C C   . THR A 1 76  ? 13.803  2.751   -7.772  1.00 59.15  ? 76  THR A C   1 
ATOM   500 O O   . THR A 1 76  ? 14.609  3.685   -7.722  1.00 52.16  ? 76  THR A O   1 
ATOM   501 C CB  . THR A 1 76  ? 12.084  3.626   -9.396  1.00 63.30  ? 76  THR A CB  1 
ATOM   502 O OG1 . THR A 1 76  ? 12.844  4.787   -9.742  1.00 70.77  ? 76  THR A OG1 1 
ATOM   503 C CG2 . THR A 1 76  ? 11.190  3.954   -8.217  1.00 63.79  ? 76  THR A CG2 1 
ATOM   504 N N   . MET A 1 77  ? 13.512  1.980   -6.725  1.00 58.86  ? 77  MET A N   1 
ATOM   505 C CA  . MET A 1 77  ? 14.189  2.063   -5.429  1.00 60.57  ? 77  MET A CA  1 
ATOM   506 C C   . MET A 1 77  ? 14.080  3.422   -4.735  1.00 61.56  ? 77  MET A C   1 
ATOM   507 O O   . MET A 1 77  ? 15.011  3.853   -4.052  1.00 63.43  ? 77  MET A O   1 
ATOM   508 C CB  . MET A 1 77  ? 15.658  1.619   -5.560  1.00 61.50  ? 77  MET A CB  1 
ATOM   509 C CG  . MET A 1 77  ? 15.808  0.137   -5.841  1.00 64.91  ? 77  MET A CG  1 
ATOM   510 S SD  . MET A 1 77  ? 15.437  -0.821  -4.360  1.00 69.76  ? 77  MET A SD  1 
ATOM   511 C CE  . MET A 1 77  ? 15.000  -2.416  -5.063  1.00 70.43  ? 77  MET A CE  1 
ATOM   512 N N   . ARG A 1 78  ? 12.941  4.095   -4.886  1.00 62.65  ? 78  ARG A N   1 
ATOM   513 C CA  . ARG A 1 78  ? 12.765  5.383   -4.216  1.00 65.49  ? 78  ARG A CA  1 
ATOM   514 C C   . ARG A 1 78  ? 11.317  5.686   -3.848  1.00 58.96  ? 78  ARG A C   1 
ATOM   515 O O   . ARG A 1 78  ? 10.398  5.002   -4.287  1.00 61.65  ? 78  ARG A O   1 
ATOM   516 C CB  . ARG A 1 78  ? 13.425  6.520   -5.012  1.00 71.78  ? 78  ARG A CB  1 
ATOM   517 C CG  . ARG A 1 78  ? 12.680  6.961   -6.245  1.00 80.05  ? 78  ARG A CG  1 
ATOM   518 C CD  . ARG A 1 78  ? 13.509  7.880   -7.130  1.00 89.33  ? 78  ARG A CD  1 
ATOM   519 N NE  . ARG A 1 78  ? 14.569  7.199   -7.879  1.00 96.76  ? 78  ARG A NE  1 
ATOM   520 C CZ  . ARG A 1 78  ? 15.124  7.655   -9.009  1.00 101.67 ? 78  ARG A CZ  1 
ATOM   521 N NH1 . ARG A 1 78  ? 14.742  8.813   -9.567  1.00 102.78 ? 78  ARG A NH1 1 
ATOM   522 N NH2 . ARG A 1 78  ? 16.079  6.940   -9.601  1.00 102.56 ? 78  ARG A NH2 1 
ATOM   523 N N   . VAL A 1 79  ? 11.157  6.702   -3.003  1.00 53.98  ? 79  VAL A N   1 
ATOM   524 C CA  . VAL A 1 79  ? 9.906   7.014   -2.336  1.00 52.43  ? 79  VAL A CA  1 
ATOM   525 C C   . VAL A 1 79  ? 9.188   8.127   -3.088  1.00 52.09  ? 79  VAL A C   1 
ATOM   526 O O   . VAL A 1 79  ? 9.811   9.103   -3.529  1.00 53.13  ? 79  VAL A O   1 
ATOM   527 C CB  . VAL A 1 79  ? 10.136  7.454   -0.860  1.00 53.36  ? 79  VAL A CB  1 
ATOM   528 C CG1 . VAL A 1 79  ? 8.816   7.645   -0.118  1.00 51.81  ? 79  VAL A CG1 1 
ATOM   529 C CG2 . VAL A 1 79  ? 10.990  6.430   -0.111  1.00 57.00  ? 79  VAL A CG2 1 
ATOM   530 N N   . ARG A 1 80  ? 7.876   7.963   -3.233  1.00 49.06  ? 80  ARG A N   1 
ATOM   531 C CA  . ARG A 1 80  ? 7.001   9.014   -3.724  1.00 47.67  ? 80  ARG A CA  1 
ATOM   532 C C   . ARG A 1 80  ? 5.827   9.173   -2.770  1.00 48.95  ? 80  ARG A C   1 
ATOM   533 O O   . ARG A 1 80  ? 5.587   8.322   -1.906  1.00 43.14  ? 80  ARG A O   1 
ATOM   534 C CB  . ARG A 1 80  ? 6.491   8.679   -5.125  1.00 48.37  ? 80  ARG A CB  1 
ATOM   535 C CG  . ARG A 1 80  ? 5.507   7.516   -5.181  1.00 48.49  ? 80  ARG A CG  1 
ATOM   536 C CD  . ARG A 1 80  ? 5.278   7.073   -6.605  1.00 49.40  ? 80  ARG A CD  1 
ATOM   537 N NE  . ARG A 1 80  ? 4.134   6.175   -6.703  1.00 46.87  ? 80  ARG A NE  1 
ATOM   538 C CZ  . ARG A 1 80  ? 4.156   4.869   -6.456  1.00 47.64  ? 80  ARG A CZ  1 
ATOM   539 N NH1 . ARG A 1 80  ? 5.276   4.259   -6.067  1.00 49.50  ? 80  ARG A NH1 1 
ATOM   540 N NH2 . ARG A 1 80  ? 3.032   4.164   -6.592  1.00 49.74  ? 80  ARG A NH2 1 
ATOM   541 N N   . GLU A 1 81  ? 5.096   10.266  -2.963  1.00 52.70  ? 81  GLU A N   1 
ATOM   542 C CA  . GLU A 1 81  ? 3.912   10.570  -2.192  1.00 57.12  ? 81  GLU A CA  1 
ATOM   543 C C   . GLU A 1 81  ? 2.728   10.355  -3.113  1.00 57.13  ? 81  GLU A C   1 
ATOM   544 O O   . GLU A 1 81  ? 2.581   11.059  -4.103  1.00 57.27  ? 81  GLU A O   1 
ATOM   545 C CB  . GLU A 1 81  ? 3.955   12.010  -1.676  1.00 63.30  ? 81  GLU A CB  1 
ATOM   546 C CG  . GLU A 1 81  ? 5.202   12.330  -0.850  1.00 70.94  ? 81  GLU A CG  1 
ATOM   547 C CD  . GLU A 1 81  ? 5.250   13.767  -0.352  1.00 77.19  ? 81  GLU A CD  1 
ATOM   548 O OE1 . GLU A 1 81  ? 4.168   14.345  -0.074  1.00 80.35  ? 81  GLU A OE1 1 
ATOM   549 O OE2 . GLU A 1 81  ? 6.375   14.314  -0.235  1.00 77.50  ? 81  GLU A OE2 1 
ATOM   550 N N   . VAL A 1 82  ? 1.911   9.356   -2.799  1.00 59.67  ? 82  VAL A N   1 
ATOM   551 C CA  . VAL A 1 82  ? 0.709   9.032   -3.567  1.00 56.00  ? 82  VAL A CA  1 
ATOM   552 C C   . VAL A 1 82  ? -0.498  9.554   -2.804  1.00 54.13  ? 82  VAL A C   1 
ATOM   553 O O   . VAL A 1 82  ? -0.635  9.273   -1.617  1.00 51.72  ? 82  VAL A O   1 
ATOM   554 C CB  . VAL A 1 82  ? 0.561   7.508   -3.728  1.00 57.30  ? 82  VAL A CB  1 
ATOM   555 C CG1 . VAL A 1 82  ? -0.664  7.164   -4.567  1.00 59.44  ? 82  VAL A CG1 1 
ATOM   556 C CG2 . VAL A 1 82  ? 1.825   6.909   -4.328  1.00 57.49  ? 82  VAL A CG2 1 
ATOM   557 N N   . GLU A 1 83  ? -1.362  10.314  -3.474  1.00 56.56  ? 83  GLU A N   1 
ATOM   558 C CA  . GLU A 1 83  ? -2.631  10.748  -2.880  1.00 58.31  ? 83  GLU A CA  1 
ATOM   559 C C   . GLU A 1 83  ? -3.722  9.729   -3.222  1.00 56.93  ? 83  GLU A C   1 
ATOM   560 O O   . GLU A 1 83  ? -3.949  9.431   -4.396  1.00 56.83  ? 83  GLU A O   1 
ATOM   561 C CB  . GLU A 1 83  ? -3.025  12.142  -3.367  1.00 59.12  ? 83  GLU A CB  1 
ATOM   562 C CG  . GLU A 1 83  ? -4.074  12.823  -2.499  1.00 61.14  ? 83  GLU A CG  1 
ATOM   563 C CD  . GLU A 1 83  ? -4.137  14.328  -2.728  1.00 62.66  ? 83  GLU A CD  1 
ATOM   564 O OE1 . GLU A 1 83  ? -4.602  14.737  -3.816  1.00 61.41  ? 83  GLU A OE1 1 
ATOM   565 O OE2 . GLU A 1 83  ? -3.734  15.093  -1.817  1.00 58.08  ? 83  GLU A OE2 1 
ATOM   566 N N   . VAL A 1 84  ? -4.366  9.190   -2.186  1.00 53.68  ? 84  VAL A N   1 
ATOM   567 C CA  . VAL A 1 84  ? -5.445  8.222   -2.336  1.00 54.16  ? 84  VAL A CA  1 
ATOM   568 C C   . VAL A 1 84  ? -6.723  8.739   -1.684  1.00 54.33  ? 84  VAL A C   1 
ATOM   569 O O   . VAL A 1 84  ? -6.674  9.496   -0.710  1.00 52.18  ? 84  VAL A O   1 
ATOM   570 C CB  . VAL A 1 84  ? -5.074  6.865   -1.705  1.00 55.76  ? 84  VAL A CB  1 
ATOM   571 C CG1 . VAL A 1 84  ? -6.082  5.793   -2.109  1.00 56.51  ? 84  VAL A CG1 1 
ATOM   572 C CG2 . VAL A 1 84  ? -3.667  6.459   -2.122  1.00 57.55  ? 84  VAL A CG2 1 
ATOM   573 N N   . VAL A 1 85  ? -7.866  8.331   -2.234  1.00 54.28  ? 85  VAL A N   1 
ATOM   574 C CA  . VAL A 1 85  ? -9.161  8.645   -1.646  1.00 52.06  ? 85  VAL A CA  1 
ATOM   575 C C   . VAL A 1 85  ? -9.850  7.348   -1.251  1.00 52.79  ? 85  VAL A C   1 
ATOM   576 O O   . VAL A 1 85  ? -10.517 6.732   -2.087  1.00 55.80  ? 85  VAL A O   1 
ATOM   577 C CB  . VAL A 1 85  ? -10.036 9.447   -2.618  1.00 51.62  ? 85  VAL A CB  1 
ATOM   578 C CG1 . VAL A 1 85  ? -11.349 9.834   -1.942  1.00 52.24  ? 85  VAL A CG1 1 
ATOM   579 C CG2 . VAL A 1 85  ? -9.275  10.678  -3.102  1.00 49.58  ? 85  VAL A CG2 1 
ATOM   580 N N   . PRO A 1 86  ? -9.689  6.914   0.022   1.00 55.90  ? 86  PRO A N   1 
ATOM   581 C CA  . PRO A 1 86  ? -10.419 5.713   0.449   1.00 55.28  ? 86  PRO A CA  1 
ATOM   582 C C   . PRO A 1 86  ? -11.933 5.920   0.383   1.00 58.78  ? 86  PRO A C   1 
ATOM   583 O O   . PRO A 1 86  ? -12.417 7.032   0.612   1.00 56.25  ? 86  PRO A O   1 
ATOM   584 C CB  . PRO A 1 86  ? -9.943  5.474   1.886   1.00 54.15  ? 86  PRO A CB  1 
ATOM   585 C CG  . PRO A 1 86  ? -9.252  6.703   2.309   1.00 55.10  ? 86  PRO A CG  1 
ATOM   586 C CD  . PRO A 1 86  ? -8.805  7.434   1.082   1.00 55.59  ? 86  PRO A CD  1 
ATOM   587 N N   . SER A 1 87  ? -12.672 4.866   0.049   1.00 61.89  ? 87  SER A N   1 
ATOM   588 C CA  . SER A 1 87  ? -14.050 5.037   -0.376  1.00 64.34  ? 87  SER A CA  1 
ATOM   589 C C   . SER A 1 87  ? -14.842 3.734   -0.389  1.00 70.65  ? 87  SER A C   1 
ATOM   590 O O   . SER A 1 87  ? -14.278 2.647   -0.518  1.00 70.93  ? 87  SER A O   1 
ATOM   591 C CB  . SER A 1 87  ? -14.056 5.673   -1.773  1.00 61.53  ? 87  SER A CB  1 
ATOM   592 O OG  . SER A 1 87  ? -15.359 5.842   -2.276  1.00 62.84  ? 87  SER A OG  1 
ATOM   593 N N   . ASN A 1 88  ? -16.158 3.877   -0.248  1.00 77.22  ? 88  ASN A N   1 
ATOM   594 C CA  . ASN A 1 88  ? -17.112 2.764   -0.315  1.00 82.39  ? 88  ASN A CA  1 
ATOM   595 C C   . ASN A 1 88  ? -17.684 2.601   -1.737  1.00 85.99  ? 88  ASN A C   1 
ATOM   596 O O   . ASN A 1 88  ? -17.951 1.479   -2.182  1.00 80.64  ? 88  ASN A O   1 
ATOM   597 C CB  . ASN A 1 88  ? -18.270 3.004   0.666   1.00 81.13  ? 88  ASN A CB  1 
ATOM   598 C CG  . ASN A 1 88  ? -17.793 3.400   2.052   1.00 83.48  ? 88  ASN A CG  1 
ATOM   599 O OD1 . ASN A 1 88  ? -17.299 2.567   2.808   1.00 87.17  ? 88  ASN A OD1 1 
ATOM   600 N ND2 . ASN A 1 88  ? -17.935 4.681   2.387   1.00 79.50  ? 88  ASN A ND2 1 
ATOM   601 N N   . MET A 1 89  ? -17.834 3.721   -2.446  1.00 88.81  ? 89  MET A N   1 
ATOM   602 C CA  . MET A 1 89  ? -18.677 3.789   -3.643  1.00 94.75  ? 89  MET A CA  1 
ATOM   603 C C   . MET A 1 89  ? -18.045 3.206   -4.910  1.00 91.12  ? 89  MET A C   1 
ATOM   604 O O   . MET A 1 89  ? -18.738 3.029   -5.910  1.00 92.15  ? 89  MET A O   1 
ATOM   605 C CB  . MET A 1 89  ? -19.098 5.245   -3.921  1.00 102.91 ? 89  MET A CB  1 
ATOM   606 C CG  . MET A 1 89  ? -19.625 6.035   -2.723  1.00 107.98 ? 89  MET A CG  1 
ATOM   607 S SD  . MET A 1 89  ? -20.812 5.167   -1.671  1.00 115.08 ? 89  MET A SD  1 
ATOM   608 C CE  . MET A 1 89  ? -21.094 6.420   -0.418  1.00 116.72 ? 89  MET A CE  1 
ATOM   609 N N   . TRP A 1 90  ? -16.744 2.923   -4.879  1.00 88.39  ? 90  TRP A N   1 
ATOM   610 C CA  . TRP A 1 90  ? -16.044 2.358   -6.043  1.00 86.90  ? 90  TRP A CA  1 
ATOM   611 C C   . TRP A 1 90  ? -16.548 0.963   -6.486  1.00 90.08  ? 90  TRP A C   1 
ATOM   612 O O   . TRP A 1 90  ? -16.458 0.628   -7.673  1.00 90.02  ? 90  TRP A O   1 
ATOM   613 C CB  . TRP A 1 90  ? -14.521 2.356   -5.820  1.00 81.89  ? 90  TRP A CB  1 
ATOM   614 C CG  . TRP A 1 90  ? -14.033 1.366   -4.819  1.00 77.00  ? 90  TRP A CG  1 
ATOM   615 C CD1 . TRP A 1 90  ? -14.004 1.511   -3.463  1.00 78.07  ? 90  TRP A CD1 1 
ATOM   616 C CD2 . TRP A 1 90  ? -13.473 0.088   -5.096  1.00 74.18  ? 90  TRP A CD2 1 
ATOM   617 N NE1 . TRP A 1 90  ? -13.476 0.390   -2.870  1.00 73.51  ? 90  TRP A NE1 1 
ATOM   618 C CE2 . TRP A 1 90  ? -13.140 -0.503  -3.853  1.00 73.21  ? 90  TRP A CE2 1 
ATOM   619 C CE3 . TRP A 1 90  ? -13.228 -0.630  -6.274  1.00 73.99  ? 90  TRP A CE3 1 
ATOM   620 C CZ2 . TRP A 1 90  ? -12.571 -1.771  -3.756  1.00 71.41  ? 90  TRP A CZ2 1 
ATOM   621 C CZ3 . TRP A 1 90  ? -12.658 -1.894  -6.173  1.00 74.59  ? 90  TRP A CZ3 1 
ATOM   622 C CH2 . TRP A 1 90  ? -12.341 -2.450  -4.923  1.00 72.49  ? 90  TRP A CH2 1 
ATOM   623 N N   . GLY A 1 91  ? -17.059 0.161   -5.544  1.00 90.12  ? 91  GLY A N   1 
ATOM   624 C CA  . GLY A 1 91  ? -17.816 -1.063  -5.875  1.00 86.89  ? 91  GLY A CA  1 
ATOM   625 C C   . GLY A 1 91  ? -17.400 -2.380  -5.235  1.00 86.98  ? 91  GLY A C   1 
ATOM   626 O O   . GLY A 1 91  ? -18.252 -3.219  -4.941  1.00 89.64  ? 91  GLY A O   1 
ATOM   627 N N   . GLY A 1 92  ? -16.097 -2.575  -5.044  1.00 83.29  ? 92  GLY A N   1 
ATOM   628 C CA  . GLY A 1 92  ? -15.546 -3.832  -4.528  1.00 81.26  ? 92  GLY A CA  1 
ATOM   629 C C   . GLY A 1 92  ? -15.363 -3.827  -3.023  1.00 79.90  ? 92  GLY A C   1 
ATOM   630 O O   . GLY A 1 92  ? -16.053 -3.095  -2.313  1.00 78.13  ? 92  GLY A O   1 
ATOM   631 N N   . GLN A 1 93  ? -14.412 -4.634  -2.554  1.00 79.83  ? 93  GLN A N   1 
ATOM   632 C CA  . GLN A 1 93  ? -14.176 -4.873  -1.122  1.00 83.28  ? 93  GLN A CA  1 
ATOM   633 C C   . GLN A 1 93  ? -13.055 -3.968  -0.582  1.00 80.83  ? 93  GLN A C   1 
ATOM   634 O O   . GLN A 1 93  ? -11.960 -3.918  -1.152  1.00 82.28  ? 93  GLN A O   1 
ATOM   635 C CB  . GLN A 1 93  ? -13.811 -6.354  -0.911  1.00 88.02  ? 93  GLN A CB  1 
ATOM   636 C CG  . GLN A 1 93  ? -13.493 -6.785  0.525   1.00 92.70  ? 93  GLN A CG  1 
ATOM   637 C CD  . GLN A 1 93  ? -12.733 -8.112  0.611   1.00 96.35  ? 93  GLN A CD  1 
ATOM   638 O OE1 . GLN A 1 93  ? -12.328 -8.695  -0.403  1.00 96.48  ? 93  GLN A OE1 1 
ATOM   639 N NE2 . GLN A 1 93  ? -12.528 -8.588  1.835   1.00 93.31  ? 93  GLN A NE2 1 
ATOM   640 N N   . GLY A 1 94  ? -13.335 -3.274  0.522   1.00 77.52  ? 94  GLY A N   1 
ATOM   641 C CA  . GLY A 1 94  ? -12.342 -2.452  1.222   1.00 74.58  ? 94  GLY A CA  1 
ATOM   642 C C   . GLY A 1 94  ? -12.337 -0.991  0.809   1.00 71.65  ? 94  GLY A C   1 
ATOM   643 O O   . GLY A 1 94  ? -12.823 -0.639  -0.273  1.00 71.21  ? 94  GLY A O   1 
ATOM   644 N N   . LEU A 1 95  ? -11.783 -0.145  1.680   1.00 66.90  ? 95  LEU A N   1 
ATOM   645 C CA  . LEU A 1 95  ? -11.709 1.299   1.436   1.00 65.05  ? 95  LEU A CA  1 
ATOM   646 C C   . LEU A 1 95  ? -10.609 1.667   0.452   1.00 62.85  ? 95  LEU A C   1 
ATOM   647 O O   . LEU A 1 95  ? -10.780 2.582   -0.343  1.00 62.60  ? 95  LEU A O   1 
ATOM   648 C CB  . LEU A 1 95  ? -11.524 2.074   2.747   1.00 66.46  ? 95  LEU A CB  1 
ATOM   649 C CG  . LEU A 1 95  ? -12.668 1.945   3.766   1.00 65.88  ? 95  LEU A CG  1 
ATOM   650 C CD1 . LEU A 1 95  ? -12.334 2.707   5.044   1.00 63.30  ? 95  LEU A CD1 1 
ATOM   651 C CD2 . LEU A 1 95  ? -13.998 2.411   3.174   1.00 64.74  ? 95  LEU A CD2 1 
ATOM   652 N N   . LEU A 1 96  ? -9.481  0.969   0.518   1.00 63.31  ? 96  LEU A N   1 
ATOM   653 C CA  . LEU A 1 96  ? -8.377  1.157   -0.439  1.00 63.60  ? 96  LEU A CA  1 
ATOM   654 C C   . LEU A 1 96  ? -8.532  0.293   -1.694  1.00 63.83  ? 96  LEU A C   1 
ATOM   655 O O   . LEU A 1 96  ? -8.173  0.726   -2.793  1.00 63.44  ? 96  LEU A O   1 
ATOM   656 C CB  . LEU A 1 96  ? -7.039  0.840   0.237   1.00 61.89  ? 96  LEU A CB  1 
ATOM   657 C CG  . LEU A 1 96  ? -5.760  1.185   -0.522  1.00 60.54  ? 96  LEU A CG  1 
ATOM   658 C CD1 . LEU A 1 96  ? -5.747  2.656   -0.885  1.00 60.91  ? 96  LEU A CD1 1 
ATOM   659 C CD2 . LEU A 1 96  ? -4.533  0.840   0.304   1.00 62.62  ? 96  LEU A CD2 1 
ATOM   660 N N   . GLY A 1 97  ? -9.049  -0.925  -1.516  1.00 60.60  ? 97  GLY A N   1 
ATOM   661 C CA  . GLY A 1 97  ? -9.278  -1.860  -2.616  1.00 61.16  ? 97  GLY A CA  1 
ATOM   662 C C   . GLY A 1 97  ? -8.047  -2.684  -2.948  1.00 61.45  ? 97  GLY A C   1 
ATOM   663 O O   . GLY A 1 97  ? -7.841  -3.059  -4.104  1.00 62.86  ? 97  GLY A O   1 
ATOM   664 N N   . ALA A 1 98  ? -7.250  -2.987  -1.924  1.00 58.39  ? 98  ALA A N   1 
ATOM   665 C CA  . ALA A 1 98  ? -5.969  -3.655  -2.096  1.00 54.80  ? 98  ALA A CA  1 
ATOM   666 C C   . ALA A 1 98  ? -5.695  -4.626  -0.961  1.00 56.12  ? 98  ALA A C   1 
ATOM   667 O O   . ALA A 1 98  ? -6.206  -4.454  0.152   1.00 54.68  ? 98  ALA A O   1 
ATOM   668 C CB  . ALA A 1 98  ? -4.855  -2.630  -2.166  1.00 55.77  ? 98  ALA A CB  1 
ATOM   669 N N   . SER A 1 99  ? -4.890  -5.650  -1.265  1.00 56.39  ? 99  SER A N   1 
ATOM   670 C CA  . SER A 1 99  ? -4.396  -6.601  -0.267  1.00 56.03  ? 99  SER A CA  1 
ATOM   671 C C   . SER A 1 99  ? -2.983  -6.212  0.151   1.00 50.37  ? 99  SER A C   1 
ATOM   672 O O   . SER A 1 99  ? -2.173  -5.810  -0.685  1.00 45.92  ? 99  SER A O   1 
ATOM   673 C CB  . SER A 1 99  ? -4.414  -8.022  -0.830  1.00 59.79  ? 99  SER A CB  1 
ATOM   674 O OG  . SER A 1 99  ? -5.723  -8.368  -1.265  1.00 64.67  ? 99  SER A OG  1 
ATOM   675 N N   . VAL A 1 100 ? -2.696  -6.301  1.448   1.00 49.68  ? 100 VAL A N   1 
ATOM   676 C CA  . VAL A 1 100 ? -1.374  -5.915  1.975   1.00 50.56  ? 100 VAL A CA  1 
ATOM   677 C C   . VAL A 1 100 ? -0.915  -6.853  3.074   1.00 51.74  ? 100 VAL A C   1 
ATOM   678 O O   . VAL A 1 100 ? -1.745  -7.467  3.759   1.00 52.83  ? 100 VAL A O   1 
ATOM   679 C CB  . VAL A 1 100 ? -1.330  -4.461  2.515   1.00 47.96  ? 100 VAL A CB  1 
ATOM   680 C CG1 . VAL A 1 100 ? -1.639  -3.466  1.408   1.00 47.18  ? 100 VAL A CG1 1 
ATOM   681 C CG2 . VAL A 1 100 ? -2.296  -4.264  3.682   1.00 48.70  ? 100 VAL A CG2 1 
ATOM   682 N N   . ARG A 1 101 ? 0.408   -6.926  3.235   1.00 51.59  ? 101 ARG A N   1 
ATOM   683 C CA  A ARG A 1 101 ? 1.037   -7.784  4.233   0.61 52.00  ? 101 ARG A CA  1 
ATOM   684 C CA  B ARG A 1 101 ? 1.050   -7.792  4.220   0.39 52.80  ? 101 ARG A CA  1 
ATOM   685 C C   . ARG A 1 101 ? 2.111   -6.990  4.972   1.00 54.15  ? 101 ARG A C   1 
ATOM   686 O O   . ARG A 1 101 ? 2.993   -6.388  4.351   1.00 54.28  ? 101 ARG A O   1 
ATOM   687 C CB  A ARG A 1 101 ? 1.650   -9.014  3.559   0.61 51.11  ? 101 ARG A CB  1 
ATOM   688 C CB  B ARG A 1 101 ? 1.682   -8.995  3.510   0.39 52.63  ? 101 ARG A CB  1 
ATOM   689 C CG  A ARG A 1 101 ? 2.322   -10.016 4.507   0.61 49.65  ? 101 ARG A CG  1 
ATOM   690 C CG  B ARG A 1 101 ? 2.438   -9.978  4.400   0.39 52.17  ? 101 ARG A CG  1 
ATOM   691 C CD  A ARG A 1 101 ? 3.532   -10.675 3.856   0.61 48.64  ? 101 ARG A CD  1 
ATOM   692 C CD  B ARG A 1 101 ? 1.546   -10.649 5.430   0.39 51.60  ? 101 ARG A CD  1 
ATOM   693 N NE  A ARG A 1 101 ? 4.550   -11.079 4.830   0.61 47.87  ? 101 ARG A NE  1 
ATOM   694 N NE  B ARG A 1 101 ? 2.275   -11.702 6.132   0.39 52.25  ? 101 ARG A NE  1 
ATOM   695 C CZ  A ARG A 1 101 ? 5.823   -11.371 4.536   0.61 48.43  ? 101 ARG A CZ  1 
ATOM   696 C CZ  B ARG A 1 101 ? 2.840   -11.558 7.327   0.39 51.54  ? 101 ARG A CZ  1 
ATOM   697 N NH1 A ARG A 1 101 ? 6.281   -11.311 3.279   0.61 47.48  ? 101 ARG A NH1 1 
ATOM   698 N NH1 B ARG A 1 101 ? 2.737   -10.412 7.979   0.39 51.27  ? 101 ARG A NH1 1 
ATOM   699 N NH2 A ARG A 1 101 ? 6.657   -11.723 5.513   0.61 48.35  ? 101 ARG A NH2 1 
ATOM   700 N NH2 B ARG A 1 101 ? 3.493   -12.571 7.877   0.39 52.21  ? 101 ARG A NH2 1 
ATOM   701 N N   . PHE A 1 102 ? 2.025   -6.989  6.302   1.00 57.17  ? 102 PHE A N   1 
ATOM   702 C CA  . PHE A 1 102 ? 2.998   -6.308  7.128   1.00 58.78  ? 102 PHE A CA  1 
ATOM   703 C C   . PHE A 1 102 ? 4.266   -7.142  7.175   1.00 62.25  ? 102 PHE A C   1 
ATOM   704 O O   . PHE A 1 102 ? 4.214   -8.312  7.546   1.00 67.26  ? 102 PHE A O   1 
ATOM   705 C CB  . PHE A 1 102 ? 2.473   -6.090  8.550   1.00 58.86  ? 102 PHE A CB  1 
ATOM   706 C CG  . PHE A 1 102 ? 3.404   -5.280  9.409   1.00 59.54  ? 102 PHE A CG  1 
ATOM   707 C CD1 . PHE A 1 102 ? 4.390   -5.899  10.169  1.00 59.29  ? 102 PHE A CD1 1 
ATOM   708 C CD2 . PHE A 1 102 ? 3.323   -3.894  9.423   1.00 59.00  ? 102 PHE A CD2 1 
ATOM   709 C CE1 . PHE A 1 102 ? 5.258   -5.150  10.944  1.00 57.67  ? 102 PHE A CE1 1 
ATOM   710 C CE2 . PHE A 1 102 ? 4.192   -3.142  10.193  1.00 59.04  ? 102 PHE A CE2 1 
ATOM   711 C CZ  . PHE A 1 102 ? 5.160   -3.772  10.953  1.00 59.04  ? 102 PHE A CZ  1 
ATOM   712 N N   . CYS A 1 103 ? 5.396   -6.539  6.809   1.00 64.55  ? 103 CYS A N   1 
ATOM   713 C CA  . CYS A 1 103 ? 6.698   -7.214  6.880   1.00 64.16  ? 103 CYS A CA  1 
ATOM   714 C C   . CYS A 1 103 ? 7.868   -6.234  6.806   1.00 62.76  ? 103 CYS A C   1 
ATOM   715 O O   . CYS A 1 103 ? 7.701   -5.075  6.422   1.00 56.38  ? 103 CYS A O   1 
ATOM   716 C CB  . CYS A 1 103 ? 6.825   -8.233  5.741   1.00 63.40  ? 103 CYS A CB  1 
ATOM   717 S SG  . CYS A 1 103 ? 6.591   -7.525  4.088   1.00 64.33  ? 103 CYS A SG  1 
ATOM   718 N N   . SER A 1 104 ? 9.051   -6.725  7.175   1.00 64.87  ? 104 SER A N   1 
ATOM   719 C CA  . SER A 1 104 ? 10.319  -6.052  6.886   1.00 68.39  ? 104 SER A CA  1 
ATOM   720 C C   . SER A 1 104 ? 10.465  -5.828  5.381   1.00 70.03  ? 104 SER A C   1 
ATOM   721 O O   . SER A 1 104 ? 9.912   -6.587  4.575   1.00 73.31  ? 104 SER A O   1 
ATOM   722 C CB  . SER A 1 104 ? 11.491  -6.901  7.383   1.00 71.96  ? 104 SER A CB  1 
ATOM   723 O OG  . SER A 1 104 ? 12.736  -6.277  7.105   1.00 78.76  ? 104 SER A OG  1 
ATOM   724 N N   . PHE A 1 105 ? 11.203  -4.790  4.998   1.00 69.97  ? 105 PHE A N   1 
ATOM   725 C CA  . PHE A 1 105 ? 11.446  -4.524  3.579   1.00 72.22  ? 105 PHE A CA  1 
ATOM   726 C C   . PHE A 1 105 ? 12.270  -5.647  2.953   1.00 76.30  ? 105 PHE A C   1 
ATOM   727 O O   . PHE A 1 105 ? 11.992  -6.082  1.831   1.00 81.85  ? 105 PHE A O   1 
ATOM   728 C CB  . PHE A 1 105 ? 12.141  -3.181  3.359   1.00 71.78  ? 105 PHE A CB  1 
ATOM   729 C CG  . PHE A 1 105 ? 12.637  -2.996  1.960   1.00 70.97  ? 105 PHE A CG  1 
ATOM   730 C CD1 . PHE A 1 105 ? 11.755  -2.670  0.942   1.00 74.77  ? 105 PHE A CD1 1 
ATOM   731 C CD2 . PHE A 1 105 ? 13.976  -3.200  1.647   1.00 71.96  ? 105 PHE A CD2 1 
ATOM   732 C CE1 . PHE A 1 105 ? 12.204  -2.524  -0.363  1.00 75.92  ? 105 PHE A CE1 1 
ATOM   733 C CE2 . PHE A 1 105 ? 14.431  -3.060  0.347   1.00 71.68  ? 105 PHE A CE2 1 
ATOM   734 C CZ  . PHE A 1 105 ? 13.545  -2.718  -0.661  1.00 73.30  ? 105 PHE A CZ  1 
ATOM   735 N N   . ARG A 1 106 ? 13.286  -6.097  3.682   1.00 79.57  ? 106 ARG A N   1 
ATOM   736 C CA  . ARG A 1 106 ? 14.113  -7.231  3.273   1.00 82.54  ? 106 ARG A CA  1 
ATOM   737 C C   . ARG A 1 106 ? 13.298  -8.400  2.699   1.00 83.13  ? 106 ARG A C   1 
ATOM   738 O O   . ARG A 1 106 ? 13.613  -8.904  1.621   1.00 86.85  ? 106 ARG A O   1 
ATOM   739 C CB  . ARG A 1 106 ? 14.953  -7.700  4.465   1.00 87.92  ? 106 ARG A CB  1 
ATOM   740 C CG  . ARG A 1 106 ? 15.725  -8.985  4.227   1.00 92.92  ? 106 ARG A CG  1 
ATOM   741 C CD  . ARG A 1 106 ? 16.991  -9.037  5.060   1.00 97.79  ? 106 ARG A CD  1 
ATOM   742 N NE  . ARG A 1 106 ? 17.645  -10.340 4.943   1.00 100.18 ? 106 ARG A NE  1 
ATOM   743 C CZ  . ARG A 1 106 ? 18.941  -10.583 5.155   1.00 102.65 ? 106 ARG A CZ  1 
ATOM   744 N NH1 . ARG A 1 106 ? 19.789  -9.609  5.499   1.00 105.99 ? 106 ARG A NH1 1 
ATOM   745 N NH2 . ARG A 1 106 ? 19.400  -11.825 5.013   1.00 101.63 ? 106 ARG A NH2 1 
ATOM   746 N N   . ARG A 1 107 ? 12.240  -8.796  3.405   1.00 79.46  ? 107 ARG A N   1 
ATOM   747 C CA  . ARG A 1 107 ? 11.431  -9.957  3.018   1.00 78.69  ? 107 ARG A CA  1 
ATOM   748 C C   . ARG A 1 107 ? 10.593  -9.707  1.765   1.00 78.24  ? 107 ARG A C   1 
ATOM   749 O O   . ARG A 1 107 ? 10.511  -10.565 0.883   1.00 71.65  ? 107 ARG A O   1 
ATOM   750 C CB  . ARG A 1 107 ? 10.521  -10.390 4.175   1.00 82.27  ? 107 ARG A CB  1 
ATOM   751 C CG  . ARG A 1 107 ? 11.256  -10.816 5.444   1.00 86.20  ? 107 ARG A CG  1 
ATOM   752 C CD  . ARG A 1 107 ? 11.993  -12.143 5.281   1.00 87.75  ? 107 ARG A CD  1 
ATOM   753 N NE  . ARG A 1 107 ? 12.840  -12.451 6.437   1.00 91.65  ? 107 ARG A NE  1 
ATOM   754 C CZ  . ARG A 1 107 ? 12.405  -12.884 7.627   1.00 95.58  ? 107 ARG A CZ  1 
ATOM   755 N NH1 . ARG A 1 107 ? 11.105  -13.078 7.878   1.00 91.18  ? 107 ARG A NH1 1 
ATOM   756 N NH2 . ARG A 1 107 ? 13.290  -13.129 8.592   1.00 97.26  ? 107 ARG A NH2 1 
ATOM   757 N N   . ALA A 1 108 ? 9.972   -8.532  1.693   1.00 80.25  ? 108 ALA A N   1 
ATOM   758 C CA  . ALA A 1 108 ? 9.176   -8.142  0.528   1.00 76.43  ? 108 ALA A CA  1 
ATOM   759 C C   . ALA A 1 108 ? 10.033  -8.011  -0.725  1.00 73.44  ? 108 ALA A C   1 
ATOM   760 O O   . ALA A 1 108 ? 9.577   -8.327  -1.820  1.00 70.69  ? 108 ALA A O   1 
ATOM   761 C CB  . ALA A 1 108 ? 8.444   -6.837  0.798   1.00 79.34  ? 108 ALA A CB  1 
ATOM   762 N N   . SER A 1 109 ? 11.270  -7.543  -0.560  1.00 76.90  ? 109 SER A N   1 
ATOM   763 C CA  . SER A 1 109 ? 12.202  -7.391  -1.687  1.00 78.86  ? 109 SER A CA  1 
ATOM   764 C C   . SER A 1 109 ? 12.635  -8.744  -2.258  1.00 78.76  ? 109 SER A C   1 
ATOM   765 O O   . SER A 1 109 ? 12.525  -8.968  -3.463  1.00 76.01  ? 109 SER A O   1 
ATOM   766 C CB  . SER A 1 109 ? 13.418  -6.541  -1.285  1.00 78.27  ? 109 SER A CB  1 
ATOM   767 O OG  . SER A 1 109 ? 13.944  -6.941  -0.029  1.00 75.17  ? 109 SER A OG  1 
ATOM   768 N N   . GLU A 1 110 ? 13.094  -9.651  -1.398  1.00 79.79  ? 110 GLU A N   1 
ATOM   769 C CA  . GLU A 1 110 ? 13.535  -10.973 -1.862  1.00 78.45  ? 110 GLU A CA  1 
ATOM   770 C C   . GLU A 1 110 ? 12.399  -11.789 -2.498  1.00 76.70  ? 110 GLU A C   1 
ATOM   771 O O   . GLU A 1 110 ? 12.653  -12.543 -3.440  1.00 79.47  ? 110 GLU A O   1 
ATOM   772 C CB  . GLU A 1 110 ? 14.280  -11.752 -0.757  1.00 76.21  ? 110 GLU A CB  1 
ATOM   773 C CG  . GLU A 1 110 ? 13.414  -12.288 0.374   1.00 78.13  ? 110 GLU A CG  1 
ATOM   774 C CD  . GLU A 1 110 ? 14.190  -12.635 1.642   1.00 81.36  ? 110 GLU A CD  1 
ATOM   775 O OE1 . GLU A 1 110 ? 13.658  -13.425 2.457   1.00 82.52  ? 110 GLU A OE1 1 
ATOM   776 O OE2 . GLU A 1 110 ? 15.318  -12.117 1.846   1.00 79.20  ? 110 GLU A OE2 1 
ATOM   777 N N   . GLN A 1 111 ? 11.157  -11.606 -2.035  1.00 75.18  ? 111 GLN A N   1 
ATOM   778 C CA  . GLN A 1 111 ? 10.012  -12.303 -2.644  1.00 76.11  ? 111 GLN A CA  1 
ATOM   779 C C   . GLN A 1 111 ? 9.607   -11.759 -4.028  1.00 76.24  ? 111 GLN A C   1 
ATOM   780 O O   . GLN A 1 111 ? 8.841   -12.410 -4.729  1.00 80.78  ? 111 GLN A O   1 
ATOM   781 C CB  . GLN A 1 111 ? 8.805   -12.396 -1.680  1.00 78.76  ? 111 GLN A CB  1 
ATOM   782 C CG  . GLN A 1 111 ? 7.750   -11.292 -1.755  1.00 83.07  ? 111 GLN A CG  1 
ATOM   783 C CD  . GLN A 1 111 ? 6.544   -11.576 -0.867  1.00 85.01  ? 111 GLN A CD  1 
ATOM   784 O OE1 . GLN A 1 111 ? 6.692   -11.907 0.312   1.00 93.84  ? 111 GLN A OE1 1 
ATOM   785 N NE2 . GLN A 1 111 ? 5.340   -11.443 -1.430  1.00 84.40  ? 111 GLN A NE2 1 
ATOM   786 N N   . VAL A 1 112 ? 10.097  -10.580 -4.416  1.00 76.97  ? 112 VAL A N   1 
ATOM   787 C CA  . VAL A 1 112 ? 9.916   -10.075 -5.789  1.00 80.24  ? 112 VAL A CA  1 
ATOM   788 C C   . VAL A 1 112 ? 11.175  -10.132 -6.671  1.00 84.47  ? 112 VAL A C   1 
ATOM   789 O O   . VAL A 1 112 ? 11.051  -10.044 -7.893  1.00 80.86  ? 112 VAL A O   1 
ATOM   790 C CB  . VAL A 1 112 ? 9.315   -8.639  -5.824  1.00 82.60  ? 112 VAL A CB  1 
ATOM   791 C CG1 . VAL A 1 112 ? 7.983   -8.608  -5.090  1.00 84.94  ? 112 VAL A CG1 1 
ATOM   792 C CG2 . VAL A 1 112 ? 10.257  -7.584  -5.250  1.00 82.55  ? 112 VAL A CG2 1 
ATOM   793 N N   . TRP A 1 113 ? 12.364  -10.282 -6.076  1.00 93.25  ? 113 TRP A N   1 
ATOM   794 C CA  . TRP A 1 113 ? 13.622  -10.225 -6.842  1.00 101.11 ? 113 TRP A CA  1 
ATOM   795 C C   . TRP A 1 113 ? 13.726  -11.322 -7.900  1.00 99.49  ? 113 TRP A C   1 
ATOM   796 O O   . TRP A 1 113 ? 13.697  -11.030 -9.098  1.00 96.32  ? 113 TRP A O   1 
ATOM   797 C CB  . TRP A 1 113 ? 14.867  -10.295 -5.928  1.00 109.77 ? 113 TRP A CB  1 
ATOM   798 C CG  . TRP A 1 113 ? 15.236  -9.013  -5.195  1.00 119.77 ? 113 TRP A CG  1 
ATOM   799 C CD1 . TRP A 1 113 ? 14.935  -7.725  -5.557  1.00 121.20 ? 113 TRP A CD1 1 
ATOM   800 C CD2 . TRP A 1 113 ? 16.018  -8.915  -3.996  1.00 125.26 ? 113 TRP A CD2 1 
ATOM   801 N NE1 . TRP A 1 113 ? 15.458  -6.836  -4.642  1.00 121.79 ? 113 TRP A NE1 1 
ATOM   802 C CE2 . TRP A 1 113 ? 16.132  -7.539  -3.677  1.00 124.41 ? 113 TRP A CE2 1 
ATOM   803 C CE3 . TRP A 1 113 ? 16.628  -9.859  -3.157  1.00 126.12 ? 113 TRP A CE3 1 
ATOM   804 C CZ2 . TRP A 1 113 ? 16.830  -7.087  -2.546  1.00 122.52 ? 113 TRP A CZ2 1 
ATOM   805 C CZ3 . TRP A 1 113 ? 17.314  -9.413  -2.038  1.00 126.09 ? 113 TRP A CZ3 1 
ATOM   806 C CH2 . TRP A 1 113 ? 17.413  -8.036  -1.741  1.00 124.75 ? 113 TRP A CH2 1 
ATOM   807 N N   . HIS A 1 114 ? 13.818  -12.573 -7.450  1.00 98.83  ? 114 HIS A N   1 
ATOM   808 C CA  . HIS A 1 114 ? 14.239  -13.684 -8.312  1.00 97.57  ? 114 HIS A CA  1 
ATOM   809 C C   . HIS A 1 114 ? 13.083  -14.592 -8.771  1.00 93.00  ? 114 HIS A C   1 
ATOM   810 O O   . HIS A 1 114 ? 13.234  -15.820 -8.826  1.00 86.13  ? 114 HIS A O   1 
ATOM   811 C CB  . HIS A 1 114 ? 15.340  -14.498 -7.605  1.00 100.77 ? 114 HIS A CB  1 
ATOM   812 C CG  . HIS A 1 114 ? 16.518  -13.675 -7.174  1.00 103.55 ? 114 HIS A CG  1 
ATOM   813 N ND1 . HIS A 1 114 ? 16.638  -13.156 -5.901  1.00 104.35 ? 114 HIS A ND1 1 
ATOM   814 C CD2 . HIS A 1 114 ? 17.623  -13.277 -7.849  1.00 101.80 ? 114 HIS A CD2 1 
ATOM   815 C CE1 . HIS A 1 114 ? 17.768  -12.475 -5.811  1.00 104.34 ? 114 HIS A CE1 1 
ATOM   816 N NE2 . HIS A 1 114 ? 18.384  -12.532 -6.979  1.00 102.45 ? 114 HIS A NE2 1 
ATOM   817 N N   . VAL A 1 115 ? 11.942  -13.993 -9.123  1.00 87.22  ? 115 VAL A N   1 
ATOM   818 C CA  . VAL A 1 115 ? 10.834  -14.750 -9.721  1.00 85.65  ? 115 VAL A CA  1 
ATOM   819 C C   . VAL A 1 115 ? 11.248  -15.234 -11.120 1.00 81.69  ? 115 VAL A C   1 
ATOM   820 O O   . VAL A 1 115 ? 12.011  -14.555 -11.808 1.00 76.55  ? 115 VAL A O   1 
ATOM   821 C CB  . VAL A 1 115 ? 9.515   -13.929 -9.770  1.00 86.31  ? 115 VAL A CB  1 
ATOM   822 C CG1 . VAL A 1 115 ? 9.547   -12.866 -10.864 1.00 90.57  ? 115 VAL A CG1 1 
ATOM   823 C CG2 . VAL A 1 115 ? 8.309   -14.842 -9.958  1.00 85.37  ? 115 VAL A CG2 1 
ATOM   824 N N   . LEU A 1 116 ? 10.754  -16.409 -11.508 1.00 78.06  ? 116 LEU A N   1 
ATOM   825 C CA  . LEU A 1 116 ? 11.081  -17.056 -12.782 1.00 75.34  ? 116 LEU A CA  1 
ATOM   826 C C   . LEU A 1 116 ? 9.806   -17.347 -13.542 1.00 73.63  ? 116 LEU A C   1 
ATOM   827 O O   . LEU A 1 116 ? 8.856   -17.863 -12.961 1.00 74.58  ? 116 LEU A O   1 
ATOM   828 C CB  . LEU A 1 116 ? 11.802  -18.386 -12.534 1.00 75.42  ? 116 LEU A CB  1 
ATOM   829 C CG  . LEU A 1 116 ? 13.325  -18.413 -12.658 1.00 80.82  ? 116 LEU A CG  1 
ATOM   830 C CD1 . LEU A 1 116 ? 13.997  -17.280 -11.887 1.00 79.11  ? 116 LEU A CD1 1 
ATOM   831 C CD2 . LEU A 1 116 ? 13.832  -19.774 -12.196 1.00 80.63  ? 116 LEU A CD2 1 
ATOM   832 N N   . ASP A 1 117 ? 9.792   -17.034 -14.834 1.00 71.25  ? 117 ASP A N   1 
ATOM   833 C CA  . ASP A 1 117 ? 8.704   -17.461 -15.712 1.00 75.70  ? 117 ASP A CA  1 
ATOM   834 C C   . ASP A 1 117 ? 9.091   -18.775 -16.345 1.00 74.81  ? 117 ASP A C   1 
ATOM   835 O O   . ASP A 1 117 ? 10.225  -18.924 -16.814 1.00 77.34  ? 117 ASP A O   1 
ATOM   836 C CB  . ASP A 1 117 ? 8.425   -16.420 -16.792 1.00 79.62  ? 117 ASP A CB  1 
ATOM   837 C CG  . ASP A 1 117 ? 7.848   -15.150 -16.223 1.00 79.76  ? 117 ASP A CG  1 
ATOM   838 O OD1 . ASP A 1 117 ? 8.640   -14.317 -15.739 1.00 84.89  ? 117 ASP A OD1 1 
ATOM   839 O OD2 . ASP A 1 117 ? 6.604   -14.996 -16.246 1.00 78.16  ? 117 ASP A OD2 1 
ATOM   840 N N   . VAL A 1 118 ? 8.160   -19.728 -16.348 1.00 73.76  ? 118 VAL A N   1 
ATOM   841 C CA  . VAL A 1 118 ? 8.437   -21.085 -16.833 1.00 70.55  ? 118 VAL A CA  1 
ATOM   842 C C   . VAL A 1 118 ? 7.279   -21.656 -17.637 1.00 71.15  ? 118 VAL A C   1 
ATOM   843 O O   . VAL A 1 118 ? 6.170   -21.109 -17.671 1.00 71.06  ? 118 VAL A O   1 
ATOM   844 C CB  . VAL A 1 118 ? 8.785   -22.048 -15.675 1.00 69.40  ? 118 VAL A CB  1 
ATOM   845 C CG1 . VAL A 1 118 ? 10.081  -21.626 -15.002 1.00 67.00  ? 118 VAL A CG1 1 
ATOM   846 C CG2 . VAL A 1 118 ? 7.659   -22.127 -14.647 1.00 70.73  ? 118 VAL A CG2 1 
ATOM   847 O OXT . VAL A 1 118 ? 7.443   -22.701 -18.271 1.00 75.06  ? 118 VAL A OXT 1 
HETATM 848 C C1  . GOL B 2 .   ? 11.490  9.823   3.247   1.00 63.19  ? 201 GOL A C1  1 
HETATM 849 O O1  . GOL B 2 .   ? 10.772  8.579   3.294   1.00 60.17  ? 201 GOL A O1  1 
HETATM 850 C C2  . GOL B 2 .   ? 12.748  9.724   2.375   1.00 63.96  ? 201 GOL A C2  1 
HETATM 851 O O2  . GOL B 2 .   ? 13.622  8.680   2.835   1.00 63.73  ? 201 GOL A O2  1 
HETATM 852 C C3  . GOL B 2 .   ? 13.508  11.051  2.379   1.00 60.64  ? 201 GOL A C3  1 
HETATM 853 O O3  . GOL B 2 .   ? 14.296  11.155  1.181   1.00 62.35  ? 201 GOL A O3  1 
HETATM 854 O O   . HOH C 3 .   ? -7.835  -6.643  -2.220  1.00 44.45  ? 301 HOH A O   1 
HETATM 855 O O   . HOH C 3 .   ? 10.528  6.777   5.117   0.50 44.06  ? 302 HOH A O   1 
HETATM 856 O O   . HOH C 3 .   ? 13.790  -5.031  -6.594  1.00 72.76  ? 303 HOH A O   1 
HETATM 857 O O   . HOH C 3 .   ? -6.334  10.283  -5.667  1.00 52.30  ? 304 HOH A O   1 
HETATM 858 O O   . HOH C 3 .   ? -7.353  7.201   -5.121  1.00 49.88  ? 305 HOH A O   1 
HETATM 859 O O   . HOH C 3 .   ? -7.136  11.911  10.117  1.00 50.36  ? 306 HOH A O   1 
HETATM 860 O O   . HOH C 3 .   ? -2.488  6.296   -11.684 1.00 60.28  ? 307 HOH A O   1 
HETATM 861 O O   . HOH C 3 .   ? 13.470  -6.030  -9.953  1.00 57.30  ? 308 HOH A O   1 
HETATM 862 O O   . HOH C 3 .   ? -1.989  16.359  13.117  1.00 53.80  ? 309 HOH A O   1 
HETATM 863 O O   . HOH C 3 .   ? -4.197  14.744  6.905   1.00 48.35  ? 310 HOH A O   1 
HETATM 864 O O   . HOH C 3 .   ? -7.028  10.037  13.197  1.00 52.38  ? 311 HOH A O   1 
# 
